data_5C51
#
_entry.id   5C51
#
_cell.length_a   215.049
_cell.length_b   215.049
_cell.length_c   161.692
_cell.angle_alpha   90.00
_cell.angle_beta   90.00
_cell.angle_gamma   90.00
#
_symmetry.space_group_name_H-M   'P 41 21 2'
#
loop_
_entity.id
_entity.type
_entity.pdbx_description
1 polymer 'DNA polymerase subunit gamma-1'
2 polymer 'DNA polymerase subunit gamma-2, mitochondrial'
3 polymer "DNA (5'-D(*(AD)P*AP*AP*AP*CP*GP*AP*GP*GP*GP*CP*CP*AP*GP*TP*GP*CP*CP*GP*TP*AP*C)-3')"
4 polymer DNA
5 non-polymer 'MAGNESIUM ION'
6 non-polymer '[[(2R,5S)-5-(4-azanyl-5-fluoranyl-2-oxidanylidene-pyrimidin-1-yl)-1,3-oxathiolan-2-yl]methoxy-oxidanyl-phosphoryl] phosphono hydrogen phosphate'
#
loop_
_entity_poly.entity_id
_entity_poly.type
_entity_poly.pdbx_seq_one_letter_code
_entity_poly.pdbx_strand_id
1 'polypeptide(L)'
;WVSSSVPASDPSDGQRRRQQQPQQPQVLSSEGGQLRHNPLDIQMLSRGLHEQIFGQGGEMPGEAAVRRSVEHLQKHGLWG
QPAVPLPDVELRLPPLYGDNLDQHFRLLAQKQSLPYLEAANLLLQAQLPPKPPAWAWAEGWTRYGPEGEAVPVAIPEERA
LVFDVEVCLAEGTCPTLAVAISPSAWYSWCSQRLVEERYSWTSQLSPADLIPLEVPTGASSPTQRDWQEQLVVGHNVSFD
RAHIREQYLIQGSRMRFLDTMSMHMAISGLSSFQRSLWIAAKQGKHKVQPPTKQGQKSQRKARRGPAISSWDWLDISSVN
SLAEVHRLYVGGPPLEKEPRELFVKGTMKDIRENFQDLMQYCAQDVWATHEVFQQQLPLFLERCPHPVTLAGMLEMGVSY
LPVNQNWERYLAEAQGTYEELQREMKKSLMDLANDACQLLSGERYKEDPWLWDLEWDLQEFKQKKAKKVKKEPATASKLP
IEGAGAPGDPMDQEDLGPCSEEEEFQQDVMARACLQKLKGTTELLPKRPQHLPGHPGWYRKLCPRLDDPAWTPGPSLLSL
QMRVTPKLMALTWDGFPLHYSERHGWGYLVPGRRDNLAKLPTGTTLESAGVVCPYRAIESLYRKHCLEQGKQQLMPQEAG
LAEEFLLTDNSAIWQTVEELDYLEVEAEAKMENLRAAVPGQPLALTARGGPKDTQPSYHHGNGPYNDVDIPGCWFFKLPH
KDGNSCNVGSPFAKDFLPKMEDGTLQAGPGGASGPRALEINKMISFWRNAHKRISSQMVVWLPRSALPRAVIRHPDYDEE
GLYGAILPQVVTAGTITRRAVEPTWLTASNARPDRVGSELKAMVQAPPGYTLVGADVDSQELWIAAVLGDAHFAGMHGCT
AFGWMTLQGRKSRGTDLHSKTATTVGISREHAKRFNYGRIYGAGQPFAERLLMQFNHRLTQQEAAEKAQQMYAATKGLRW
YRLSDEGEWLVRELNLPVDRTEGGWISLQDLRKVQRETARKSQWKKWEVVAERAWKGGTESEMFNKLESIATSDIPRTPV
LGCCISRALEPSAVQEEFMTSRVNWVVQSSAVDYLHLMLVAMKWLFEEFAIDGRFCISIHDEVRYLVREEDRYRAALALQ
ITNLLTRCMFAYKLGLNDLPQSVAFFSAVDIDRCLRKEVTMDCKTPSNPTGMERRYGIPQGEALDIYQIIELTKGSLEKR
SQPGP
;
A
2 'polypeptide(L)'
;MRSRVAVRACHKVCRCLLSGFGGRVDAGQPELLTERSSPKGGHVKSHAELEGNGEHPEAPGSGEGSEALLEICQRRHFLS
GSKQQLSRDSLLSGCHPGFGPLGVELRKNLAAEWWTSVVVFREQVFPVDALHHKPGPLLPGDSAFRLVSAETLREILQDK
ELSKEQLVAFLENVLKTSGKLRENLLHGALEHYVNCLDLVNKRLPYGLAQIGVCFHPVFDTKQIRNGVKSIGEKTEASLV
WFTPPRTSNQWLDFWLRHRLQWWRKFAMSPSNFSSSDCQDEEGRKGNKLYYNFPWGKELIETLWNLGDHELLHMYPGNVS
KLHGRDGRKNVVPCVLSVNGDLDRGMLAYLYDSFQLTENSFTRKKNLHRKVLKLHPCLAPIKVALDVGRGPTLELRQVCQ
GLFNELLENGISVWPGYLETMQSSLEQLYSKYDEMSILFTVLVTETTLENGLIHLRSRDTTMKEMMHISKLKDFLIKYIS
SAKNV
;
B,C
3 'polydeoxyribonucleotide'
;(DA)(DA)(DA)(DA)(DC)(DG)(DA)(DG)(DG)(DG)(DC)(DC)(DA)(DG)(DT)(DG)(DC)(DC)(DG)(DT)
(DA)(DOC)
;
P
4 'polydeoxyribonucleotide'
;(DG)(DC)(DG)(DG)(DT)(DA)(DT)(DG)(DG)(DC)(DA)(DC)(DT)(DG)(DG)(DC)(DC)(DC)(DT)(DC)
(DG)(DT)(DT)(DT)(DT)
;
T
#
# COMPACT_ATOMS: atom_id res chain seq x y z
N MET A 44 -19.80 -32.95 -44.41
CA MET A 44 -20.71 -32.37 -45.39
C MET A 44 -20.48 -30.86 -45.52
N LEU A 45 -19.65 -30.46 -46.47
CA LEU A 45 -18.95 -31.38 -47.36
C LEU A 45 -17.49 -30.95 -47.49
N SER A 46 -16.73 -31.65 -48.33
CA SER A 46 -15.33 -31.34 -48.58
C SER A 46 -14.52 -31.24 -47.28
N ARG A 47 -14.78 -32.16 -46.37
CA ARG A 47 -14.08 -32.23 -45.08
C ARG A 47 -14.28 -30.97 -44.23
N GLY A 48 -15.44 -30.34 -44.36
CA GLY A 48 -15.79 -29.21 -43.51
C GLY A 48 -16.27 -27.97 -44.24
N LEU A 49 -17.58 -27.74 -44.20
CA LEU A 49 -18.18 -26.50 -44.68
C LEU A 49 -19.57 -26.31 -44.08
N HIS A 50 -20.02 -25.06 -44.01
CA HIS A 50 -21.35 -24.74 -43.49
C HIS A 50 -22.24 -24.16 -44.58
N GLU A 51 -23.54 -24.14 -44.32
CA GLU A 51 -24.49 -23.54 -45.25
C GLU A 51 -24.27 -22.04 -45.35
N GLN A 52 -23.82 -21.58 -46.52
CA GLN A 52 -23.53 -20.18 -46.70
C GLN A 52 -24.16 -19.63 -47.96
N ILE A 53 -24.38 -18.31 -47.97
CA ILE A 53 -24.87 -17.63 -49.16
C ILE A 53 -23.89 -16.51 -49.50
N PHE A 54 -22.63 -16.89 -49.70
CA PHE A 54 -21.56 -15.93 -49.98
C PHE A 54 -20.92 -16.21 -51.34
N GLY A 55 -21.69 -16.83 -52.23
CA GLY A 55 -21.19 -17.19 -53.55
C GLY A 55 -21.52 -18.61 -53.92
N GLN A 56 -22.23 -18.78 -55.03
CA GLN A 56 -22.65 -20.11 -55.47
C GLN A 56 -21.47 -20.90 -56.03
N GLY A 57 -20.55 -20.20 -56.69
CA GLY A 57 -19.37 -20.83 -57.26
C GLY A 57 -18.14 -19.95 -57.19
N GLY A 58 -17.04 -20.50 -56.69
CA GLY A 58 -16.98 -21.89 -56.26
C GLY A 58 -15.74 -22.58 -56.78
N GLU A 59 -15.77 -23.91 -56.81
CA GLU A 59 -14.68 -24.71 -57.36
C GLU A 59 -14.40 -24.33 -58.81
N MET A 60 -13.14 -24.10 -59.21
CA MET A 60 -11.88 -24.22 -58.44
C MET A 60 -11.64 -25.56 -57.74
N PRO A 61 -11.53 -26.65 -58.53
CA PRO A 61 -11.26 -27.96 -57.92
C PRO A 61 -9.76 -28.20 -57.65
N GLY A 62 -8.93 -28.02 -58.67
CA GLY A 62 -7.50 -28.26 -58.54
C GLY A 62 -7.18 -29.71 -58.26
N GLU A 63 -7.56 -30.58 -59.19
CA GLU A 63 -7.41 -32.03 -59.01
C GLU A 63 -5.97 -32.46 -58.83
N ALA A 64 -5.06 -31.88 -59.62
CA ALA A 64 -3.65 -32.17 -59.50
C ALA A 64 -3.12 -31.64 -58.17
N ALA A 65 -3.57 -30.44 -57.80
CA ALA A 65 -3.16 -29.80 -56.56
C ALA A 65 -3.61 -30.60 -55.34
N VAL A 66 -4.87 -31.05 -55.36
CA VAL A 66 -5.39 -31.81 -54.23
C VAL A 66 -4.84 -33.23 -54.23
N ARG A 67 -4.38 -33.70 -55.39
CA ARG A 67 -3.71 -35.00 -55.45
C ARG A 67 -2.34 -34.87 -54.78
N ARG A 68 -1.68 -33.74 -55.03
CA ARG A 68 -0.38 -33.48 -54.41
C ARG A 68 -0.53 -33.27 -52.90
N SER A 69 -1.63 -32.66 -52.50
CA SER A 69 -1.90 -32.41 -51.09
C SER A 69 -2.23 -33.70 -50.35
N VAL A 70 -3.09 -34.52 -50.95
CA VAL A 70 -3.46 -35.81 -50.38
C VAL A 70 -2.22 -36.71 -50.27
N GLU A 71 -1.42 -36.73 -51.33
CA GLU A 71 -0.19 -37.52 -51.34
C GLU A 71 0.77 -37.00 -50.27
N HIS A 72 0.78 -35.68 -50.07
CA HIS A 72 1.62 -35.06 -49.05
C HIS A 72 1.14 -35.41 -47.64
N LEU A 73 -0.16 -35.38 -47.44
CA LEU A 73 -0.74 -35.66 -46.13
C LEU A 73 -0.81 -37.17 -45.84
N GLN A 74 -0.41 -37.97 -46.82
CA GLN A 74 -0.40 -39.41 -46.65
C GLN A 74 0.99 -39.90 -46.25
N LYS A 75 2.01 -39.28 -46.83
CA LYS A 75 3.40 -39.63 -46.55
C LYS A 75 3.90 -38.92 -45.29
N HIS A 76 3.26 -37.80 -44.96
CA HIS A 76 3.65 -37.01 -43.80
C HIS A 76 3.61 -37.76 -42.45
N GLY A 77 2.53 -38.47 -42.10
CA GLY A 77 1.31 -38.63 -42.88
C GLY A 77 0.08 -38.71 -42.01
N LEU A 78 -0.95 -37.96 -42.39
CA LEU A 78 -2.19 -37.93 -41.62
C LEU A 78 -3.38 -38.34 -42.48
N TRP A 79 -3.92 -39.53 -42.21
CA TRP A 79 -5.10 -40.02 -42.93
C TRP A 79 -6.03 -40.79 -42.01
N GLY A 80 -5.93 -40.51 -40.72
CA GLY A 80 -6.81 -41.14 -39.74
C GLY A 80 -7.85 -40.15 -39.26
N GLN A 81 -8.79 -39.80 -40.14
CA GLN A 81 -9.83 -38.83 -39.83
C GLN A 81 -10.75 -39.32 -38.73
N PRO A 82 -11.07 -38.45 -37.76
CA PRO A 82 -11.97 -38.79 -36.64
C PRO A 82 -13.44 -38.82 -37.05
N ALA A 83 -13.77 -38.11 -38.12
CA ALA A 83 -15.13 -38.02 -38.63
C ALA A 83 -16.13 -37.59 -37.55
N VAL A 84 -15.91 -36.39 -37.01
CA VAL A 84 -16.80 -35.85 -35.97
C VAL A 84 -17.42 -34.52 -36.41
N PRO A 85 -18.50 -34.59 -37.19
CA PRO A 85 -19.18 -33.40 -37.73
C PRO A 85 -19.77 -32.52 -36.64
N LEU A 86 -19.40 -31.24 -36.64
CA LEU A 86 -19.96 -30.27 -35.70
C LEU A 86 -21.41 -29.94 -36.08
N PRO A 87 -22.24 -29.63 -35.07
CA PRO A 87 -23.65 -29.31 -35.33
C PRO A 87 -23.81 -28.08 -36.23
N ASP A 88 -24.34 -28.29 -37.43
CA ASP A 88 -24.53 -27.19 -38.38
C ASP A 88 -25.63 -26.24 -37.92
N VAL A 89 -25.45 -24.96 -38.19
CA VAL A 89 -26.39 -23.93 -37.75
C VAL A 89 -27.17 -23.33 -38.92
N GLU A 90 -28.49 -23.27 -38.80
CA GLU A 90 -29.35 -22.69 -39.82
C GLU A 90 -30.05 -21.44 -39.30
N LEU A 91 -29.60 -20.28 -39.75
CA LEU A 91 -30.19 -19.01 -39.32
C LEU A 91 -30.29 -18.02 -40.48
N ARG A 92 -31.20 -17.07 -40.37
CA ARG A 92 -31.38 -16.07 -41.42
C ARG A 92 -30.34 -14.96 -41.28
N LEU A 93 -29.40 -14.94 -42.22
CA LEU A 93 -28.32 -13.96 -42.21
C LEU A 93 -28.83 -12.55 -42.53
N PRO A 94 -28.19 -11.53 -41.94
CA PRO A 94 -28.47 -10.12 -42.21
C PRO A 94 -28.29 -9.77 -43.69
N PRO A 95 -28.98 -8.73 -44.17
CA PRO A 95 -28.94 -8.35 -45.59
C PRO A 95 -27.55 -7.95 -46.07
N LEU A 96 -27.06 -8.63 -47.10
CA LEU A 96 -25.80 -8.29 -47.74
C LEU A 96 -26.03 -7.26 -48.84
N TYR A 97 -25.04 -6.42 -49.10
CA TYR A 97 -25.20 -5.33 -50.04
C TYR A 97 -24.63 -5.65 -51.42
N GLY A 98 -23.83 -6.71 -51.49
CA GLY A 98 -23.28 -7.16 -52.76
C GLY A 98 -22.10 -6.34 -53.25
N ASP A 99 -21.33 -6.90 -54.18
CA ASP A 99 -21.57 -8.24 -54.71
C ASP A 99 -20.96 -9.29 -53.79
N ASN A 100 -19.68 -9.12 -53.49
CA ASN A 100 -19.00 -9.97 -52.52
C ASN A 100 -19.02 -9.30 -51.14
N LEU A 101 -18.46 -9.98 -50.15
CA LEU A 101 -18.40 -9.42 -48.81
C LEU A 101 -17.30 -8.37 -48.73
N ASP A 102 -16.41 -8.39 -49.71
CA ASP A 102 -15.35 -7.38 -49.83
C ASP A 102 -15.96 -6.00 -50.01
N GLN A 103 -16.86 -5.86 -50.96
CA GLN A 103 -17.55 -4.60 -51.21
C GLN A 103 -18.53 -4.29 -50.09
N HIS A 104 -18.98 -5.33 -49.39
CA HIS A 104 -19.84 -5.15 -48.23
C HIS A 104 -19.08 -4.38 -47.14
N PHE A 105 -17.98 -4.97 -46.68
CA PHE A 105 -17.14 -4.33 -45.67
C PHE A 105 -16.58 -3.00 -46.15
N ARG A 106 -16.33 -2.90 -47.46
CA ARG A 106 -15.79 -1.66 -48.03
C ARG A 106 -16.81 -0.54 -47.94
N LEU A 107 -18.03 -0.81 -48.38
CA LEU A 107 -19.11 0.18 -48.32
C LEU A 107 -19.42 0.55 -46.87
N LEU A 108 -19.45 -0.44 -45.99
CA LEU A 108 -19.67 -0.20 -44.57
C LEU A 108 -18.62 0.74 -44.00
N ALA A 109 -17.35 0.39 -44.20
CA ALA A 109 -16.24 1.19 -43.71
C ALA A 109 -16.24 2.59 -44.30
N GLN A 110 -16.68 2.71 -45.54
CA GLN A 110 -16.74 4.01 -46.21
C GLN A 110 -17.83 4.89 -45.62
N LYS A 111 -19.03 4.32 -45.41
CA LYS A 111 -20.14 5.11 -44.88
C LYS A 111 -19.95 5.41 -43.40
N GLN A 112 -19.14 4.60 -42.73
CA GLN A 112 -18.84 4.81 -41.32
C GLN A 112 -17.78 5.89 -41.10
N SER A 113 -17.02 6.18 -42.15
CA SER A 113 -15.91 7.11 -42.04
C SER A 113 -16.00 8.25 -43.06
N LEU A 114 -17.12 8.34 -43.76
CA LEU A 114 -17.33 9.40 -44.74
C LEU A 114 -17.39 10.81 -44.13
N PRO A 115 -18.17 11.02 -43.06
CA PRO A 115 -18.21 12.37 -42.50
C PRO A 115 -16.86 12.82 -41.96
N TYR A 116 -16.14 11.89 -41.35
CA TYR A 116 -14.83 12.19 -40.78
C TYR A 116 -13.80 12.46 -41.88
N LEU A 117 -13.93 11.75 -43.00
CA LEU A 117 -13.08 12.02 -44.15
C LEU A 117 -13.37 13.39 -44.73
N GLU A 118 -14.65 13.77 -44.76
CA GLU A 118 -15.04 15.10 -45.20
C GLU A 118 -14.43 16.16 -44.29
N ALA A 119 -14.48 15.93 -42.99
CA ALA A 119 -13.94 16.87 -42.02
C ALA A 119 -12.42 17.00 -42.14
N ALA A 120 -11.75 15.87 -42.33
CA ALA A 120 -10.31 15.86 -42.53
C ALA A 120 -9.95 16.64 -43.79
N ASN A 121 -10.75 16.45 -44.84
CA ASN A 121 -10.57 17.21 -46.08
C ASN A 121 -10.79 18.69 -45.85
N LEU A 122 -11.68 19.02 -44.92
CA LEU A 122 -11.90 20.42 -44.54
C LEU A 122 -10.67 20.96 -43.81
N LEU A 123 -9.96 20.07 -43.12
CA LEU A 123 -8.72 20.46 -42.45
C LEU A 123 -7.57 20.63 -43.43
N LEU A 124 -7.58 19.84 -44.50
CA LEU A 124 -6.50 19.87 -45.48
C LEU A 124 -6.52 21.15 -46.33
N GLN A 125 -7.69 21.52 -46.82
CA GLN A 125 -7.82 22.70 -47.65
C GLN A 125 -8.05 23.95 -46.82
N ALA A 126 -7.71 23.88 -45.53
CA ALA A 126 -7.94 24.97 -44.61
C ALA A 126 -6.90 26.09 -44.79
N GLN A 127 -7.40 27.30 -45.03
CA GLN A 127 -6.53 28.47 -45.10
C GLN A 127 -6.34 29.04 -43.69
N LEU A 128 -5.08 29.05 -43.25
CA LEU A 128 -4.75 29.39 -41.86
C LEU A 128 -4.77 30.88 -41.58
N PRO A 129 -5.60 31.32 -40.62
CA PRO A 129 -5.53 32.68 -40.09
C PRO A 129 -4.40 32.82 -39.09
N PRO A 130 -3.65 33.93 -39.13
CA PRO A 130 -2.47 34.12 -38.29
C PRO A 130 -2.76 34.08 -36.80
N LYS A 131 -1.75 33.76 -36.00
CA LYS A 131 -1.89 33.71 -34.55
C LYS A 131 -2.20 35.09 -33.98
N PRO A 132 -3.03 35.14 -32.93
CA PRO A 132 -3.40 36.38 -32.24
C PRO A 132 -2.18 37.08 -31.63
N PRO A 133 -2.23 38.41 -31.50
CA PRO A 133 -1.14 39.18 -30.89
C PRO A 133 -1.05 38.96 -29.39
N ALA A 134 -2.17 38.57 -28.77
CA ALA A 134 -2.22 38.31 -27.34
C ALA A 134 -3.31 37.31 -27.00
N TRP A 135 -3.05 36.46 -26.02
CA TRP A 135 -4.02 35.44 -25.61
C TRP A 135 -4.92 35.97 -24.50
N ALA A 136 -6.21 35.70 -24.60
CA ALA A 136 -7.19 36.16 -23.63
C ALA A 136 -7.08 35.39 -22.32
N TRP A 137 -7.02 36.12 -21.20
CA TRP A 137 -6.93 35.50 -19.88
C TRP A 137 -8.32 35.38 -19.25
N ALA A 138 -9.19 34.60 -19.90
CA ALA A 138 -10.55 34.43 -19.42
C ALA A 138 -10.96 32.96 -19.41
N GLU A 139 -11.82 32.60 -18.48
CA GLU A 139 -12.31 31.24 -18.33
C GLU A 139 -13.16 30.83 -19.54
N GLY A 140 -13.07 29.57 -19.94
CA GLY A 140 -13.85 29.07 -21.05
C GLY A 140 -13.12 29.20 -22.37
N TRP A 141 -13.87 29.21 -23.47
CA TRP A 141 -13.24 29.30 -24.78
C TRP A 141 -13.19 30.74 -25.26
N THR A 142 -12.15 31.06 -26.03
CA THR A 142 -12.02 32.37 -26.64
C THR A 142 -11.76 32.23 -28.14
N ARG A 143 -12.68 32.75 -28.94
CA ARG A 143 -12.58 32.72 -30.39
C ARG A 143 -11.74 33.88 -30.90
N TYR A 144 -10.72 33.55 -31.71
CA TYR A 144 -9.91 34.55 -32.38
C TYR A 144 -10.14 34.50 -33.88
N GLY A 145 -10.94 35.44 -34.38
CA GLY A 145 -11.25 35.50 -35.79
C GLY A 145 -10.48 36.59 -36.51
N PRO A 146 -11.17 37.67 -36.91
CA PRO A 146 -10.54 38.79 -37.63
C PRO A 146 -9.53 39.54 -36.77
N GLU A 147 -8.27 39.57 -37.23
CA GLU A 147 -7.19 40.27 -36.54
C GLU A 147 -6.98 39.77 -35.12
N GLY A 148 -7.40 38.54 -34.85
CA GLY A 148 -7.20 37.91 -33.55
C GLY A 148 -7.86 38.62 -32.39
N GLU A 149 -9.13 38.98 -32.57
CA GLU A 149 -9.89 39.61 -31.48
C GLU A 149 -10.38 38.56 -30.50
N ALA A 150 -10.74 38.99 -29.29
CA ALA A 150 -11.18 38.06 -28.26
C ALA A 150 -12.71 37.97 -28.19
N VAL A 151 -13.25 36.83 -28.63
CA VAL A 151 -14.69 36.62 -28.58
C VAL A 151 -15.06 35.52 -27.60
N PRO A 152 -15.64 35.92 -26.45
CA PRO A 152 -16.06 34.97 -25.40
C PRO A 152 -17.01 33.91 -25.92
N VAL A 153 -16.57 32.65 -25.88
CA VAL A 153 -17.37 31.54 -26.38
C VAL A 153 -17.39 30.38 -25.38
N ALA A 154 -18.53 29.72 -25.27
CA ALA A 154 -18.67 28.54 -24.42
C ALA A 154 -18.20 27.29 -25.14
N ILE A 155 -18.64 27.10 -26.38
CA ILE A 155 -18.26 25.94 -27.17
C ILE A 155 -17.89 26.30 -28.60
N PRO A 156 -16.67 25.94 -29.03
CA PRO A 156 -16.22 26.20 -30.41
C PRO A 156 -16.93 25.30 -31.41
N GLU A 157 -17.91 25.85 -32.12
CA GLU A 157 -18.70 25.08 -33.07
C GLU A 157 -17.99 24.95 -34.41
N GLU A 158 -17.30 23.83 -34.60
CA GLU A 158 -16.57 23.56 -35.83
C GLU A 158 -16.77 22.12 -36.27
N ARG A 159 -16.67 21.86 -37.57
CA ARG A 159 -16.77 20.51 -38.09
C ARG A 159 -15.56 19.68 -37.67
N ALA A 160 -14.38 20.30 -37.70
CA ALA A 160 -13.15 19.63 -37.32
C ALA A 160 -12.10 20.62 -36.84
N LEU A 161 -11.19 20.16 -36.00
CA LEU A 161 -10.12 21.01 -35.49
C LEU A 161 -8.95 20.17 -34.95
N VAL A 162 -7.79 20.81 -34.80
CA VAL A 162 -6.66 20.19 -34.12
C VAL A 162 -6.78 20.48 -32.64
N PHE A 163 -6.09 19.71 -31.81
CA PHE A 163 -6.22 19.88 -30.36
C PHE A 163 -5.00 19.39 -29.60
N ASP A 164 -4.64 20.13 -28.55
CA ASP A 164 -3.60 19.72 -27.63
C ASP A 164 -3.81 20.40 -26.28
N VAL A 165 -4.27 19.63 -25.29
CA VAL A 165 -4.58 20.18 -23.98
C VAL A 165 -3.35 20.26 -23.09
N GLU A 166 -3.39 21.15 -22.10
CA GLU A 166 -2.32 21.29 -21.14
C GLU A 166 -2.85 21.01 -19.74
N VAL A 167 -2.00 20.50 -18.86
CA VAL A 167 -2.42 20.19 -17.50
C VAL A 167 -1.26 20.32 -16.51
N CYS A 168 -1.47 21.12 -15.46
CA CYS A 168 -0.47 21.27 -14.42
C CYS A 168 -0.34 19.98 -13.63
N LEU A 169 0.82 19.33 -13.76
CA LEU A 169 1.06 18.05 -13.12
C LEU A 169 1.24 18.20 -11.61
N ALA A 170 1.57 19.41 -11.18
CA ALA A 170 1.79 19.69 -9.77
C ALA A 170 0.56 19.40 -8.93
N GLU A 171 -0.62 19.62 -9.49
CA GLU A 171 -1.87 19.30 -8.81
C GLU A 171 -2.93 18.81 -9.80
N GLY A 172 -2.53 17.91 -10.68
CA GLY A 172 -3.43 17.35 -11.68
C GLY A 172 -4.43 16.37 -11.08
N THR A 173 -5.09 15.59 -11.95
CA THR A 173 -4.87 15.66 -13.39
C THR A 173 -5.93 16.51 -14.06
N CYS A 174 -6.13 17.72 -13.55
CA CYS A 174 -7.14 18.62 -14.07
C CYS A 174 -6.56 19.59 -15.09
N PRO A 175 -7.15 19.61 -16.30
CA PRO A 175 -6.74 20.48 -17.41
C PRO A 175 -6.64 21.94 -16.98
N THR A 176 -5.71 22.68 -17.58
CA THR A 176 -5.51 24.08 -17.23
C THR A 176 -5.51 25.00 -18.45
N LEU A 177 -4.87 24.55 -19.53
CA LEU A 177 -4.82 25.32 -20.77
C LEU A 177 -5.18 24.46 -21.97
N ALA A 178 -5.59 25.10 -23.05
CA ALA A 178 -5.88 24.42 -24.30
C ALA A 178 -5.87 25.40 -25.48
N VAL A 179 -5.45 24.92 -26.64
CA VAL A 179 -5.48 25.69 -27.86
C VAL A 179 -5.97 24.81 -29.00
N ALA A 180 -6.87 25.33 -29.83
CA ALA A 180 -7.40 24.57 -30.95
C ALA A 180 -7.64 25.48 -32.14
N ILE A 181 -7.04 25.14 -33.28
CA ILE A 181 -7.24 25.91 -34.49
C ILE A 181 -8.28 25.23 -35.38
N SER A 182 -8.94 26.02 -36.21
CA SER A 182 -9.99 25.50 -37.08
C SER A 182 -9.83 26.07 -38.49
N PRO A 183 -10.46 25.42 -39.49
CA PRO A 183 -10.44 25.96 -40.85
C PRO A 183 -11.00 27.38 -40.96
N SER A 184 -11.71 27.82 -39.93
CA SER A 184 -12.27 29.17 -39.91
C SER A 184 -11.39 30.14 -39.12
N ALA A 185 -11.15 29.82 -37.85
CA ALA A 185 -10.39 30.72 -36.98
C ALA A 185 -9.71 29.98 -35.83
N TRP A 186 -9.19 30.73 -34.86
CA TRP A 186 -8.49 30.13 -33.72
C TRP A 186 -9.35 30.08 -32.47
N TYR A 187 -8.93 29.26 -31.50
CA TYR A 187 -9.62 29.12 -30.23
C TYR A 187 -8.64 28.85 -29.10
N SER A 188 -8.85 29.49 -27.95
CA SER A 188 -8.03 29.20 -26.77
C SER A 188 -8.89 29.01 -25.52
N TRP A 189 -8.78 27.83 -24.91
CA TRP A 189 -9.57 27.50 -23.74
C TRP A 189 -8.77 27.58 -22.44
N CYS A 190 -9.31 28.28 -21.46
CA CYS A 190 -8.73 28.33 -20.13
C CYS A 190 -9.65 27.66 -19.11
N SER A 191 -9.05 26.95 -18.16
CA SER A 191 -9.82 26.31 -17.11
C SER A 191 -10.23 27.31 -16.04
N GLN A 192 -10.88 26.82 -15.00
CA GLN A 192 -11.36 27.68 -13.91
C GLN A 192 -10.20 28.10 -13.02
N ARG A 193 -9.02 27.57 -13.28
CA ARG A 193 -7.83 27.90 -12.52
C ARG A 193 -7.31 29.29 -12.87
N LEU A 194 -8.16 30.30 -12.71
CA LEU A 194 -7.78 31.68 -12.93
C LEU A 194 -7.97 32.48 -11.64
N VAL A 195 -8.69 31.88 -10.70
CA VAL A 195 -8.92 32.50 -9.41
C VAL A 195 -8.26 31.68 -8.31
N GLU A 196 -7.48 32.35 -7.47
CA GLU A 196 -6.76 31.67 -6.39
C GLU A 196 -7.71 31.19 -5.29
N GLU A 197 -7.94 29.89 -5.24
CA GLU A 197 -8.79 29.30 -4.21
C GLU A 197 -8.14 28.06 -3.61
N ARG A 198 -8.80 27.47 -2.62
CA ARG A 198 -8.37 26.21 -2.05
C ARG A 198 -9.28 25.10 -2.56
N TYR A 199 -9.13 24.77 -3.84
CA TYR A 199 -10.00 23.80 -4.51
C TYR A 199 -9.97 22.42 -3.90
N SER A 200 -11.00 21.64 -4.19
CA SER A 200 -11.07 20.24 -3.76
C SER A 200 -11.33 19.37 -4.98
N TRP A 201 -10.30 18.70 -5.46
CA TRP A 201 -10.40 17.93 -6.69
C TRP A 201 -10.91 16.51 -6.46
N THR A 202 -12.18 16.29 -6.81
CA THR A 202 -12.76 14.96 -6.80
C THR A 202 -13.11 14.56 -8.23
N SER A 203 -12.44 15.22 -9.18
CA SER A 203 -12.64 15.00 -10.61
C SER A 203 -14.09 15.13 -11.04
N GLN A 204 -14.58 16.36 -11.04
CA GLN A 204 -15.95 16.66 -11.49
C GLN A 204 -16.00 16.73 -13.01
N LEU A 205 -17.04 17.38 -13.53
CA LEU A 205 -17.14 17.60 -14.98
C LEU A 205 -16.48 18.92 -15.34
N SER A 206 -15.26 19.10 -14.85
CA SER A 206 -14.45 20.27 -15.13
C SER A 206 -13.65 20.22 -16.45
N PRO A 207 -13.26 19.01 -16.94
CA PRO A 207 -12.61 18.95 -18.25
C PRO A 207 -13.27 19.75 -19.37
N ALA A 208 -12.48 20.04 -20.41
CA ALA A 208 -12.90 20.92 -21.50
C ALA A 208 -14.12 20.41 -22.25
N ASP A 209 -15.07 21.31 -22.47
CA ASP A 209 -16.27 21.02 -23.24
C ASP A 209 -16.00 21.22 -24.72
N LEU A 210 -16.46 20.28 -25.55
CA LEU A 210 -16.14 20.32 -26.97
C LEU A 210 -17.32 19.90 -27.84
N ILE A 211 -18.16 19.01 -27.33
CA ILE A 211 -19.30 18.49 -28.09
C ILE A 211 -20.45 19.51 -28.13
N PRO A 212 -21.11 19.61 -29.29
CA PRO A 212 -22.29 20.47 -29.45
C PRO A 212 -23.58 19.72 -29.09
N LEU A 213 -24.57 20.47 -28.58
CA LEU A 213 -25.84 19.86 -28.21
C LEU A 213 -26.78 19.76 -29.41
N GLU A 214 -27.74 18.84 -29.33
CA GLU A 214 -28.72 18.65 -30.39
C GLU A 214 -29.98 19.45 -30.13
N VAL A 215 -30.58 19.23 -28.96
CA VAL A 215 -31.80 19.94 -28.57
C VAL A 215 -31.59 20.72 -27.27
N GLN A 228 -21.46 14.47 -40.47
CA GLN A 228 -21.86 14.82 -39.12
C GLN A 228 -21.37 13.80 -38.09
N GLU A 229 -20.84 14.29 -36.97
CA GLU A 229 -20.76 15.73 -36.70
C GLU A 229 -19.33 16.20 -36.48
N GLN A 230 -18.61 15.55 -35.57
CA GLN A 230 -17.33 16.05 -35.11
C GLN A 230 -16.13 15.19 -35.50
N LEU A 231 -14.96 15.81 -35.52
CA LEU A 231 -13.69 15.10 -35.72
C LEU A 231 -12.55 15.91 -35.13
N VAL A 232 -11.77 15.27 -34.26
CA VAL A 232 -10.67 15.96 -33.59
C VAL A 232 -9.34 15.25 -33.83
N VAL A 233 -8.39 15.97 -34.42
CA VAL A 233 -7.06 15.43 -34.66
C VAL A 233 -6.07 16.02 -33.67
N GLY A 234 -4.95 15.32 -33.48
CA GLY A 234 -3.93 15.79 -32.55
C GLY A 234 -2.88 14.73 -32.27
N HIS A 235 -1.69 15.18 -31.86
CA HIS A 235 -0.61 14.28 -31.51
C HIS A 235 -0.90 13.64 -30.16
N ASN A 236 -0.97 12.31 -30.14
CA ASN A 236 -1.45 11.56 -28.97
C ASN A 236 -2.83 12.07 -28.57
N VAL A 237 -3.81 11.81 -29.44
CA VAL A 237 -5.13 12.41 -29.33
C VAL A 237 -5.95 11.82 -28.17
N SER A 238 -5.57 10.63 -27.73
CA SER A 238 -6.31 9.95 -26.66
C SER A 238 -6.19 10.71 -25.34
N PHE A 239 -5.01 11.27 -25.09
CA PHE A 239 -4.76 12.07 -23.90
C PHE A 239 -5.64 13.31 -23.87
N ASP A 240 -5.86 13.90 -25.05
CA ASP A 240 -6.72 15.07 -25.15
C ASP A 240 -8.18 14.66 -25.02
N ARG A 241 -8.50 13.49 -25.55
CA ARG A 241 -9.84 12.92 -25.44
C ARG A 241 -10.23 12.69 -23.98
N ALA A 242 -9.25 12.25 -23.19
CA ALA A 242 -9.48 12.01 -21.77
C ALA A 242 -9.82 13.31 -21.03
N HIS A 243 -9.59 14.44 -21.68
CA HIS A 243 -9.91 15.74 -21.09
C HIS A 243 -11.11 16.40 -21.77
N ILE A 244 -12.03 15.58 -22.27
CA ILE A 244 -13.26 16.08 -22.89
C ILE A 244 -14.45 15.85 -21.98
N ARG A 245 -15.25 16.90 -21.77
CA ARG A 245 -16.36 16.86 -20.82
C ARG A 245 -17.43 15.83 -21.17
N GLU A 246 -17.74 15.70 -22.47
CA GLU A 246 -18.88 14.89 -22.90
C GLU A 246 -18.50 13.50 -23.37
N GLN A 247 -17.23 13.14 -23.22
CA GLN A 247 -16.77 11.82 -23.65
C GLN A 247 -16.91 10.78 -22.55
N TYR A 248 -17.19 11.25 -21.34
CA TYR A 248 -17.29 10.38 -20.17
C TYR A 248 -18.69 9.83 -19.96
N LEU A 249 -19.66 10.39 -20.68
CA LEU A 249 -21.05 9.96 -20.56
C LEU A 249 -21.23 8.52 -21.02
N ILE A 250 -22.21 7.84 -20.46
CA ILE A 250 -22.47 6.43 -20.76
C ILE A 250 -22.87 6.27 -22.23
N GLN A 251 -23.70 7.19 -22.71
CA GLN A 251 -24.13 7.17 -24.10
C GLN A 251 -23.12 7.89 -25.00
N GLY A 252 -23.46 8.00 -26.28
CA GLY A 252 -22.59 8.64 -27.24
C GLY A 252 -21.59 7.67 -27.85
N SER A 253 -20.72 8.15 -28.74
CA SER A 253 -20.72 9.56 -29.13
C SER A 253 -20.50 9.72 -30.64
N ARG A 254 -20.91 10.86 -31.17
CA ARG A 254 -20.74 11.14 -32.60
C ARG A 254 -19.31 11.57 -32.91
N MET A 255 -18.64 12.16 -31.93
CA MET A 255 -17.28 12.65 -32.11
C MET A 255 -16.26 11.50 -32.10
N ARG A 256 -15.39 11.50 -33.09
CA ARG A 256 -14.28 10.55 -33.14
C ARG A 256 -12.95 11.30 -33.18
N PHE A 257 -11.85 10.57 -33.07
CA PHE A 257 -10.54 11.20 -33.01
C PHE A 257 -9.57 10.59 -34.02
N LEU A 258 -8.62 11.41 -34.48
CA LEU A 258 -7.59 10.96 -35.40
C LEU A 258 -6.21 11.28 -34.84
N ASP A 259 -5.39 10.26 -34.66
CA ASP A 259 -4.08 10.44 -34.03
C ASP A 259 -2.97 10.53 -35.07
N THR A 260 -2.21 11.62 -35.02
CA THR A 260 -1.11 11.83 -35.96
C THR A 260 0.08 10.95 -35.63
N MET A 261 0.22 10.60 -34.36
CA MET A 261 1.28 9.69 -33.93
C MET A 261 1.04 8.29 -34.50
N SER A 262 -0.18 7.81 -34.36
CA SER A 262 -0.56 6.51 -34.88
C SER A 262 -0.44 6.48 -36.40
N MET A 263 -0.80 7.59 -37.02
CA MET A 263 -0.73 7.73 -38.47
C MET A 263 0.72 7.68 -38.93
N HIS A 264 1.60 8.39 -38.22
CA HIS A 264 3.03 8.35 -38.47
C HIS A 264 3.56 6.92 -38.34
N MET A 265 3.04 6.21 -37.34
CA MET A 265 3.46 4.84 -37.10
C MET A 265 3.05 3.93 -38.27
N ALA A 266 1.87 4.18 -38.81
CA ALA A 266 1.35 3.38 -39.92
C ALA A 266 2.12 3.67 -41.21
N ILE A 267 2.40 4.95 -41.45
CA ILE A 267 3.09 5.37 -42.67
C ILE A 267 4.57 5.02 -42.63
N SER A 268 5.32 5.71 -41.78
CA SER A 268 6.77 5.51 -41.70
C SER A 268 7.23 5.22 -40.28
N GLY A 269 6.73 4.13 -39.71
CA GLY A 269 7.10 3.74 -38.36
C GLY A 269 8.35 2.89 -38.33
N LEU A 270 8.82 2.58 -37.12
CA LEU A 270 10.00 1.75 -36.94
C LEU A 270 9.94 0.99 -35.62
N SER A 271 10.63 -0.16 -35.56
CA SER A 271 10.63 -1.00 -34.37
C SER A 271 11.45 -0.36 -33.25
N SER A 272 11.28 -0.89 -32.04
CA SER A 272 11.99 -0.39 -30.86
C SER A 272 13.50 -0.56 -31.03
N PHE A 273 13.89 -1.68 -31.62
CA PHE A 273 15.29 -1.95 -31.91
C PHE A 273 15.85 -0.90 -32.88
N GLN A 274 15.00 -0.45 -33.79
CA GLN A 274 15.37 0.60 -34.72
C GLN A 274 15.44 1.94 -34.01
N ARG A 275 14.57 2.15 -33.03
CA ARG A 275 14.58 3.38 -32.24
C ARG A 275 15.87 3.50 -31.43
N SER A 276 16.34 2.37 -30.92
CA SER A 276 17.52 2.35 -30.05
C SER A 276 18.76 2.87 -30.77
N LEU A 277 18.88 2.59 -32.06
CA LEU A 277 20.06 3.01 -32.82
C LEU A 277 19.77 4.22 -33.71
N TRP A 278 18.50 4.62 -33.78
CA TRP A 278 18.12 5.84 -34.48
C TRP A 278 18.57 7.04 -33.67
N ILE A 279 18.34 6.98 -32.36
CA ILE A 279 18.73 8.05 -31.46
C ILE A 279 20.24 8.00 -31.18
N ALA A 280 20.84 6.86 -31.51
CA ALA A 280 22.29 6.69 -31.36
C ALA A 280 23.01 7.55 -32.40
N ALA A 281 22.29 7.90 -33.47
CA ALA A 281 22.84 8.79 -34.49
C ALA A 281 23.04 10.19 -33.92
N LYS A 282 24.12 10.35 -33.18
CA LYS A 282 24.43 11.63 -32.54
C LYS A 282 25.90 11.70 -32.12
N ALA A 307 25.13 -5.38 -40.97
CA ALA A 307 24.79 -3.97 -40.87
C ALA A 307 25.54 -3.14 -41.92
N ILE A 308 25.63 -3.68 -43.13
CA ILE A 308 26.33 -2.99 -44.22
C ILE A 308 25.46 -1.89 -44.82
N SER A 309 24.19 -2.19 -45.08
CA SER A 309 23.27 -1.21 -45.63
C SER A 309 22.07 -1.02 -44.70
N SER A 310 22.36 -0.83 -43.42
CA SER A 310 21.31 -0.66 -42.42
C SER A 310 21.15 0.80 -42.04
N TRP A 311 21.88 1.68 -42.72
CA TRP A 311 21.85 3.11 -42.42
C TRP A 311 21.23 3.92 -43.55
N ASP A 312 20.49 3.25 -44.44
CA ASP A 312 19.87 3.94 -45.57
C ASP A 312 18.45 4.39 -45.24
N TRP A 313 17.86 3.79 -44.20
CA TRP A 313 16.50 4.13 -43.79
C TRP A 313 16.51 5.15 -42.65
N LEU A 314 17.70 5.62 -42.28
CA LEU A 314 17.87 6.51 -41.15
C LEU A 314 17.21 7.88 -41.37
N ASP A 315 17.11 8.28 -42.62
CA ASP A 315 16.60 9.62 -42.95
C ASP A 315 15.21 9.59 -43.57
N ILE A 316 14.64 8.40 -43.72
CA ILE A 316 13.33 8.27 -44.33
C ILE A 316 12.25 8.03 -43.26
N SER A 317 12.71 7.80 -42.03
CA SER A 317 11.80 7.60 -40.90
C SER A 317 12.29 8.36 -39.68
N SER A 318 11.51 8.32 -38.61
CA SER A 318 11.87 9.03 -37.38
C SER A 318 11.16 8.47 -36.16
N VAL A 319 11.60 8.91 -34.98
CA VAL A 319 10.99 8.50 -33.72
C VAL A 319 9.63 9.19 -33.58
N ASN A 320 8.83 8.75 -32.62
CA ASN A 320 7.45 9.22 -32.51
C ASN A 320 7.29 10.59 -31.85
N SER A 321 8.40 11.24 -31.52
CA SER A 321 8.37 12.57 -30.94
C SER A 321 7.72 13.57 -31.90
N LEU A 322 7.10 14.60 -31.35
CA LEU A 322 6.40 15.59 -32.18
C LEU A 322 7.37 16.44 -32.99
N ALA A 323 8.43 16.89 -32.35
CA ALA A 323 9.45 17.70 -33.02
C ALA A 323 10.11 16.90 -34.15
N GLU A 324 10.35 15.63 -33.88
CA GLU A 324 11.01 14.76 -34.85
C GLU A 324 10.10 14.41 -36.02
N VAL A 325 8.84 14.11 -35.73
CA VAL A 325 7.89 13.76 -36.77
C VAL A 325 7.55 14.99 -37.61
N HIS A 326 7.65 16.17 -37.00
CA HIS A 326 7.46 17.42 -37.73
C HIS A 326 8.66 17.70 -38.61
N ARG A 327 9.85 17.42 -38.09
CA ARG A 327 11.08 17.58 -38.85
C ARG A 327 11.16 16.56 -39.98
N LEU A 328 10.35 15.51 -39.86
CA LEU A 328 10.31 14.46 -40.88
C LEU A 328 9.29 14.75 -41.98
N TYR A 329 8.05 15.04 -41.58
CA TYR A 329 6.97 15.21 -42.55
C TYR A 329 6.84 16.63 -43.09
N VAL A 330 7.27 17.61 -42.30
CA VAL A 330 7.25 19.00 -42.74
C VAL A 330 8.65 19.44 -43.15
N GLY A 331 9.63 19.04 -42.36
CA GLY A 331 11.02 19.35 -42.66
C GLY A 331 11.34 20.83 -42.51
N GLY A 332 10.51 21.54 -41.76
CA GLY A 332 10.72 22.95 -41.53
C GLY A 332 11.73 23.20 -40.42
N PRO A 333 11.70 24.40 -39.84
CA PRO A 333 12.60 24.72 -38.72
C PRO A 333 12.26 23.93 -37.46
N PRO A 334 13.29 23.53 -36.69
CA PRO A 334 13.07 22.74 -35.47
C PRO A 334 12.28 23.50 -34.42
N LEU A 335 11.12 22.98 -34.05
CA LEU A 335 10.28 23.64 -33.06
C LEU A 335 10.92 23.59 -31.68
N GLU A 336 10.84 24.70 -30.96
CA GLU A 336 11.44 24.80 -29.63
C GLU A 336 10.52 24.18 -28.58
N LYS A 337 11.11 23.44 -27.64
CA LYS A 337 10.36 22.84 -26.55
C LYS A 337 10.59 23.63 -25.26
N GLU A 338 9.65 23.52 -24.33
CA GLU A 338 9.75 24.22 -23.06
C GLU A 338 10.98 23.79 -22.28
N PRO A 339 11.93 24.71 -22.07
CA PRO A 339 13.21 24.42 -21.43
C PRO A 339 13.10 24.18 -19.93
N ARG A 340 12.05 24.71 -19.32
CA ARG A 340 11.85 24.58 -17.88
C ARG A 340 10.91 23.45 -17.53
N GLU A 341 10.17 22.98 -18.54
CA GLU A 341 9.16 21.93 -18.35
C GLU A 341 8.19 22.30 -17.24
N LEU A 342 7.66 23.52 -17.33
CA LEU A 342 6.87 24.13 -16.25
C LEU A 342 5.58 23.37 -15.92
N PHE A 343 5.03 22.66 -16.90
CA PHE A 343 3.79 21.93 -16.68
C PHE A 343 4.00 20.65 -15.88
N VAL A 344 5.26 20.23 -15.73
CA VAL A 344 5.56 19.01 -14.99
C VAL A 344 6.59 19.22 -13.90
N LYS A 345 7.32 20.33 -13.97
CA LYS A 345 8.37 20.61 -12.99
C LYS A 345 7.96 21.67 -11.99
N GLY A 346 7.14 22.62 -12.44
CA GLY A 346 6.73 23.74 -11.60
C GLY A 346 5.30 23.63 -11.10
N THR A 347 4.89 24.62 -10.31
CA THR A 347 3.56 24.63 -9.73
C THR A 347 2.60 25.48 -10.55
N MET A 348 1.41 25.73 -10.00
CA MET A 348 0.43 26.58 -10.66
C MET A 348 0.83 28.04 -10.58
N LYS A 349 1.64 28.37 -9.57
CA LYS A 349 2.09 29.74 -9.34
C LYS A 349 2.92 30.28 -10.50
N ASP A 350 3.96 29.54 -10.88
CA ASP A 350 4.87 29.98 -11.92
C ASP A 350 4.31 29.77 -13.32
N ILE A 351 3.11 29.20 -13.41
CA ILE A 351 2.44 29.04 -14.69
C ILE A 351 1.77 30.35 -15.13
N ARG A 352 1.04 30.98 -14.20
CA ARG A 352 0.37 32.24 -14.50
C ARG A 352 1.35 33.35 -14.80
N GLU A 353 2.56 33.25 -14.23
CA GLU A 353 3.61 34.22 -14.47
C GLU A 353 4.09 34.15 -15.92
N ASN A 354 3.98 32.97 -16.50
CA ASN A 354 4.39 32.75 -17.89
C ASN A 354 3.24 32.21 -18.73
N PHE A 355 2.04 32.70 -18.46
CA PHE A 355 0.83 32.23 -19.14
C PHE A 355 0.87 32.44 -20.65
N GLN A 356 1.22 33.66 -21.05
CA GLN A 356 1.29 34.02 -22.47
C GLN A 356 2.24 33.08 -23.21
N ASP A 357 3.41 32.87 -22.63
CA ASP A 357 4.44 32.04 -23.25
C ASP A 357 3.97 30.60 -23.41
N LEU A 358 3.42 30.03 -22.34
CA LEU A 358 2.92 28.65 -22.39
C LEU A 358 1.83 28.50 -23.43
N MET A 359 0.94 29.49 -23.50
CA MET A 359 -0.09 29.53 -24.53
C MET A 359 0.54 29.50 -25.92
N GLN A 360 1.60 30.29 -26.08
CA GLN A 360 2.31 30.35 -27.36
C GLN A 360 2.89 28.99 -27.72
N TYR A 361 3.48 28.33 -26.74
CA TYR A 361 4.05 26.99 -26.94
C TYR A 361 2.98 26.00 -27.38
N CYS A 362 1.83 26.03 -26.71
CA CYS A 362 0.72 25.17 -27.06
C CYS A 362 0.26 25.45 -28.49
N ALA A 363 0.27 26.72 -28.87
CA ALA A 363 -0.11 27.12 -30.22
C ALA A 363 0.86 26.56 -31.26
N GLN A 364 2.15 26.63 -30.96
CA GLN A 364 3.17 26.05 -31.83
C GLN A 364 2.94 24.54 -31.97
N ASP A 365 2.58 23.91 -30.87
CA ASP A 365 2.31 22.47 -30.86
C ASP A 365 1.13 22.11 -31.77
N VAL A 366 0.00 22.80 -31.60
CA VAL A 366 -1.18 22.49 -32.41
C VAL A 366 -0.97 22.85 -33.87
N TRP A 367 -0.12 23.85 -34.13
CA TRP A 367 0.19 24.26 -35.49
C TRP A 367 1.03 23.19 -36.19
N ALA A 368 2.11 22.79 -35.54
CA ALA A 368 2.97 21.73 -36.06
C ALA A 368 2.15 20.46 -36.28
N THR A 369 1.28 20.16 -35.33
CA THR A 369 0.40 19.01 -35.44
C THR A 369 -0.51 19.13 -36.66
N HIS A 370 -1.00 20.34 -36.90
CA HIS A 370 -1.86 20.60 -38.05
C HIS A 370 -1.11 20.31 -39.36
N GLU A 371 0.10 20.88 -39.47
CA GLU A 371 0.93 20.68 -40.65
C GLU A 371 1.22 19.20 -40.89
N VAL A 372 1.68 18.53 -39.84
CA VAL A 372 1.98 17.10 -39.89
C VAL A 372 0.77 16.30 -40.36
N PHE A 373 -0.39 16.59 -39.78
CA PHE A 373 -1.63 15.92 -40.17
C PHE A 373 -1.92 16.14 -41.65
N GLN A 374 -1.80 17.39 -42.10
CA GLN A 374 -2.04 17.74 -43.50
C GLN A 374 -1.13 16.95 -44.42
N GLN A 375 0.11 16.72 -44.00
CA GLN A 375 1.06 16.00 -44.84
C GLN A 375 0.90 14.49 -44.73
N GLN A 376 0.25 14.03 -43.66
CA GLN A 376 0.13 12.60 -43.40
C GLN A 376 -1.13 11.97 -43.96
N LEU A 377 -2.23 12.72 -43.92
CA LEU A 377 -3.53 12.20 -44.36
C LEU A 377 -3.50 11.59 -45.77
N PRO A 378 -2.97 12.32 -46.78
CA PRO A 378 -2.96 11.69 -48.10
C PRO A 378 -1.99 10.51 -48.19
N LEU A 379 -0.87 10.61 -47.47
CA LEU A 379 0.12 9.53 -47.45
C LEU A 379 -0.47 8.27 -46.81
N PHE A 380 -1.16 8.46 -45.69
CA PHE A 380 -1.83 7.35 -45.02
C PHE A 380 -2.91 6.74 -45.89
N LEU A 381 -3.67 7.61 -46.56
CA LEU A 381 -4.73 7.15 -47.45
C LEU A 381 -4.15 6.37 -48.63
N GLU A 382 -2.93 6.72 -49.04
CA GLU A 382 -2.26 6.03 -50.13
C GLU A 382 -1.75 4.66 -49.68
N ARG A 383 -1.04 4.64 -48.55
CA ARG A 383 -0.46 3.40 -48.04
C ARG A 383 -1.51 2.47 -47.45
N CYS A 384 -2.60 3.04 -46.96
CA CYS A 384 -3.71 2.24 -46.44
C CYS A 384 -4.99 2.56 -47.21
N PRO A 385 -5.11 2.02 -48.42
CA PRO A 385 -6.22 2.33 -49.33
C PRO A 385 -7.57 1.84 -48.84
N HIS A 386 -7.58 0.70 -48.15
CA HIS A 386 -8.82 0.11 -47.68
C HIS A 386 -9.39 0.93 -46.53
N PRO A 387 -10.68 1.29 -46.62
CA PRO A 387 -11.35 2.10 -45.61
C PRO A 387 -11.57 1.36 -44.29
N VAL A 388 -11.49 0.03 -44.34
CA VAL A 388 -11.64 -0.80 -43.15
C VAL A 388 -10.63 -0.40 -42.08
N THR A 389 -9.39 -0.17 -42.50
CA THR A 389 -8.34 0.26 -41.59
C THR A 389 -8.66 1.64 -41.01
N LEU A 390 -9.25 2.49 -41.84
CA LEU A 390 -9.59 3.85 -41.42
C LEU A 390 -10.67 3.85 -40.33
N ALA A 391 -11.81 3.25 -40.63
CA ALA A 391 -12.93 3.19 -39.69
C ALA A 391 -12.53 2.40 -38.44
N GLY A 392 -11.77 1.33 -38.67
CA GLY A 392 -11.25 0.51 -37.60
C GLY A 392 -10.40 1.34 -36.66
N MET A 393 -9.59 2.22 -37.22
CA MET A 393 -8.78 3.13 -36.42
C MET A 393 -9.64 4.20 -35.74
N LEU A 394 -10.78 4.51 -36.33
CA LEU A 394 -11.67 5.52 -35.78
C LEU A 394 -12.38 5.00 -34.53
N GLU A 395 -12.88 3.77 -34.57
CA GLU A 395 -13.60 3.21 -33.44
C GLU A 395 -12.65 2.70 -32.35
N MET A 396 -11.42 2.42 -32.74
CA MET A 396 -10.44 1.87 -31.81
C MET A 396 -9.91 2.93 -30.84
N GLY A 397 -10.19 4.19 -31.13
CA GLY A 397 -9.70 5.28 -30.33
C GLY A 397 -10.67 5.77 -29.28
N VAL A 398 -11.94 5.38 -29.42
CA VAL A 398 -12.99 5.83 -28.51
C VAL A 398 -13.36 4.75 -27.48
N SER A 399 -12.36 4.26 -26.77
CA SER A 399 -12.57 3.25 -25.73
C SER A 399 -13.21 3.86 -24.48
N TYR A 400 -13.73 3.02 -23.59
CA TYR A 400 -14.51 3.49 -22.45
C TYR A 400 -14.55 2.48 -21.31
N LEU A 401 -14.12 2.90 -20.12
CA LEU A 401 -14.13 2.02 -18.96
C LEU A 401 -14.96 2.56 -17.80
N PRO A 402 -16.17 2.00 -17.61
CA PRO A 402 -17.07 2.42 -16.53
C PRO A 402 -16.66 1.87 -15.17
N VAL A 403 -16.64 2.73 -14.16
CA VAL A 403 -16.24 2.32 -12.81
C VAL A 403 -17.05 3.02 -11.72
N ASN A 404 -16.73 2.70 -10.47
CA ASN A 404 -17.42 3.27 -9.32
C ASN A 404 -16.51 3.40 -8.10
N GLN A 405 -17.09 3.53 -6.92
CA GLN A 405 -16.34 3.73 -5.67
C GLN A 405 -15.45 2.51 -5.35
N ASN A 406 -15.84 1.36 -5.86
CA ASN A 406 -15.08 0.14 -5.69
C ASN A 406 -13.66 0.27 -6.23
N TRP A 407 -13.48 1.21 -7.16
CA TRP A 407 -12.15 1.54 -7.67
C TRP A 407 -11.29 2.15 -6.57
N GLU A 408 -11.84 3.13 -5.86
CA GLU A 408 -11.12 3.79 -4.78
C GLU A 408 -10.84 2.78 -3.66
N ARG A 409 -11.83 1.95 -3.37
CA ARG A 409 -11.65 0.89 -2.37
C ARG A 409 -10.53 -0.07 -2.78
N TYR A 410 -10.47 -0.40 -4.06
CA TYR A 410 -9.44 -1.27 -4.61
C TYR A 410 -8.05 -0.65 -4.44
N LEU A 411 -7.94 0.64 -4.79
CA LEU A 411 -6.69 1.36 -4.62
C LEU A 411 -6.22 1.31 -3.17
N ALA A 412 -7.13 1.67 -2.25
CA ALA A 412 -6.80 1.72 -0.84
C ALA A 412 -6.37 0.35 -0.29
N GLU A 413 -7.16 -0.67 -0.57
CA GLU A 413 -6.87 -2.02 -0.06
C GLU A 413 -5.59 -2.59 -0.63
N ALA A 414 -5.40 -2.45 -1.94
CA ALA A 414 -4.21 -2.97 -2.61
C ALA A 414 -2.96 -2.26 -2.10
N GLN A 415 -3.04 -0.94 -1.98
CA GLN A 415 -1.90 -0.17 -1.49
C GLN A 415 -1.58 -0.54 -0.05
N GLY A 416 -2.62 -0.76 0.74
CA GLY A 416 -2.44 -1.18 2.13
C GLY A 416 -1.73 -2.52 2.22
N THR A 417 -2.22 -3.49 1.47
CA THR A 417 -1.61 -4.82 1.41
C THR A 417 -0.14 -4.74 1.00
N TYR A 418 0.11 -3.98 -0.06
CA TYR A 418 1.46 -3.78 -0.57
C TYR A 418 2.38 -3.20 0.50
N GLU A 419 1.92 -2.15 1.17
CA GLU A 419 2.70 -1.51 2.22
C GLU A 419 2.97 -2.46 3.38
N GLU A 420 2.01 -3.35 3.65
CA GLU A 420 2.16 -4.31 4.72
C GLU A 420 3.23 -5.35 4.39
N LEU A 421 3.09 -5.99 3.23
CA LEU A 421 4.05 -7.00 2.80
C LEU A 421 5.46 -6.40 2.68
N GLN A 422 5.54 -5.19 2.14
CA GLN A 422 6.82 -4.50 2.03
C GLN A 422 7.38 -4.19 3.41
N ARG A 423 6.50 -3.84 4.34
CA ARG A 423 6.90 -3.58 5.72
C ARG A 423 7.53 -4.82 6.33
N GLU A 424 6.87 -5.97 6.15
CA GLU A 424 7.37 -7.25 6.65
C GLU A 424 8.73 -7.59 6.06
N MET A 425 8.81 -7.57 4.73
CA MET A 425 10.04 -7.89 4.02
C MET A 425 11.21 -7.02 4.45
N LYS A 426 11.01 -5.71 4.39
CA LYS A 426 12.06 -4.75 4.76
C LYS A 426 12.42 -4.88 6.24
N LYS A 427 11.45 -5.27 7.06
CA LYS A 427 11.70 -5.46 8.49
C LYS A 427 12.65 -6.64 8.70
N SER A 428 12.36 -7.75 8.03
CA SER A 428 13.20 -8.93 8.12
C SER A 428 14.61 -8.65 7.59
N LEU A 429 14.68 -8.02 6.43
CA LEU A 429 15.97 -7.73 5.80
C LEU A 429 16.82 -6.77 6.62
N MET A 430 16.20 -5.73 7.17
CA MET A 430 16.94 -4.78 7.98
C MET A 430 17.32 -5.41 9.32
N ASP A 431 16.54 -6.39 9.76
CA ASP A 431 16.87 -7.16 10.94
C ASP A 431 18.13 -7.99 10.70
N LEU A 432 18.21 -8.59 9.51
CA LEU A 432 19.40 -9.34 9.11
C LEU A 432 20.60 -8.42 8.95
N ALA A 433 20.35 -7.20 8.47
CA ALA A 433 21.42 -6.23 8.24
C ALA A 433 21.94 -5.62 9.53
N ASN A 434 21.11 -5.59 10.56
CA ASN A 434 21.50 -5.02 11.84
C ASN A 434 22.37 -5.98 12.66
N ASP A 435 21.99 -7.25 12.67
CA ASP A 435 22.70 -8.25 13.46
C ASP A 435 23.99 -8.70 12.80
N ALA A 436 24.18 -8.30 11.54
CA ALA A 436 25.39 -8.62 10.82
C ALA A 436 26.41 -7.48 10.91
N CYS A 437 25.96 -6.37 11.49
CA CYS A 437 26.80 -5.19 11.63
C CYS A 437 27.69 -5.28 12.86
N GLN A 438 27.42 -6.28 13.70
CA GLN A 438 28.11 -6.40 14.98
C GLN A 438 29.51 -7.00 14.83
N LEU A 439 29.75 -7.71 13.74
CA LEU A 439 31.04 -8.36 13.54
C LEU A 439 32.06 -7.44 12.87
N LEU A 440 32.01 -6.16 13.25
CA LEU A 440 33.00 -5.19 12.80
C LEU A 440 34.16 -5.17 13.78
N SER A 441 33.86 -5.42 15.05
CA SER A 441 34.86 -5.46 16.10
C SER A 441 35.08 -6.89 16.60
N GLY A 442 36.30 -7.40 16.42
CA GLY A 442 37.37 -6.65 15.79
C GLY A 442 37.99 -7.38 14.61
N GLU A 443 37.75 -6.85 13.42
CA GLU A 443 38.31 -7.41 12.17
C GLU A 443 37.91 -8.86 11.96
N ARG A 444 36.77 -9.25 12.51
CA ARG A 444 36.29 -10.63 12.40
C ARG A 444 35.43 -10.82 11.16
N TYR A 445 35.26 -9.75 10.38
CA TYR A 445 34.47 -9.81 9.16
C TYR A 445 35.23 -10.53 8.05
N LYS A 446 36.55 -10.58 8.18
CA LYS A 446 37.40 -11.21 7.18
C LYS A 446 37.16 -12.72 7.10
N GLU A 447 36.61 -13.28 8.17
CA GLU A 447 36.31 -14.71 8.23
C GLU A 447 34.97 -15.01 7.58
N ASP A 448 34.10 -14.00 7.53
CA ASP A 448 32.78 -14.16 6.93
C ASP A 448 32.87 -14.40 5.43
N PRO A 449 32.38 -15.56 4.97
CA PRO A 449 32.46 -15.95 3.56
C PRO A 449 31.49 -15.17 2.67
N TRP A 450 30.64 -14.35 3.26
CA TRP A 450 29.71 -13.53 2.50
C TRP A 450 30.02 -12.05 2.62
N LEU A 451 30.60 -11.65 3.76
CA LEU A 451 30.79 -10.24 4.05
C LEU A 451 32.27 -9.87 4.18
N TRP A 452 32.90 -9.55 3.05
CA TRP A 452 34.31 -9.16 3.04
C TRP A 452 34.65 -8.34 1.80
N ASP A 453 33.69 -8.20 0.90
CA ASP A 453 33.90 -7.45 -0.32
C ASP A 453 33.64 -5.96 -0.11
N LEU A 454 32.70 -5.64 0.76
CA LEU A 454 32.24 -4.27 0.92
C LEU A 454 33.22 -3.42 1.76
N GLU A 455 32.74 -2.27 2.22
CA GLU A 455 33.60 -1.24 2.78
C GLU A 455 34.19 -1.59 4.15
N TRP A 456 33.32 -1.73 5.15
CA TRP A 456 33.74 -1.86 6.55
C TRP A 456 34.60 -0.68 6.99
N ASP A 457 34.13 0.53 6.70
CA ASP A 457 34.87 1.74 7.02
C ASP A 457 34.59 2.25 8.43
N LEU A 458 35.50 3.06 8.96
CA LEU A 458 35.33 3.66 10.27
C LEU A 458 35.81 5.11 10.25
N GLN A 459 34.86 6.03 10.10
CA GLN A 459 35.18 7.45 10.00
C GLN A 459 34.85 8.21 11.27
N GLU A 460 35.52 9.34 11.47
CA GLU A 460 35.31 10.18 12.64
C GLU A 460 35.81 11.60 12.37
N PHE A 461 35.12 12.29 11.47
CA PHE A 461 35.56 13.59 10.98
C PHE A 461 34.41 14.61 11.04
N LYS A 462 34.72 15.89 11.27
CA LYS A 462 36.06 16.41 11.53
C LYS A 462 35.98 17.66 12.42
N GLN A 463 37.13 18.14 12.86
CA GLN A 463 37.20 19.37 13.66
C GLN A 463 38.46 20.17 13.38
N LYS A 464 38.43 21.46 13.71
CA LYS A 464 39.60 22.32 13.55
C LYS A 464 39.90 23.08 14.84
N LYS A 465 41.17 23.42 15.03
CA LYS A 465 41.62 24.06 16.26
C LYS A 465 41.23 25.54 16.31
N ALA A 466 40.85 25.99 17.51
CA ALA A 466 40.46 27.38 17.72
C ALA A 466 40.73 27.80 19.16
N LYS A 467 40.88 26.82 20.05
CA LYS A 467 41.17 27.07 21.45
C LYS A 467 42.65 26.85 21.75
N LYS A 468 43.19 27.64 22.67
CA LYS A 468 44.63 27.68 22.93
C LYS A 468 44.90 28.14 24.37
N VAL A 469 46.04 27.77 24.97
CA VAL A 469 47.12 26.98 24.35
C VAL A 469 47.85 26.11 25.37
N LYS A 470 48.46 25.03 24.89
CA LYS A 470 49.47 24.27 25.64
C LYS A 470 48.97 23.69 26.96
N LYS A 471 47.81 23.05 26.94
CA LYS A 471 47.30 22.31 28.10
C LYS A 471 46.37 21.19 27.65
N GLU A 472 46.47 20.04 28.32
CA GLU A 472 45.70 18.86 27.92
C GLU A 472 44.22 18.99 28.30
N PRO A 473 43.34 18.87 27.29
CA PRO A 473 41.89 18.92 27.48
C PRO A 473 41.28 17.51 27.54
N ALA A 474 42.10 16.48 27.45
CA ALA A 474 41.63 15.11 27.40
C ALA A 474 41.38 14.53 28.78
N THR A 475 42.08 15.06 29.79
CA THR A 475 41.93 14.59 31.15
C THR A 475 41.42 15.69 32.07
N ALA A 476 41.25 16.88 31.52
CA ALA A 476 40.76 18.03 32.28
C ALA A 476 39.33 18.36 31.91
N LEU A 496 28.36 9.06 47.87
CA LEU A 496 27.66 8.07 48.69
C LEU A 496 26.97 8.74 49.87
N GLY A 497 26.89 10.06 49.84
CA GLY A 497 26.29 10.82 50.92
C GLY A 497 24.77 10.91 50.81
N PRO A 498 24.07 10.41 51.83
CA PRO A 498 22.59 10.44 51.88
C PRO A 498 22.04 11.74 52.43
N CYS A 499 20.98 12.26 51.82
CA CYS A 499 20.35 13.50 52.26
C CYS A 499 18.96 13.68 51.65
N SER A 500 18.44 14.90 51.72
CA SER A 500 17.13 15.24 51.18
C SER A 500 16.94 16.75 51.09
N GLU A 501 17.56 17.36 50.08
CA GLU A 501 17.51 18.82 49.94
C GLU A 501 16.64 19.24 48.75
N GLU A 502 15.95 20.36 48.91
CA GLU A 502 15.08 20.87 47.85
C GLU A 502 15.03 22.40 47.88
N GLU A 503 15.81 23.00 48.76
CA GLU A 503 15.85 24.45 48.90
C GLU A 503 16.35 25.13 47.64
N GLU A 504 17.11 24.39 46.84
CA GLU A 504 17.59 24.89 45.56
C GLU A 504 16.57 24.63 44.46
N PHE A 505 15.42 25.29 44.57
CA PHE A 505 14.32 25.09 43.64
C PHE A 505 14.70 25.52 42.22
N GLN A 506 15.61 26.47 42.12
CA GLN A 506 16.00 27.03 40.83
C GLN A 506 17.38 26.56 40.36
N GLN A 507 17.80 25.38 40.83
CA GLN A 507 19.04 24.79 40.34
C GLN A 507 18.75 24.04 39.04
N ASP A 508 17.49 23.68 38.85
CA ASP A 508 17.05 23.02 37.64
C ASP A 508 17.20 23.93 36.43
N VAL A 509 16.77 25.17 36.57
CA VAL A 509 16.89 26.15 35.49
C VAL A 509 18.35 26.61 35.36
N MET A 510 19.15 26.33 36.39
CA MET A 510 20.58 26.61 36.34
C MET A 510 21.27 25.58 35.45
N ALA A 511 20.91 24.31 35.67
CA ALA A 511 21.42 23.23 34.83
C ALA A 511 20.90 23.37 33.40
N ARG A 512 19.68 23.87 33.28
CA ARG A 512 19.07 24.13 31.97
C ARG A 512 19.81 25.23 31.24
N ALA A 513 20.07 26.34 31.92
CA ALA A 513 20.80 27.47 31.35
C ALA A 513 22.21 27.05 30.94
N CYS A 514 22.85 26.26 31.81
CA CYS A 514 24.17 25.71 31.50
C CYS A 514 24.11 24.86 30.24
N LEU A 515 23.07 24.03 30.14
CA LEU A 515 22.89 23.15 29.00
C LEU A 515 22.73 23.92 27.70
N GLN A 516 21.83 24.91 27.69
CA GLN A 516 21.57 25.69 26.48
C GLN A 516 22.76 26.55 26.10
N LYS A 517 23.45 27.11 27.09
CA LYS A 517 24.65 27.91 26.85
C LYS A 517 25.77 27.04 26.27
N LEU A 518 25.79 25.78 26.68
CA LEU A 518 26.76 24.82 26.16
C LEU A 518 26.40 24.37 24.75
N LYS A 519 25.10 24.36 24.46
CA LYS A 519 24.61 23.90 23.17
C LYS A 519 24.99 24.81 22.02
N GLY A 520 24.64 26.09 22.13
CA GLY A 520 24.82 27.04 21.05
C GLY A 520 26.24 27.55 20.86
N THR A 521 27.22 26.76 21.26
CA THR A 521 28.62 27.13 21.11
C THR A 521 29.40 26.06 20.36
N THR A 522 28.70 25.01 19.95
CA THR A 522 29.33 23.90 19.24
C THR A 522 28.83 23.83 17.81
N GLU A 523 27.75 24.57 17.54
CA GLU A 523 27.10 24.52 16.23
C GLU A 523 28.01 25.00 15.10
N LEU A 524 28.92 25.92 15.42
CA LEU A 524 29.81 26.47 14.41
C LEU A 524 31.06 25.61 14.21
N LEU A 525 31.18 24.55 14.99
CA LEU A 525 32.32 23.65 14.87
C LEU A 525 32.22 22.75 13.61
N PRO A 526 31.06 22.13 13.36
CA PRO A 526 30.96 21.43 12.08
C PRO A 526 30.34 22.31 11.00
N LYS A 527 29.78 21.69 9.97
CA LYS A 527 29.16 22.45 8.88
C LYS A 527 27.94 21.73 8.32
N ARG A 528 28.19 20.84 7.36
CA ARG A 528 27.13 20.07 6.73
C ARG A 528 27.02 18.68 7.36
N PRO A 529 25.87 18.38 7.97
CA PRO A 529 25.64 17.08 8.63
C PRO A 529 25.71 15.91 7.67
N GLN A 530 26.81 15.17 7.70
CA GLN A 530 26.99 14.02 6.84
C GLN A 530 26.30 12.78 7.41
N HIS A 531 26.35 11.69 6.67
CA HIS A 531 25.77 10.43 7.13
C HIS A 531 26.57 9.86 8.29
N LEU A 532 25.97 8.94 9.02
CA LEU A 532 26.59 8.36 10.21
C LEU A 532 27.92 7.66 9.89
N PRO A 533 29.03 8.25 10.36
CA PRO A 533 30.37 7.74 10.07
C PRO A 533 30.74 6.53 10.91
N GLY A 534 30.12 6.40 12.08
CA GLY A 534 30.42 5.30 12.98
C GLY A 534 30.09 3.94 12.37
N HIS A 535 29.04 3.90 11.57
CA HIS A 535 28.62 2.67 10.92
C HIS A 535 29.38 2.46 9.61
N PRO A 536 29.64 1.19 9.26
CA PRO A 536 30.35 0.82 8.02
C PRO A 536 29.71 1.37 6.75
N GLY A 537 30.49 1.49 5.68
CA GLY A 537 30.02 2.08 4.43
C GLY A 537 28.82 1.37 3.82
N TRP A 538 28.82 0.04 3.87
CA TRP A 538 27.72 -0.75 3.34
C TRP A 538 26.44 -0.45 4.12
N TYR A 539 26.60 -0.06 5.39
CA TYR A 539 25.46 0.26 6.24
C TYR A 539 25.02 1.71 6.02
N ARG A 540 25.97 2.58 5.66
CA ARG A 540 25.64 3.96 5.35
C ARG A 540 24.82 4.03 4.06
N LYS A 541 25.23 3.25 3.07
CA LYS A 541 24.53 3.21 1.79
C LYS A 541 23.12 2.61 1.96
N LEU A 542 22.96 1.78 2.98
CA LEU A 542 21.69 1.11 3.24
C LEU A 542 20.82 1.91 4.20
N CYS A 543 21.08 3.20 4.28
CA CYS A 543 20.31 4.09 5.15
C CYS A 543 19.89 5.36 4.42
N PRO A 544 18.70 5.88 4.75
CA PRO A 544 18.24 7.17 4.22
C PRO A 544 18.98 8.34 4.86
N ARG A 545 19.12 9.43 4.12
CA ARG A 545 19.82 10.61 4.61
C ARG A 545 19.08 11.24 5.80
N LEU A 546 19.82 11.89 6.70
CA LEU A 546 19.24 12.48 7.89
C LEU A 546 18.34 13.66 7.56
N ASP A 547 18.76 14.48 6.61
CA ASP A 547 18.00 15.67 6.23
C ASP A 547 16.99 15.38 5.11
N ASP A 548 16.54 14.12 5.05
CA ASP A 548 15.58 13.71 4.03
C ASP A 548 14.16 13.75 4.61
N PRO A 549 13.23 14.38 3.86
CA PRO A 549 11.83 14.55 4.28
C PRO A 549 11.12 13.23 4.55
N ALA A 550 11.60 12.14 3.95
CA ALA A 550 10.98 10.83 4.13
C ALA A 550 11.91 9.88 4.87
N TRP A 551 12.48 10.34 5.98
CA TRP A 551 13.43 9.54 6.74
C TRP A 551 12.74 8.50 7.61
N THR A 552 13.19 7.25 7.48
CA THR A 552 12.69 6.16 8.31
C THR A 552 13.82 5.63 9.18
N PRO A 553 13.51 5.20 10.41
CA PRO A 553 14.54 4.77 11.36
C PRO A 553 15.26 3.50 10.92
N GLY A 554 16.50 3.36 11.36
CA GLY A 554 17.30 2.20 11.04
C GLY A 554 17.65 2.13 9.56
N PRO A 555 18.11 0.96 9.11
CA PRO A 555 18.47 0.74 7.70
C PRO A 555 17.23 0.50 6.83
N SER A 556 16.97 1.43 5.92
CA SER A 556 15.86 1.27 4.98
C SER A 556 16.41 0.96 3.60
N LEU A 557 15.56 1.08 2.59
CA LEU A 557 15.95 0.84 1.20
C LEU A 557 16.45 -0.58 0.99
N LEU A 558 15.88 -1.52 1.74
CA LEU A 558 16.25 -2.92 1.62
C LEU A 558 15.60 -3.56 0.39
N SER A 559 16.30 -4.49 -0.24
CA SER A 559 15.89 -5.05 -1.52
C SER A 559 16.69 -6.33 -1.82
N LEU A 560 16.18 -7.30 -2.59
CA LEU A 560 14.82 -7.42 -3.15
C LEU A 560 14.31 -6.26 -4.02
N GLN A 561 14.88 -6.08 -5.22
CA GLN A 561 15.94 -6.95 -5.74
C GLN A 561 17.27 -6.22 -5.84
N MET A 562 17.98 -6.14 -4.71
CA MET A 562 19.30 -5.50 -4.69
C MET A 562 20.37 -6.52 -5.00
N ARG A 563 21.61 -6.22 -4.64
CA ARG A 563 22.74 -7.10 -4.92
C ARG A 563 23.62 -7.31 -3.70
N VAL A 564 23.26 -6.65 -2.59
CA VAL A 564 24.00 -6.78 -1.35
C VAL A 564 23.31 -7.75 -0.41
N THR A 565 22.01 -7.53 -0.20
CA THR A 565 21.21 -8.38 0.66
C THR A 565 21.04 -9.84 0.21
N PRO A 566 21.04 -10.13 -1.12
CA PRO A 566 20.94 -11.55 -1.44
C PRO A 566 22.19 -12.34 -1.04
N LYS A 567 23.34 -11.69 -1.12
CA LYS A 567 24.59 -12.31 -0.69
C LYS A 567 24.69 -12.26 0.82
N LEU A 568 23.97 -11.32 1.42
CA LEU A 568 24.01 -11.10 2.86
C LEU A 568 23.56 -12.32 3.68
N MET A 569 22.71 -13.17 3.09
CA MET A 569 22.11 -14.26 3.86
C MET A 569 22.10 -15.61 3.15
N ALA A 570 21.80 -15.61 1.86
CA ALA A 570 21.49 -16.84 1.13
C ALA A 570 22.71 -17.75 0.93
N LEU A 571 22.49 -19.04 1.13
CA LEU A 571 23.46 -20.06 0.75
C LEU A 571 23.38 -20.25 -0.76
N THR A 572 24.44 -20.77 -1.37
CA THR A 572 24.58 -20.71 -2.82
C THR A 572 24.76 -22.04 -3.51
N TRP A 573 23.66 -22.69 -3.86
CA TRP A 573 23.66 -23.89 -4.69
C TRP A 573 24.65 -24.96 -4.25
N ASP A 574 24.37 -25.60 -3.12
CA ASP A 574 25.25 -26.62 -2.55
C ASP A 574 26.66 -26.06 -2.29
N GLY A 575 26.73 -24.74 -2.12
CA GLY A 575 27.99 -24.07 -1.86
C GLY A 575 27.80 -22.98 -0.82
N PHE A 576 28.76 -22.07 -0.74
CA PHE A 576 28.71 -21.00 0.26
C PHE A 576 28.74 -19.59 -0.35
N PRO A 577 29.71 -19.29 -1.22
CA PRO A 577 29.74 -17.88 -1.64
C PRO A 577 29.02 -17.60 -2.95
N LEU A 578 28.44 -16.41 -3.05
CA LEU A 578 27.88 -15.92 -4.30
C LEU A 578 28.66 -14.67 -4.70
N HIS A 579 28.66 -14.36 -5.99
CA HIS A 579 29.43 -13.21 -6.45
C HIS A 579 28.81 -12.54 -7.66
N TYR A 580 29.35 -11.37 -8.00
CA TYR A 580 28.88 -10.61 -9.15
C TYR A 580 30.04 -9.87 -9.81
N SER A 581 30.03 -9.83 -11.13
CA SER A 581 31.05 -9.11 -11.90
C SER A 581 30.49 -8.71 -13.26
N GLU A 582 30.18 -9.71 -14.07
CA GLU A 582 29.49 -9.50 -15.34
C GLU A 582 28.14 -10.19 -15.26
N ARG A 583 28.01 -11.08 -14.27
CA ARG A 583 26.78 -11.80 -14.01
C ARG A 583 26.85 -12.37 -12.58
N HIS A 584 25.68 -12.55 -11.96
CA HIS A 584 25.63 -13.03 -10.58
C HIS A 584 25.87 -14.54 -10.53
N GLY A 585 25.26 -15.21 -9.55
CA GLY A 585 25.38 -16.65 -9.43
C GLY A 585 24.77 -17.36 -10.62
N TRP A 586 25.58 -18.14 -11.32
CA TRP A 586 25.15 -18.83 -12.53
C TRP A 586 24.02 -19.81 -12.25
N GLY A 587 22.96 -19.72 -13.06
CA GLY A 587 21.81 -20.58 -12.91
C GLY A 587 21.07 -20.80 -14.21
N TYR A 588 19.79 -20.41 -14.24
CA TYR A 588 18.98 -20.57 -15.44
C TYR A 588 18.65 -19.23 -16.07
N LEU A 589 19.16 -19.00 -17.28
CA LEU A 589 18.93 -17.77 -18.03
C LEU A 589 19.36 -16.54 -17.22
N ASN A 596 36.62 -36.58 -24.68
CA ASN A 596 35.79 -35.39 -24.65
C ASN A 596 35.74 -34.75 -23.26
N LEU A 597 36.92 -34.54 -22.68
CA LEU A 597 37.03 -33.96 -21.34
C LEU A 597 37.56 -32.52 -21.39
N ALA A 598 37.03 -31.67 -20.53
CA ALA A 598 37.47 -30.28 -20.46
C ALA A 598 38.09 -29.97 -19.09
N LYS A 599 39.25 -29.32 -19.10
CA LYS A 599 39.97 -29.01 -17.86
C LYS A 599 40.39 -27.54 -17.79
N LEU A 600 40.58 -27.05 -16.57
CA LEU A 600 41.05 -25.69 -16.34
C LEU A 600 41.97 -25.63 -15.12
N PRO A 601 43.11 -24.93 -15.25
CA PRO A 601 44.14 -24.88 -14.22
C PRO A 601 43.74 -24.09 -12.96
N THR A 602 44.63 -24.04 -11.99
CA THR A 602 44.40 -23.33 -10.75
C THR A 602 45.64 -22.54 -10.33
N GLY A 603 45.51 -21.72 -9.30
CA GLY A 603 46.62 -20.92 -8.83
C GLY A 603 46.31 -20.15 -7.56
N THR A 604 47.35 -19.93 -6.75
CA THR A 604 47.22 -19.19 -5.50
C THR A 604 48.53 -18.52 -5.12
N THR A 605 48.53 -17.19 -5.09
CA THR A 605 49.74 -16.43 -4.75
C THR A 605 49.39 -15.14 -3.99
N LEU A 606 50.37 -14.59 -3.29
CA LEU A 606 50.21 -13.32 -2.57
C LEU A 606 51.22 -12.29 -3.05
N GLU A 607 50.89 -11.01 -2.93
CA GLU A 607 51.79 -9.95 -3.40
C GLU A 607 51.59 -8.63 -2.66
N SER A 608 50.39 -8.42 -2.11
CA SER A 608 50.03 -7.22 -1.35
C SER A 608 50.00 -5.95 -2.23
N ALA A 609 48.98 -5.11 -2.04
CA ALA A 609 47.95 -5.32 -1.02
C ALA A 609 46.55 -5.32 -1.62
N GLY A 610 45.82 -6.39 -1.39
CA GLY A 610 44.42 -6.48 -1.81
C GLY A 610 43.57 -6.90 -0.62
N VAL A 611 42.26 -7.03 -0.83
CA VAL A 611 41.38 -7.46 0.24
C VAL A 611 41.55 -8.96 0.50
N VAL A 612 41.53 -9.34 1.76
CA VAL A 612 41.74 -10.73 2.15
C VAL A 612 40.55 -11.61 1.74
N CYS A 613 40.85 -12.71 1.06
CA CYS A 613 39.80 -13.63 0.61
C CYS A 613 39.90 -14.98 1.31
N PRO A 614 38.92 -15.28 2.18
CA PRO A 614 38.85 -16.57 2.88
C PRO A 614 38.30 -17.68 1.98
N TYR A 615 38.76 -18.92 2.20
CA TYR A 615 38.29 -20.05 1.41
C TYR A 615 38.32 -21.34 2.23
N ARG A 616 38.41 -21.20 3.54
CA ARG A 616 38.36 -22.35 4.43
C ARG A 616 36.96 -22.49 5.02
N ALA A 617 36.37 -21.36 5.36
CA ALA A 617 34.99 -21.33 5.85
C ALA A 617 34.04 -21.82 4.77
N ILE A 618 34.45 -21.66 3.51
CA ILE A 618 33.69 -22.16 2.38
C ILE A 618 33.67 -23.68 2.39
N GLU A 619 34.85 -24.28 2.51
CA GLU A 619 34.99 -25.73 2.52
C GLU A 619 34.27 -26.32 3.73
N SER A 620 34.39 -25.66 4.87
CA SER A 620 33.74 -26.12 6.09
C SER A 620 32.22 -26.01 5.97
N LEU A 621 31.75 -24.96 5.29
CA LEU A 621 30.32 -24.78 5.06
C LEU A 621 29.81 -25.89 4.14
N TYR A 622 30.64 -26.27 3.18
CA TYR A 622 30.30 -27.38 2.29
C TYR A 622 30.24 -28.68 3.08
N ARG A 623 31.14 -28.83 4.05
CA ARG A 623 31.13 -29.98 4.93
C ARG A 623 29.85 -30.04 5.76
N LYS A 624 29.42 -28.89 6.27
CA LYS A 624 28.20 -28.80 7.05
C LYS A 624 26.97 -29.08 6.20
N HIS A 625 27.04 -28.68 4.93
CA HIS A 625 25.92 -28.86 4.01
C HIS A 625 25.69 -30.33 3.66
N CYS A 626 26.78 -31.07 3.45
CA CYS A 626 26.68 -32.47 3.09
C CYS A 626 26.71 -33.38 4.32
N LEU A 627 26.46 -32.79 5.49
CA LEU A 627 26.47 -33.54 6.73
C LEU A 627 25.22 -34.40 6.85
N GLU A 628 24.13 -33.93 6.24
CA GLU A 628 22.85 -34.64 6.29
C GLU A 628 22.91 -35.95 5.53
N PRO A 704 38.14 -26.39 -8.56
CA PRO A 704 37.47 -26.29 -9.87
C PRO A 704 36.94 -27.64 -10.35
N TYR A 705 37.60 -28.72 -9.96
CA TYR A 705 37.19 -30.07 -10.36
C TYR A 705 37.43 -31.06 -9.22
N ASN A 706 36.51 -32.01 -9.06
CA ASN A 706 35.34 -32.15 -9.92
C ASN A 706 34.12 -31.43 -9.35
N ASP A 707 32.95 -32.04 -9.50
CA ASP A 707 31.68 -31.48 -9.03
C ASP A 707 31.42 -30.09 -9.61
N VAL A 708 31.31 -30.02 -10.93
CA VAL A 708 31.07 -28.75 -11.60
C VAL A 708 29.92 -28.87 -12.60
N ASP A 709 29.66 -30.10 -13.06
CA ASP A 709 28.59 -30.34 -14.02
C ASP A 709 27.22 -30.17 -13.38
N ILE A 710 26.74 -31.22 -12.72
CA ILE A 710 25.44 -31.19 -12.07
C ILE A 710 25.52 -30.74 -10.58
N PRO A 711 26.55 -31.18 -9.83
CA PRO A 711 26.61 -30.65 -8.46
C PRO A 711 27.00 -29.17 -8.41
N GLY A 712 27.20 -28.65 -7.20
CA GLY A 712 27.54 -27.25 -7.02
C GLY A 712 28.69 -27.02 -6.06
N CYS A 713 29.68 -26.26 -6.51
CA CYS A 713 30.83 -25.93 -5.68
C CYS A 713 31.55 -24.69 -6.22
N TRP A 714 32.18 -23.94 -5.32
CA TRP A 714 32.94 -22.75 -5.71
C TRP A 714 34.43 -23.01 -5.54
N PHE A 715 35.22 -22.44 -6.45
CA PHE A 715 36.66 -22.66 -6.46
C PHE A 715 37.38 -21.86 -5.37
N PHE A 716 38.36 -21.06 -5.77
CA PHE A 716 39.14 -20.27 -4.83
C PHE A 716 39.11 -18.78 -5.19
N LYS A 717 39.72 -18.43 -6.31
CA LYS A 717 39.75 -17.05 -6.77
C LYS A 717 39.41 -16.93 -8.25
N LEU A 718 40.44 -17.03 -9.09
CA LEU A 718 40.34 -16.88 -10.55
C LEU A 718 39.82 -15.46 -10.94
N PRO A 719 38.50 -15.24 -11.18
CA PRO A 719 37.19 -15.90 -11.33
C PRO A 719 36.77 -16.08 -12.79
N HIS A 720 36.16 -17.23 -13.09
CA HIS A 720 35.64 -17.49 -14.43
C HIS A 720 34.40 -18.39 -14.38
N LYS A 721 33.90 -18.76 -15.55
CA LYS A 721 32.70 -19.60 -15.63
C LYS A 721 32.95 -21.01 -15.10
N ASP A 722 33.72 -21.78 -15.87
CA ASP A 722 34.12 -23.13 -15.50
C ASP A 722 32.92 -24.06 -15.27
N GLY A 723 31.90 -23.94 -16.12
CA GLY A 723 30.74 -24.82 -16.02
C GLY A 723 29.43 -24.08 -15.85
N ASN A 724 29.10 -23.22 -16.82
CA ASN A 724 27.85 -22.47 -16.79
C ASN A 724 27.00 -22.73 -18.03
N SER A 725 25.68 -22.57 -17.88
CA SER A 725 24.76 -22.81 -18.99
C SER A 725 24.19 -21.50 -19.54
N CYS A 726 23.85 -20.59 -18.63
CA CYS A 726 23.27 -19.30 -19.02
C CYS A 726 24.35 -18.36 -19.55
N ASN A 727 24.02 -17.59 -20.59
CA ASN A 727 24.96 -16.66 -21.19
C ASN A 727 24.61 -15.21 -20.86
N VAL A 728 23.99 -15.00 -19.70
CA VAL A 728 23.58 -13.66 -19.30
C VAL A 728 23.72 -13.44 -17.79
N GLY A 729 23.24 -14.40 -17.00
CA GLY A 729 23.25 -14.28 -15.57
C GLY A 729 21.88 -13.90 -15.05
N SER A 730 21.75 -13.76 -13.73
CA SER A 730 20.45 -13.47 -13.14
C SER A 730 20.57 -12.87 -11.72
N PRO A 731 20.73 -11.55 -11.63
CA PRO A 731 20.70 -10.83 -10.36
C PRO A 731 19.37 -10.12 -10.11
N PHE A 732 18.54 -10.65 -9.21
CA PHE A 732 18.87 -11.85 -8.45
C PHE A 732 17.81 -12.93 -8.66
N ALA A 733 18.10 -14.14 -8.20
CA ALA A 733 17.18 -15.27 -8.29
C ALA A 733 15.81 -14.93 -7.68
N LYS A 734 14.88 -14.52 -8.53
CA LYS A 734 13.56 -14.08 -8.07
C LYS A 734 12.42 -14.92 -8.66
N ASP A 735 12.76 -15.87 -9.52
CA ASP A 735 11.76 -16.77 -10.07
C ASP A 735 12.27 -18.21 -10.07
N PHE A 736 12.85 -18.62 -8.94
CA PHE A 736 13.35 -19.98 -8.80
C PHE A 736 12.74 -20.66 -7.57
N LEU A 737 11.44 -20.47 -7.39
CA LEU A 737 10.70 -21.12 -6.31
C LEU A 737 10.78 -22.66 -6.35
N PRO A 738 10.63 -23.27 -7.54
CA PRO A 738 10.81 -24.72 -7.53
C PRO A 738 12.25 -25.12 -7.27
N LYS A 739 13.19 -24.20 -7.50
CA LYS A 739 14.59 -24.44 -7.21
C LYS A 739 14.95 -23.82 -5.86
N MET A 740 13.92 -23.61 -5.04
CA MET A 740 14.11 -23.07 -3.70
C MET A 740 13.34 -23.92 -2.70
N GLU A 741 12.29 -24.57 -3.20
CA GLU A 741 11.47 -25.46 -2.37
C GLU A 741 11.72 -26.92 -2.72
N ASP A 742 12.97 -27.24 -3.04
CA ASP A 742 13.36 -28.61 -3.35
C ASP A 742 14.72 -28.92 -2.74
N GLY A 743 15.19 -28.05 -1.85
CA GLY A 743 16.49 -28.20 -1.24
C GLY A 743 17.48 -27.19 -1.77
N THR A 744 18.03 -27.46 -2.95
CA THR A 744 18.97 -26.55 -3.60
C THR A 744 18.24 -25.59 -4.53
N LEU A 745 18.35 -24.30 -4.27
CA LEU A 745 19.16 -23.78 -3.16
C LEU A 745 18.30 -23.32 -2.00
N GLN A 746 18.94 -23.05 -0.87
CA GLN A 746 18.23 -22.57 0.32
C GLN A 746 18.98 -21.40 0.96
N ALA A 747 18.42 -20.87 2.05
CA ALA A 747 19.04 -19.75 2.76
C ALA A 747 19.27 -20.09 4.22
N GLY A 748 20.15 -19.32 4.86
CA GLY A 748 20.46 -19.53 6.26
C GLY A 748 21.32 -18.41 6.83
N PRO A 749 20.89 -17.83 7.96
CA PRO A 749 19.65 -18.18 8.66
C PRO A 749 18.42 -17.52 8.03
N GLY A 750 17.35 -18.29 7.83
CA GLY A 750 17.36 -19.71 8.17
C GLY A 750 15.98 -20.33 8.14
N GLY A 751 15.92 -21.59 7.71
CA GLY A 751 14.66 -22.32 7.65
C GLY A 751 13.87 -22.06 6.38
N ALA A 752 12.60 -21.70 6.55
CA ALA A 752 11.73 -21.43 5.41
C ALA A 752 11.60 -19.93 5.15
N SER A 753 12.52 -19.15 5.71
CA SER A 753 12.52 -17.71 5.51
C SER A 753 12.82 -17.37 4.06
N GLY A 754 13.64 -18.20 3.42
CA GLY A 754 13.97 -18.05 2.02
C GLY A 754 12.78 -18.10 1.09
N PRO A 755 12.13 -19.29 1.00
CA PRO A 755 10.96 -19.45 0.13
C PRO A 755 9.83 -18.48 0.45
N ARG A 756 9.71 -18.09 1.72
CA ARG A 756 8.71 -17.10 2.11
C ARG A 756 9.08 -15.72 1.58
N ALA A 757 10.38 -15.40 1.61
CA ALA A 757 10.85 -14.13 1.06
C ALA A 757 10.62 -14.07 -0.44
N LEU A 758 10.88 -15.19 -1.12
CA LEU A 758 10.63 -15.29 -2.55
C LEU A 758 9.14 -15.16 -2.85
N GLU A 759 8.31 -15.73 -1.97
CA GLU A 759 6.86 -15.59 -2.09
C GLU A 759 6.43 -14.13 -1.97
N ILE A 760 6.97 -13.44 -0.98
CA ILE A 760 6.70 -12.03 -0.76
C ILE A 760 7.09 -11.22 -1.99
N ASN A 761 8.25 -11.55 -2.57
CA ASN A 761 8.70 -10.89 -3.79
C ASN A 761 7.75 -11.13 -4.96
N LYS A 762 7.30 -12.36 -5.09
CA LYS A 762 6.43 -12.73 -6.21
C LYS A 762 5.06 -12.07 -6.09
N MET A 763 4.59 -11.92 -4.85
CA MET A 763 3.28 -11.32 -4.61
C MET A 763 3.22 -9.86 -5.06
N ILE A 764 4.21 -9.08 -4.65
CA ILE A 764 4.20 -7.65 -4.94
C ILE A 764 5.01 -7.29 -6.18
N SER A 765 5.32 -8.28 -7.01
CA SER A 765 6.11 -8.06 -8.21
C SER A 765 5.37 -7.17 -9.21
N PHE A 766 4.06 -7.37 -9.32
CA PHE A 766 3.26 -6.59 -10.26
C PHE A 766 2.98 -5.18 -9.75
N TRP A 767 2.55 -5.09 -8.50
CA TRP A 767 2.17 -3.81 -7.93
C TRP A 767 3.37 -2.88 -7.74
N ARG A 768 4.56 -3.45 -7.71
CA ARG A 768 5.76 -2.65 -7.58
C ARG A 768 6.00 -1.84 -8.84
N ASN A 769 5.72 -2.45 -10.00
CA ASN A 769 5.98 -1.83 -11.28
C ASN A 769 4.73 -1.34 -11.99
N ALA A 770 3.73 -0.92 -11.22
CA ALA A 770 2.46 -0.50 -11.82
C ALA A 770 1.64 0.40 -10.90
N HIS A 771 1.96 0.41 -9.61
CA HIS A 771 1.18 1.16 -8.62
C HIS A 771 1.06 2.64 -8.99
N LYS A 772 2.09 3.17 -9.62
CA LYS A 772 2.07 4.56 -10.09
C LYS A 772 1.01 4.73 -11.16
N ARG A 773 1.03 3.84 -12.15
CA ARG A 773 0.10 3.92 -13.27
C ARG A 773 -1.34 3.66 -12.86
N ILE A 774 -1.52 2.83 -11.83
CA ILE A 774 -2.85 2.49 -11.35
C ILE A 774 -3.44 3.58 -10.47
N SER A 775 -2.63 4.08 -9.53
CA SER A 775 -3.08 5.09 -8.59
C SER A 775 -3.28 6.45 -9.27
N SER A 776 -2.42 6.75 -10.24
CA SER A 776 -2.52 8.01 -10.96
C SER A 776 -3.56 7.94 -12.06
N GLN A 777 -4.02 6.73 -12.35
CA GLN A 777 -5.06 6.51 -13.34
C GLN A 777 -6.31 7.27 -12.95
N MET A 778 -6.50 8.44 -13.55
CA MET A 778 -7.61 9.31 -13.18
C MET A 778 -8.96 8.72 -13.57
N VAL A 779 -10.02 9.35 -13.09
CA VAL A 779 -11.38 8.91 -13.36
C VAL A 779 -12.36 10.03 -13.03
N VAL A 780 -13.21 10.37 -13.99
CA VAL A 780 -14.19 11.43 -13.80
C VAL A 780 -15.53 10.88 -13.33
N TRP A 781 -16.05 11.42 -12.24
CA TRP A 781 -17.34 11.02 -11.71
C TRP A 781 -18.45 11.90 -12.27
N LEU A 782 -19.46 11.28 -12.88
CA LEU A 782 -20.60 12.03 -13.39
C LEU A 782 -21.76 12.02 -12.39
N PRO A 783 -22.34 13.20 -12.14
CA PRO A 783 -23.41 13.36 -11.15
C PRO A 783 -24.72 12.71 -11.59
N ARG A 784 -25.71 12.73 -10.70
CA ARG A 784 -26.99 12.08 -10.97
C ARG A 784 -27.84 12.90 -11.94
N SER A 785 -27.34 14.03 -12.37
CA SER A 785 -28.05 14.88 -13.32
C SER A 785 -27.66 14.55 -14.75
N ALA A 786 -26.44 14.05 -14.94
CA ALA A 786 -25.93 13.77 -16.27
C ALA A 786 -25.70 12.27 -16.48
N LEU A 787 -26.70 11.47 -16.12
CA LEU A 787 -26.64 10.03 -16.36
C LEU A 787 -28.00 9.50 -16.79
N PRO A 788 -28.01 8.39 -17.55
CA PRO A 788 -29.27 7.79 -17.99
C PRO A 788 -30.21 7.46 -16.84
N ARG A 789 -31.38 8.08 -16.84
CA ARG A 789 -32.37 7.89 -15.77
C ARG A 789 -32.93 6.47 -15.80
N ALA A 790 -32.73 5.78 -16.91
CA ALA A 790 -33.13 4.38 -17.04
C ALA A 790 -32.27 3.50 -16.12
N VAL A 791 -31.13 4.04 -15.71
CA VAL A 791 -30.26 3.35 -14.75
C VAL A 791 -30.73 3.67 -13.34
N ILE A 792 -31.21 4.88 -13.13
CA ILE A 792 -31.78 5.28 -11.85
C ILE A 792 -33.03 4.44 -11.54
N ARG A 793 -33.82 4.18 -12.57
CA ARG A 793 -35.01 3.34 -12.42
C ARG A 793 -34.63 1.91 -12.03
N HIS A 794 -33.46 1.46 -12.48
CA HIS A 794 -32.93 0.16 -12.13
C HIS A 794 -32.64 0.11 -10.63
N PRO A 795 -33.03 -0.98 -9.96
CA PRO A 795 -32.92 -1.13 -8.50
C PRO A 795 -31.49 -1.05 -7.94
N ASP A 796 -30.75 -0.02 -8.33
CA ASP A 796 -29.41 0.21 -7.82
C ASP A 796 -29.06 1.69 -7.90
N TYR A 797 -28.57 2.26 -6.80
CA TYR A 797 -28.15 3.66 -6.78
C TYR A 797 -26.63 3.90 -6.75
N ASP A 798 -25.85 3.22 -5.89
CA ASP A 798 -26.29 2.24 -4.90
C ASP A 798 -25.82 2.63 -3.51
N GLU A 799 -26.78 3.00 -2.65
CA GLU A 799 -26.51 3.42 -1.28
C GLU A 799 -25.49 4.56 -1.25
N GLU A 800 -25.88 5.70 -1.79
CA GLU A 800 -25.03 6.88 -1.90
C GLU A 800 -23.74 6.56 -2.65
N GLY A 801 -23.85 5.74 -3.69
CA GLY A 801 -22.70 5.33 -4.46
C GLY A 801 -22.42 6.25 -5.65
N LEU A 802 -21.14 6.46 -5.93
CA LEU A 802 -20.73 7.31 -7.03
C LEU A 802 -20.38 6.49 -8.26
N TYR A 803 -20.97 6.83 -9.40
CA TYR A 803 -20.66 6.17 -10.66
C TYR A 803 -19.89 7.11 -11.57
N GLY A 804 -18.87 6.57 -12.23
CA GLY A 804 -18.06 7.36 -13.15
C GLY A 804 -17.42 6.47 -14.19
N ALA A 805 -16.39 6.99 -14.84
CA ALA A 805 -15.67 6.24 -15.86
C ALA A 805 -14.33 6.86 -16.19
N ILE A 806 -13.53 6.15 -16.99
CA ILE A 806 -12.26 6.64 -17.48
C ILE A 806 -12.00 6.11 -18.88
N LEU A 807 -11.52 7.00 -19.76
CA LEU A 807 -11.11 6.60 -21.09
C LEU A 807 -9.68 6.07 -21.01
N PRO A 808 -9.47 4.82 -21.47
CA PRO A 808 -8.19 4.10 -21.41
C PRO A 808 -7.01 4.88 -21.94
N GLN A 809 -7.25 5.91 -22.76
CA GLN A 809 -6.20 6.74 -23.29
C GLN A 809 -5.18 5.89 -24.06
N VAL A 810 -5.58 5.49 -25.26
CA VAL A 810 -4.79 4.54 -26.05
C VAL A 810 -4.35 5.13 -27.39
N VAL A 811 -3.07 5.00 -27.69
CA VAL A 811 -2.56 5.33 -29.02
C VAL A 811 -3.15 4.37 -30.03
N THR A 812 -3.87 4.91 -31.01
CA THR A 812 -4.64 4.13 -31.97
C THR A 812 -3.83 3.06 -32.69
N ALA A 813 -2.60 3.39 -33.07
CA ALA A 813 -1.77 2.47 -33.83
C ALA A 813 -0.29 2.59 -33.47
N GLY A 814 0.28 1.50 -32.96
CA GLY A 814 1.69 1.46 -32.65
C GLY A 814 2.32 0.20 -33.21
N THR A 815 3.58 0.32 -33.66
CA THR A 815 4.31 -0.82 -34.20
C THR A 815 4.33 -1.97 -33.20
N ILE A 816 4.19 -3.20 -33.68
CA ILE A 816 3.78 -3.52 -35.05
C ILE A 816 2.75 -4.64 -34.86
N THR A 817 1.69 -4.66 -35.65
CA THR A 817 1.48 -3.71 -36.74
C THR A 817 0.26 -2.85 -36.51
N ARG A 818 0.50 -1.58 -36.15
CA ARG A 818 -0.58 -0.64 -35.87
C ARG A 818 -1.47 -1.14 -34.73
N ARG A 819 -0.88 -1.93 -33.83
CA ARG A 819 -1.60 -2.43 -32.66
C ARG A 819 -1.86 -1.31 -31.68
N ALA A 820 -2.62 -1.61 -30.63
CA ALA A 820 -2.90 -0.65 -29.59
C ALA A 820 -1.69 -0.48 -28.68
N VAL A 821 -1.48 0.74 -28.18
CA VAL A 821 -0.40 1.02 -27.24
C VAL A 821 -0.90 1.83 -26.05
N GLU A 822 -0.96 1.19 -24.88
CA GLU A 822 -1.46 1.84 -23.68
C GLU A 822 -0.63 1.44 -22.46
N PRO A 823 -0.15 2.45 -21.71
CA PRO A 823 0.77 2.29 -20.57
C PRO A 823 0.28 1.36 -19.46
N THR A 824 -1.03 1.28 -19.25
CA THR A 824 -1.55 0.61 -18.06
C THR A 824 -2.39 -0.63 -18.37
N TRP A 825 -3.44 -0.46 -19.16
CA TRP A 825 -4.45 -1.49 -19.33
C TRP A 825 -4.08 -2.61 -20.29
N LEU A 826 -3.05 -2.39 -21.10
CA LEU A 826 -2.59 -3.44 -22.01
C LEU A 826 -1.59 -4.35 -21.31
N THR A 827 -0.95 -3.83 -20.26
CA THR A 827 -0.03 -4.63 -19.46
C THR A 827 -0.67 -4.96 -18.12
N ALA A 828 -2.00 -4.90 -18.08
CA ALA A 828 -2.76 -5.18 -16.88
C ALA A 828 -2.72 -6.67 -16.54
N SER A 829 -2.30 -6.99 -15.32
CA SER A 829 -2.19 -8.38 -14.88
C SER A 829 -3.54 -9.07 -14.88
N ASN A 830 -3.53 -10.39 -15.08
CA ASN A 830 -4.74 -11.18 -15.07
C ASN A 830 -5.16 -11.56 -13.66
N ALA A 831 -6.09 -12.51 -13.55
CA ALA A 831 -6.62 -12.91 -12.25
C ALA A 831 -5.81 -14.05 -11.64
N ARG A 832 -4.83 -13.69 -10.83
CA ARG A 832 -4.01 -14.68 -10.12
C ARG A 832 -4.18 -14.53 -8.62
N PRO A 833 -4.33 -15.67 -7.90
CA PRO A 833 -4.51 -15.68 -6.45
C PRO A 833 -3.21 -15.40 -5.70
N ASP A 834 -2.17 -15.01 -6.44
CA ASP A 834 -0.87 -14.73 -5.85
C ASP A 834 -0.54 -13.24 -5.87
N ARG A 835 -0.80 -12.60 -6.99
CA ARG A 835 -0.45 -11.19 -7.18
C ARG A 835 -1.38 -10.27 -6.38
N VAL A 836 -0.86 -9.13 -5.98
CA VAL A 836 -1.62 -8.19 -5.15
C VAL A 836 -2.70 -7.46 -5.94
N GLY A 837 -2.28 -6.64 -6.91
CA GLY A 837 -3.23 -5.89 -7.70
C GLY A 837 -3.75 -6.65 -8.90
N SER A 838 -3.99 -7.94 -8.71
CA SER A 838 -4.42 -8.83 -9.79
C SER A 838 -5.89 -8.61 -10.16
N GLU A 839 -6.57 -7.79 -9.38
CA GLU A 839 -8.01 -7.55 -9.59
C GLU A 839 -8.23 -6.35 -10.51
N LEU A 840 -7.14 -5.72 -10.92
CA LEU A 840 -7.20 -4.51 -11.76
C LEU A 840 -8.05 -4.72 -13.00
N LYS A 841 -7.98 -5.92 -13.57
CA LYS A 841 -8.72 -6.24 -14.78
C LYS A 841 -10.21 -6.34 -14.51
N ALA A 842 -10.57 -6.86 -13.33
CA ALA A 842 -11.97 -7.11 -13.00
C ALA A 842 -12.60 -5.98 -12.19
N MET A 843 -11.99 -4.79 -12.26
CA MET A 843 -12.52 -3.64 -11.53
C MET A 843 -13.38 -2.75 -12.42
N VAL A 844 -13.29 -2.96 -13.73
CA VAL A 844 -14.14 -2.23 -14.66
C VAL A 844 -15.56 -2.79 -14.58
N GLN A 845 -16.32 -2.26 -13.63
CA GLN A 845 -17.67 -2.76 -13.36
C GLN A 845 -18.72 -1.97 -14.14
N ALA A 846 -19.49 -2.69 -14.96
CA ALA A 846 -20.54 -2.07 -15.75
C ALA A 846 -21.63 -1.52 -14.85
N PRO A 847 -22.17 -0.34 -15.20
CA PRO A 847 -23.26 0.29 -14.46
C PRO A 847 -24.50 -0.60 -14.41
N PRO A 848 -25.32 -0.45 -13.37
CA PRO A 848 -26.55 -1.24 -13.24
C PRO A 848 -27.49 -1.05 -14.43
N GLY A 849 -28.06 -2.14 -14.91
CA GLY A 849 -28.88 -2.10 -16.11
C GLY A 849 -28.04 -2.45 -17.32
N TYR A 850 -26.74 -2.21 -17.21
CA TYR A 850 -25.79 -2.52 -18.28
C TYR A 850 -24.94 -3.73 -17.92
N THR A 851 -24.43 -4.39 -18.95
CA THR A 851 -23.52 -5.51 -18.78
C THR A 851 -22.60 -5.61 -20.00
N LEU A 852 -21.38 -6.06 -19.80
CA LEU A 852 -20.45 -6.19 -20.92
C LEU A 852 -20.47 -7.59 -21.52
N VAL A 853 -20.40 -7.62 -22.85
CA VAL A 853 -20.36 -8.83 -23.64
C VAL A 853 -19.13 -8.81 -24.55
N GLY A 854 -18.22 -9.76 -24.34
CA GLY A 854 -16.99 -9.80 -25.11
C GLY A 854 -16.61 -11.18 -25.59
N ALA A 855 -15.52 -11.26 -26.36
CA ALA A 855 -15.07 -12.54 -26.91
C ALA A 855 -13.57 -12.54 -27.20
N ASP A 856 -12.98 -13.73 -27.20
CA ASP A 856 -11.55 -13.92 -27.43
C ASP A 856 -11.32 -14.88 -28.59
N VAL A 857 -10.65 -14.41 -29.63
CA VAL A 857 -10.44 -15.21 -30.84
C VAL A 857 -9.53 -16.41 -30.59
N ASP A 858 -10.07 -17.60 -30.87
CA ASP A 858 -9.35 -18.84 -30.62
C ASP A 858 -9.41 -19.77 -31.84
N SER A 859 -8.35 -19.74 -32.65
CA SER A 859 -7.22 -18.85 -32.45
C SER A 859 -7.05 -17.96 -33.68
N GLN A 860 -6.32 -16.86 -33.55
CA GLN A 860 -6.18 -15.97 -34.70
C GLN A 860 -4.89 -16.20 -35.48
N GLU A 861 -3.72 -15.97 -34.89
CA GLU A 861 -2.48 -15.97 -35.65
C GLU A 861 -2.07 -17.35 -36.15
N LEU A 862 -2.41 -18.37 -35.38
CA LEU A 862 -2.14 -19.75 -35.77
C LEU A 862 -2.90 -20.10 -37.04
N TRP A 863 -4.21 -19.87 -37.01
CA TRP A 863 -5.08 -20.13 -38.15
C TRP A 863 -4.74 -19.22 -39.33
N ILE A 864 -4.22 -18.04 -39.02
CA ILE A 864 -3.75 -17.09 -40.03
C ILE A 864 -2.58 -17.69 -40.79
N ALA A 865 -1.59 -18.16 -40.06
CA ALA A 865 -0.43 -18.81 -40.68
C ALA A 865 -0.87 -20.04 -41.47
N ALA A 866 -1.81 -20.79 -40.90
CA ALA A 866 -2.38 -21.97 -41.55
C ALA A 866 -2.96 -21.62 -42.91
N VAL A 867 -3.81 -20.60 -42.93
CA VAL A 867 -4.44 -20.14 -44.17
C VAL A 867 -3.41 -19.64 -45.16
N LEU A 868 -2.44 -18.87 -44.68
CA LEU A 868 -1.35 -18.37 -45.53
C LEU A 868 -0.54 -19.51 -46.12
N GLY A 869 -0.62 -20.68 -45.50
CA GLY A 869 0.03 -21.87 -46.03
C GLY A 869 -0.82 -22.62 -47.05
N ASP A 870 -2.05 -22.94 -46.68
CA ASP A 870 -2.93 -23.76 -47.52
C ASP A 870 -3.40 -23.02 -48.77
N ALA A 871 -3.64 -21.73 -48.64
CA ALA A 871 -4.09 -20.93 -49.77
C ALA A 871 -2.97 -20.76 -50.79
N HIS A 872 -1.74 -20.85 -50.33
CA HIS A 872 -0.58 -20.77 -51.20
C HIS A 872 -0.30 -22.12 -51.84
N PHE A 873 -0.50 -23.19 -51.08
CA PHE A 873 -0.27 -24.54 -51.58
C PHE A 873 -1.34 -24.94 -52.60
N ALA A 874 -2.61 -24.78 -52.23
CA ALA A 874 -3.71 -25.11 -53.11
C ALA A 874 -4.92 -24.20 -52.87
N GLY A 875 -6.12 -24.77 -53.05
CA GLY A 875 -7.34 -23.99 -52.93
C GLY A 875 -8.08 -24.23 -51.63
N MET A 876 -8.05 -25.47 -51.14
CA MET A 876 -8.76 -25.82 -49.91
C MET A 876 -7.98 -25.37 -48.68
N HIS A 877 -8.58 -25.51 -47.51
CA HIS A 877 -7.99 -25.04 -46.26
C HIS A 877 -7.18 -26.11 -45.54
N GLY A 878 -7.45 -27.37 -45.84
CA GLY A 878 -6.78 -28.46 -45.17
C GLY A 878 -5.81 -29.20 -46.09
N CYS A 879 -5.05 -28.47 -46.88
CA CYS A 879 -4.11 -29.07 -47.81
C CYS A 879 -2.67 -28.88 -47.37
N THR A 880 -2.48 -28.69 -46.06
CA THR A 880 -1.14 -28.55 -45.49
C THR A 880 -0.99 -29.37 -44.21
N ALA A 881 0.24 -29.76 -43.90
CA ALA A 881 0.51 -30.56 -42.71
C ALA A 881 0.28 -29.75 -41.44
N PHE A 882 0.58 -28.46 -41.50
CA PHE A 882 0.42 -27.58 -40.35
C PHE A 882 -0.98 -27.00 -40.28
N GLY A 883 -1.54 -26.66 -41.45
CA GLY A 883 -2.84 -26.00 -41.52
C GLY A 883 -4.02 -26.93 -41.29
N TRP A 884 -3.75 -28.21 -41.09
CA TRP A 884 -4.81 -29.19 -40.89
C TRP A 884 -5.08 -29.41 -39.40
N MET A 885 -4.03 -29.36 -38.60
CA MET A 885 -4.13 -29.60 -37.17
C MET A 885 -4.71 -28.39 -36.43
N THR A 886 -4.58 -27.21 -37.04
CA THR A 886 -5.07 -25.99 -36.44
C THR A 886 -6.60 -25.96 -36.37
N LEU A 887 -7.24 -26.31 -37.48
CA LEU A 887 -8.68 -26.28 -37.58
C LEU A 887 -9.30 -27.66 -37.33
N GLN A 888 -8.67 -28.44 -36.47
CA GLN A 888 -9.12 -29.80 -36.21
C GLN A 888 -9.57 -29.98 -34.76
N GLY A 889 -8.92 -29.29 -33.83
CA GLY A 889 -9.21 -29.44 -32.43
C GLY A 889 -10.19 -28.43 -31.88
N ARG A 890 -10.98 -28.83 -30.89
CA ARG A 890 -11.93 -27.94 -30.24
C ARG A 890 -11.58 -27.80 -28.76
N LYS A 891 -11.62 -26.58 -28.25
CA LYS A 891 -11.26 -26.32 -26.86
C LYS A 891 -12.30 -26.86 -25.90
N SER A 892 -13.55 -26.94 -26.36
CA SER A 892 -14.62 -27.49 -25.53
C SER A 892 -14.53 -29.01 -25.48
N ARG A 893 -14.35 -29.53 -24.26
CA ARG A 893 -14.16 -30.96 -23.98
C ARG A 893 -13.34 -31.71 -25.04
N GLY A 894 -12.32 -31.04 -25.57
CA GLY A 894 -11.50 -31.62 -26.60
C GLY A 894 -10.04 -31.27 -26.45
N THR A 895 -9.37 -31.01 -27.58
CA THR A 895 -7.95 -30.72 -27.56
C THR A 895 -7.52 -29.94 -28.81
N ASP A 896 -7.14 -28.68 -28.60
CA ASP A 896 -6.67 -27.82 -29.70
C ASP A 896 -5.26 -28.24 -30.12
N LEU A 897 -4.69 -27.49 -31.06
CA LEU A 897 -3.32 -27.74 -31.49
C LEU A 897 -2.35 -27.42 -30.36
N HIS A 898 -2.55 -26.28 -29.72
CA HIS A 898 -1.76 -25.88 -28.56
C HIS A 898 -1.89 -26.92 -27.45
N SER A 899 -3.11 -27.40 -27.25
CA SER A 899 -3.39 -28.40 -26.23
C SER A 899 -2.83 -29.76 -26.63
N LYS A 900 -2.73 -30.00 -27.93
CA LYS A 900 -2.18 -31.26 -28.43
C LYS A 900 -0.67 -31.30 -28.25
N THR A 901 -0.04 -30.14 -28.38
CA THR A 901 1.40 -30.03 -28.13
C THR A 901 1.68 -29.94 -26.64
N ALA A 902 0.66 -29.53 -25.88
CA ALA A 902 0.80 -29.40 -24.42
C ALA A 902 0.64 -30.74 -23.73
N THR A 903 0.05 -31.70 -24.43
CA THR A 903 -0.14 -33.04 -23.89
C THR A 903 0.77 -34.03 -24.61
N THR A 904 2.08 -33.77 -24.56
CA THR A 904 3.05 -34.64 -25.22
C THR A 904 3.80 -35.64 -24.30
N VAL A 905 4.25 -35.29 -23.09
CA VAL A 905 4.08 -34.00 -22.43
C VAL A 905 5.43 -33.31 -22.22
N GLY A 906 5.44 -31.98 -22.26
CA GLY A 906 4.26 -31.17 -22.50
C GLY A 906 3.79 -30.43 -21.26
N ILE A 907 3.40 -29.17 -21.46
CA ILE A 907 2.90 -28.34 -20.37
C ILE A 907 1.76 -27.45 -20.82
N SER A 908 0.65 -27.50 -20.09
CA SER A 908 -0.55 -26.75 -20.46
C SER A 908 -0.67 -25.44 -19.69
N ARG A 909 -1.01 -24.36 -20.39
CA ARG A 909 -1.24 -24.40 -21.83
C ARG A 909 -0.58 -23.21 -22.51
N GLU A 910 -0.46 -22.11 -21.76
CA GLU A 910 0.15 -20.89 -22.28
C GLU A 910 1.60 -21.12 -22.69
N HIS A 911 2.27 -22.04 -21.98
CA HIS A 911 3.67 -22.35 -22.26
C HIS A 911 3.82 -22.97 -23.64
N ALA A 912 2.92 -23.90 -23.98
CA ALA A 912 2.92 -24.53 -25.29
C ALA A 912 2.60 -23.51 -26.38
N LYS A 913 1.76 -22.54 -26.04
CA LYS A 913 1.43 -21.45 -26.95
C LYS A 913 2.66 -20.63 -27.26
N ARG A 914 3.45 -20.33 -26.23
CA ARG A 914 4.69 -19.55 -26.35
C ARG A 914 5.86 -20.38 -26.90
N PHE A 915 5.66 -21.68 -26.99
CA PHE A 915 6.56 -22.57 -27.71
C PHE A 915 6.25 -22.61 -29.20
N ASN A 916 4.98 -22.80 -29.54
CA ASN A 916 4.54 -22.83 -30.93
C ASN A 916 4.76 -21.49 -31.62
N TYR A 917 4.18 -20.43 -31.06
CA TYR A 917 4.26 -19.10 -31.63
C TYR A 917 5.71 -18.60 -31.67
N GLY A 918 6.57 -19.17 -30.82
CA GLY A 918 7.98 -18.86 -30.84
C GLY A 918 8.68 -19.67 -31.90
N ARG A 919 8.13 -20.84 -32.20
CA ARG A 919 8.68 -21.70 -33.24
C ARG A 919 8.40 -21.13 -34.63
N ILE A 920 7.22 -20.55 -34.80
CA ILE A 920 6.82 -19.98 -36.08
C ILE A 920 7.71 -18.81 -36.47
N TYR A 921 8.12 -18.01 -35.48
CA TYR A 921 8.93 -16.83 -35.75
C TYR A 921 10.39 -17.04 -35.36
N GLY A 922 10.94 -18.20 -35.71
CA GLY A 922 12.33 -18.49 -35.43
C GLY A 922 12.53 -19.45 -34.27
N ALA A 923 12.47 -20.74 -34.58
CA ALA A 923 12.65 -21.77 -33.56
C ALA A 923 14.12 -22.07 -33.32
N GLY A 924 14.81 -21.14 -32.66
CA GLY A 924 16.22 -21.33 -32.36
C GLY A 924 16.44 -22.53 -31.46
N GLN A 925 17.39 -23.37 -31.86
CA GLN A 925 17.69 -24.59 -31.11
C GLN A 925 18.05 -24.32 -29.64
N PRO A 926 18.98 -23.39 -29.37
CA PRO A 926 19.26 -23.17 -27.94
C PRO A 926 18.11 -22.48 -27.20
N PHE A 927 17.38 -21.62 -27.90
CA PHE A 927 16.25 -20.93 -27.29
C PHE A 927 15.16 -21.91 -26.93
N ALA A 928 14.73 -22.72 -27.91
CA ALA A 928 13.74 -23.75 -27.67
C ALA A 928 14.24 -24.72 -26.61
N GLU A 929 15.55 -24.91 -26.59
CA GLU A 929 16.18 -25.78 -25.59
C GLU A 929 15.93 -25.27 -24.18
N ARG A 930 16.47 -24.10 -23.86
CA ARG A 930 16.36 -23.56 -22.50
C ARG A 930 14.92 -23.23 -22.15
N LEU A 931 14.09 -22.96 -23.15
CA LEU A 931 12.68 -22.64 -22.92
C LEU A 931 11.90 -23.89 -22.51
N LEU A 932 11.94 -24.91 -23.35
CA LEU A 932 11.24 -26.16 -23.09
C LEU A 932 11.77 -26.81 -21.82
N MET A 933 13.07 -26.67 -21.58
CA MET A 933 13.70 -27.21 -20.38
C MET A 933 13.29 -26.42 -19.15
N GLN A 934 13.03 -25.12 -19.33
CA GLN A 934 12.56 -24.27 -18.25
C GLN A 934 11.12 -24.60 -17.88
N PHE A 935 10.32 -24.96 -18.88
CA PHE A 935 8.89 -25.19 -18.68
C PHE A 935 8.56 -26.61 -18.26
N ASN A 936 9.38 -27.57 -18.65
CA ASN A 936 9.09 -28.98 -18.36
C ASN A 936 9.81 -29.50 -17.12
N HIS A 937 10.93 -28.89 -16.79
CA HIS A 937 11.74 -29.27 -15.62
C HIS A 937 12.17 -30.73 -15.65
N ARG A 938 13.15 -31.05 -16.48
CA ARG A 938 13.71 -32.40 -16.55
C ARG A 938 15.20 -32.34 -16.90
N LEU A 939 15.69 -33.38 -17.60
CA LEU A 939 17.10 -33.44 -17.97
C LEU A 939 17.29 -33.05 -19.43
N THR A 940 18.50 -32.59 -19.77
CA THR A 940 18.77 -31.95 -21.05
C THR A 940 18.83 -32.90 -22.25
N GLN A 941 19.19 -34.16 -22.02
CA GLN A 941 19.34 -35.11 -23.11
C GLN A 941 17.99 -35.47 -23.75
N GLN A 942 17.07 -35.97 -22.92
CA GLN A 942 15.73 -36.34 -23.38
C GLN A 942 15.02 -35.12 -23.96
N GLU A 943 15.22 -33.98 -23.33
CA GLU A 943 14.68 -32.72 -23.81
C GLU A 943 15.18 -32.43 -25.23
N ALA A 944 16.49 -32.54 -25.41
CA ALA A 944 17.11 -32.33 -26.72
C ALA A 944 16.56 -33.30 -27.75
N ALA A 945 16.26 -34.51 -27.30
CA ALA A 945 15.64 -35.50 -28.18
C ALA A 945 14.27 -35.04 -28.63
N GLU A 946 13.47 -34.54 -27.68
CA GLU A 946 12.13 -34.03 -27.98
C GLU A 946 12.20 -32.87 -28.97
N LYS A 947 13.16 -31.97 -28.76
CA LYS A 947 13.34 -30.82 -29.64
C LYS A 947 13.72 -31.28 -31.04
N ALA A 948 14.68 -32.20 -31.13
CA ALA A 948 15.09 -32.76 -32.42
C ALA A 948 13.93 -33.43 -33.14
N GLN A 949 13.03 -34.02 -32.36
CA GLN A 949 11.81 -34.63 -32.92
C GLN A 949 10.85 -33.55 -33.42
N GLN A 950 10.84 -32.40 -32.75
CA GLN A 950 9.93 -31.32 -33.10
C GLN A 950 10.53 -30.37 -34.14
N MET A 951 11.83 -30.46 -34.34
CA MET A 951 12.51 -29.61 -35.33
C MET A 951 12.32 -30.14 -36.74
N TYR A 952 11.52 -31.19 -36.89
CA TYR A 952 11.24 -31.77 -38.20
C TYR A 952 10.39 -30.83 -39.04
N ALA A 953 9.64 -29.95 -38.37
CA ALA A 953 8.69 -29.07 -39.03
C ALA A 953 9.37 -28.02 -39.91
N ALA A 954 10.48 -27.47 -39.43
CA ALA A 954 11.20 -26.44 -40.15
C ALA A 954 12.12 -27.03 -41.23
N THR A 955 12.55 -28.26 -41.02
CA THR A 955 13.43 -28.95 -41.97
C THR A 955 12.69 -29.24 -43.29
N LYS A 956 13.38 -29.12 -44.42
CA LYS A 956 14.80 -28.78 -44.46
C LYS A 956 15.01 -27.28 -44.67
N GLY A 957 15.38 -26.91 -45.89
CA GLY A 957 15.63 -25.52 -46.22
C GLY A 957 16.17 -25.38 -47.63
N LEU A 958 17.28 -24.65 -47.77
CA LEU A 958 17.89 -24.43 -49.06
C LEU A 958 18.35 -25.74 -49.68
N LEU A 991 30.96 -22.05 -54.32
CA LEU A 991 32.15 -22.72 -53.79
C LEU A 991 31.77 -23.56 -52.56
N ARG A 992 31.92 -22.98 -51.38
CA ARG A 992 31.51 -23.65 -50.15
C ARG A 992 30.11 -23.22 -49.73
N LYS A 993 29.28 -24.18 -49.32
CA LYS A 993 27.89 -23.91 -49.01
C LYS A 993 27.21 -25.07 -48.29
N VAL A 994 25.93 -24.90 -47.98
CA VAL A 994 25.12 -25.96 -47.40
C VAL A 994 24.81 -27.01 -48.47
N GLN A 995 24.91 -28.28 -48.08
CA GLN A 995 24.81 -29.39 -49.04
C GLN A 995 23.37 -29.63 -49.51
N ARG A 996 22.75 -28.61 -50.08
CA ARG A 996 21.40 -28.73 -50.64
C ARG A 996 21.07 -27.55 -51.55
N GLU A 997 20.88 -27.81 -52.84
CA GLU A 997 20.59 -26.76 -53.82
C GLU A 997 19.43 -27.14 -54.74
N THR A 998 19.35 -26.48 -55.88
CA THR A 998 18.32 -26.79 -56.87
C THR A 998 18.73 -27.97 -57.73
N ALA A 999 20.03 -28.22 -57.81
CA ALA A 999 20.55 -29.37 -58.51
C ALA A 999 20.30 -30.63 -57.70
N ARG A 1000 20.38 -31.79 -58.35
CA ARG A 1000 20.10 -33.05 -57.67
C ARG A 1000 21.25 -33.44 -56.74
N LYS A 1001 22.46 -33.00 -57.08
CA LYS A 1001 23.63 -33.24 -56.23
C LYS A 1001 24.52 -32.01 -56.18
N SER A 1002 25.28 -31.87 -55.10
CA SER A 1002 26.12 -30.69 -54.89
C SER A 1002 27.49 -30.83 -55.55
N GLN A 1003 28.02 -32.05 -55.58
CA GLN A 1003 29.35 -32.29 -56.12
C GLN A 1003 29.43 -32.07 -57.63
N TRP A 1004 30.34 -31.20 -58.05
CA TRP A 1004 30.56 -30.93 -59.46
C TRP A 1004 31.97 -30.40 -59.68
N LYS A 1005 32.35 -30.16 -60.93
CA LYS A 1005 33.68 -29.65 -61.25
C LYS A 1005 33.61 -28.43 -62.18
N LYS A 1006 33.94 -27.27 -61.63
CA LYS A 1006 33.97 -26.01 -62.38
C LYS A 1006 32.63 -25.74 -63.06
N TRP A 1007 31.54 -25.87 -62.31
CA TRP A 1007 30.21 -25.69 -62.85
C TRP A 1007 29.65 -24.31 -62.52
N GLU A 1008 29.52 -23.47 -63.54
CA GLU A 1008 29.07 -22.10 -63.37
C GLU A 1008 27.56 -22.01 -63.14
N VAL A 1009 27.16 -21.72 -61.91
CA VAL A 1009 25.75 -21.58 -61.56
C VAL A 1009 25.56 -20.55 -60.45
N VAL A 1010 25.78 -19.29 -60.78
CA VAL A 1010 25.57 -18.22 -59.81
C VAL A 1010 24.17 -17.62 -60.02
N ALA A 1011 23.50 -18.07 -61.07
CA ALA A 1011 22.16 -17.59 -61.38
C ALA A 1011 21.08 -18.43 -60.70
N GLU A 1012 21.51 -19.44 -59.94
CA GLU A 1012 20.56 -20.32 -59.26
C GLU A 1012 20.53 -20.07 -57.76
N ARG A 1013 21.57 -19.44 -57.23
CA ARG A 1013 21.68 -19.20 -55.80
C ARG A 1013 20.87 -17.98 -55.35
N ALA A 1014 19.60 -17.94 -55.76
CA ALA A 1014 18.71 -16.83 -55.43
C ALA A 1014 17.42 -17.33 -54.80
N TRP A 1015 17.21 -18.65 -54.85
CA TRP A 1015 16.01 -19.26 -54.29
C TRP A 1015 16.30 -19.83 -52.91
N LYS A 1016 15.34 -19.68 -52.00
CA LYS A 1016 15.46 -20.23 -50.65
C LYS A 1016 14.08 -20.47 -50.06
N GLY A 1017 13.93 -21.61 -49.37
CA GLY A 1017 12.68 -21.94 -48.72
C GLY A 1017 12.74 -23.30 -48.07
N GLY A 1018 12.06 -23.43 -46.93
CA GLY A 1018 12.01 -24.69 -46.21
C GLY A 1018 11.19 -25.74 -46.93
N THR A 1019 11.10 -26.93 -46.34
CA THR A 1019 10.35 -28.03 -46.94
C THR A 1019 9.43 -28.71 -45.93
N GLU A 1020 8.73 -29.74 -46.40
CA GLU A 1020 7.89 -30.60 -45.56
C GLU A 1020 6.73 -29.87 -44.85
N SER A 1021 6.69 -30.01 -43.53
CA SER A 1021 5.53 -29.63 -42.72
C SER A 1021 5.08 -28.17 -42.86
N GLU A 1022 5.92 -27.25 -42.40
CA GLU A 1022 5.50 -25.85 -42.28
C GLU A 1022 5.36 -25.11 -43.61
N MET A 1023 5.07 -23.83 -43.53
CA MET A 1023 4.76 -23.01 -44.70
C MET A 1023 5.51 -21.67 -44.63
N PHE A 1024 6.65 -21.67 -43.95
CA PHE A 1024 7.45 -20.46 -43.77
C PHE A 1024 7.85 -19.82 -45.09
N ASN A 1025 7.76 -20.60 -46.17
CA ASN A 1025 8.10 -20.13 -47.50
C ASN A 1025 7.23 -18.96 -47.96
N LYS A 1026 5.97 -18.95 -47.54
CA LYS A 1026 5.05 -17.88 -47.91
C LYS A 1026 5.31 -16.64 -47.05
N LEU A 1027 5.56 -16.88 -45.77
CA LEU A 1027 5.88 -15.80 -44.84
C LEU A 1027 7.18 -15.11 -45.24
N GLU A 1028 8.05 -15.84 -45.92
CA GLU A 1028 9.26 -15.27 -46.49
C GLU A 1028 8.96 -14.65 -47.85
N SER A 1029 7.97 -15.20 -48.54
CA SER A 1029 7.57 -14.70 -49.86
C SER A 1029 7.03 -13.28 -49.75
N ILE A 1030 6.32 -13.01 -48.66
CA ILE A 1030 5.84 -11.66 -48.39
C ILE A 1030 6.98 -10.82 -47.83
N ALA A 1031 8.03 -11.48 -47.37
CA ALA A 1031 9.18 -10.79 -46.77
C ALA A 1031 10.31 -10.57 -47.78
N THR A 1032 10.06 -10.91 -49.04
CA THR A 1032 11.06 -10.71 -50.08
C THR A 1032 10.65 -9.62 -51.05
N SER A 1033 9.35 -9.36 -51.12
CA SER A 1033 8.81 -8.37 -52.03
C SER A 1033 9.27 -6.96 -51.65
N ASP A 1034 9.88 -6.26 -52.61
CA ASP A 1034 10.31 -4.89 -52.40
C ASP A 1034 9.16 -3.92 -52.63
N ILE A 1035 7.96 -4.47 -52.73
CA ILE A 1035 6.74 -3.71 -52.99
C ILE A 1035 5.70 -4.01 -51.92
N PRO A 1036 5.00 -2.97 -51.42
CA PRO A 1036 4.11 -2.89 -50.26
C PRO A 1036 3.95 -4.13 -49.35
N ARG A 1037 3.85 -5.33 -49.92
CA ARG A 1037 3.65 -6.56 -49.14
C ARG A 1037 2.44 -6.45 -48.22
N THR A 1038 1.24 -6.50 -48.80
CA THR A 1038 0.03 -6.20 -48.04
C THR A 1038 -1.08 -7.24 -48.18
N PRO A 1039 -0.99 -8.34 -47.42
CA PRO A 1039 -2.07 -9.34 -47.48
C PRO A 1039 -2.81 -9.57 -46.16
N VAL A 1040 -4.14 -9.64 -46.13
CA VAL A 1040 -5.09 -9.29 -47.21
C VAL A 1040 -6.45 -9.05 -46.56
N LEU A 1041 -6.84 -7.81 -46.28
CA LEU A 1041 -6.07 -6.59 -46.54
C LEU A 1041 -4.88 -6.46 -45.57
N GLY A 1042 -3.87 -5.71 -45.95
CA GLY A 1042 -3.82 -5.00 -47.22
C GLY A 1042 -3.37 -3.56 -47.05
N CYS A 1043 -2.41 -3.35 -46.15
CA CYS A 1043 -1.87 -2.03 -45.87
C CYS A 1043 -0.37 -2.11 -45.65
N CYS A 1044 0.40 -1.35 -46.42
CA CYS A 1044 1.85 -1.38 -46.30
C CYS A 1044 2.33 -0.50 -45.15
N ILE A 1045 3.44 -0.87 -44.55
CA ILE A 1045 3.97 -0.14 -43.40
C ILE A 1045 5.45 0.18 -43.54
N SER A 1046 5.82 1.35 -43.04
CA SER A 1046 7.22 1.74 -42.82
C SER A 1046 8.08 1.79 -44.09
N ARG A 1047 8.64 2.97 -44.34
CA ARG A 1047 9.65 3.10 -45.38
C ARG A 1047 11.01 2.67 -44.83
N ALA A 1048 11.01 2.18 -43.59
CA ALA A 1048 12.24 1.79 -42.91
C ALA A 1048 12.42 0.28 -42.83
N LEU A 1049 11.35 -0.46 -43.07
CA LEU A 1049 11.43 -1.93 -43.06
C LEU A 1049 11.22 -2.49 -44.46
N GLU A 1050 10.78 -1.63 -45.38
CA GLU A 1050 10.62 -2.02 -46.77
C GLU A 1050 11.99 -2.32 -47.37
N PRO A 1051 12.17 -3.56 -47.88
CA PRO A 1051 13.48 -4.04 -48.34
C PRO A 1051 14.08 -3.19 -49.45
N SER A 1052 13.28 -2.31 -50.06
CA SER A 1052 13.81 -1.34 -51.01
C SER A 1052 14.67 -0.33 -50.25
N ALA A 1053 15.93 -0.23 -50.65
CA ALA A 1053 16.91 0.65 -50.00
C ALA A 1053 17.12 0.30 -48.53
N VAL A 1054 16.81 -0.93 -48.16
CA VAL A 1054 17.13 -1.45 -46.82
C VAL A 1054 17.70 -2.86 -46.98
N GLN A 1055 18.70 -3.18 -46.17
CA GLN A 1055 19.52 -4.40 -46.32
C GLN A 1055 18.80 -5.73 -46.67
N GLU A 1056 17.74 -6.15 -45.96
CA GLU A 1056 17.09 -5.41 -44.89
C GLU A 1056 17.36 -6.04 -43.52
N GLU A 1057 17.87 -7.27 -43.52
CA GLU A 1057 18.31 -8.01 -42.33
C GLU A 1057 17.31 -8.02 -41.15
N PHE A 1058 16.09 -7.57 -41.39
CA PHE A 1058 15.05 -7.58 -40.36
C PHE A 1058 13.94 -8.56 -40.74
N MET A 1059 14.30 -9.81 -40.97
CA MET A 1059 13.37 -10.81 -41.49
C MET A 1059 12.28 -11.19 -40.49
N THR A 1060 12.69 -11.56 -39.28
CA THR A 1060 11.76 -12.01 -38.24
C THR A 1060 10.70 -10.98 -37.93
N SER A 1061 11.14 -9.73 -37.83
CA SER A 1061 10.23 -8.61 -37.57
C SER A 1061 9.23 -8.44 -38.70
N ARG A 1062 9.61 -8.89 -39.90
CA ARG A 1062 8.73 -8.76 -41.06
C ARG A 1062 7.76 -9.93 -41.19
N VAL A 1063 8.19 -11.12 -40.79
CA VAL A 1063 7.27 -12.26 -40.75
C VAL A 1063 6.21 -11.97 -39.69
N ASN A 1064 6.69 -11.60 -38.51
CA ASN A 1064 5.82 -11.17 -37.43
C ASN A 1064 4.94 -10.01 -37.89
N TRP A 1065 5.50 -9.12 -38.70
CA TRP A 1065 4.71 -8.03 -39.28
C TRP A 1065 3.56 -8.59 -40.10
N VAL A 1066 3.85 -9.58 -40.95
CA VAL A 1066 2.81 -10.17 -41.79
C VAL A 1066 1.67 -10.74 -40.96
N VAL A 1067 1.99 -11.69 -40.10
CA VAL A 1067 0.95 -12.41 -39.37
C VAL A 1067 0.21 -11.51 -38.36
N GLN A 1068 0.96 -10.65 -37.68
CA GLN A 1068 0.35 -9.75 -36.70
C GLN A 1068 -0.49 -8.69 -37.39
N SER A 1069 -0.12 -8.33 -38.61
CA SER A 1069 -0.93 -7.41 -39.39
C SER A 1069 -2.21 -8.07 -39.80
N SER A 1070 -2.13 -9.35 -40.15
CA SER A 1070 -3.35 -10.11 -40.42
C SER A 1070 -4.24 -10.08 -39.17
N ALA A 1071 -3.61 -10.17 -38.01
CA ALA A 1071 -4.34 -10.12 -36.74
C ALA A 1071 -5.00 -8.75 -36.50
N VAL A 1072 -4.30 -7.68 -36.86
CA VAL A 1072 -4.80 -6.33 -36.62
C VAL A 1072 -5.88 -5.94 -37.62
N ASP A 1073 -5.73 -6.39 -38.85
CA ASP A 1073 -6.77 -6.20 -39.86
C ASP A 1073 -7.99 -7.03 -39.47
N TYR A 1074 -7.74 -8.19 -38.86
CA TYR A 1074 -8.81 -8.99 -38.28
C TYR A 1074 -9.54 -8.17 -37.23
N LEU A 1075 -8.77 -7.49 -36.37
CA LEU A 1075 -9.34 -6.63 -35.34
C LEU A 1075 -10.22 -5.53 -35.93
N HIS A 1076 -9.68 -4.81 -36.93
CA HIS A 1076 -10.41 -3.74 -37.58
C HIS A 1076 -11.70 -4.24 -38.20
N LEU A 1077 -11.62 -5.38 -38.88
CA LEU A 1077 -12.79 -6.01 -39.48
C LEU A 1077 -13.85 -6.31 -38.43
N MET A 1078 -13.40 -6.86 -37.31
CA MET A 1078 -14.31 -7.14 -36.19
C MET A 1078 -14.97 -5.86 -35.70
N LEU A 1079 -14.21 -4.79 -35.60
CA LEU A 1079 -14.73 -3.52 -35.12
C LEU A 1079 -15.80 -2.97 -36.06
N VAL A 1080 -15.48 -2.81 -37.34
CA VAL A 1080 -16.43 -2.24 -38.28
C VAL A 1080 -17.66 -3.14 -38.44
N ALA A 1081 -17.46 -4.46 -38.35
CA ALA A 1081 -18.57 -5.39 -38.46
C ALA A 1081 -19.51 -5.25 -37.27
N MET A 1082 -18.94 -5.21 -36.07
CA MET A 1082 -19.74 -5.05 -34.86
C MET A 1082 -20.47 -3.71 -34.85
N LYS A 1083 -19.83 -2.67 -35.37
CA LYS A 1083 -20.44 -1.35 -35.42
C LYS A 1083 -21.57 -1.31 -36.44
N TRP A 1084 -21.44 -2.09 -37.51
CA TRP A 1084 -22.41 -2.06 -38.59
C TRP A 1084 -23.78 -2.55 -38.17
N LEU A 1085 -23.83 -3.61 -37.36
CA LEU A 1085 -25.12 -4.19 -36.98
C LEU A 1085 -25.54 -3.76 -35.57
N PHE A 1086 -24.83 -2.78 -35.01
CA PHE A 1086 -25.17 -2.24 -33.70
C PHE A 1086 -26.00 -0.97 -33.84
N GLU A 1087 -25.82 -0.27 -34.96
CA GLU A 1087 -26.56 0.94 -35.24
C GLU A 1087 -27.76 0.63 -36.13
N GLU A 1088 -27.63 -0.41 -36.94
CA GLU A 1088 -28.68 -0.85 -37.83
C GLU A 1088 -29.83 -1.45 -37.05
N PHE A 1089 -29.50 -2.16 -35.98
CA PHE A 1089 -30.50 -2.79 -35.13
C PHE A 1089 -30.57 -2.11 -33.76
N ALA A 1090 -31.62 -2.41 -33.01
CA ALA A 1090 -31.83 -1.79 -31.71
C ALA A 1090 -30.95 -2.42 -30.63
N ILE A 1091 -29.65 -2.15 -30.71
CA ILE A 1091 -28.71 -2.64 -29.71
C ILE A 1091 -28.03 -1.47 -29.01
N ASP A 1092 -28.53 -1.14 -27.81
CA ASP A 1092 -27.99 -0.02 -27.05
C ASP A 1092 -26.64 -0.36 -26.43
N GLY A 1093 -25.73 0.61 -26.43
CA GLY A 1093 -24.40 0.41 -25.87
C GLY A 1093 -23.41 -0.07 -26.92
N ARG A 1094 -22.74 0.89 -27.56
CA ARG A 1094 -21.84 0.57 -28.66
C ARG A 1094 -20.37 0.80 -28.27
N PHE A 1095 -20.15 1.24 -27.03
CA PHE A 1095 -18.81 1.52 -26.56
C PHE A 1095 -17.90 0.28 -26.62
N CYS A 1096 -16.67 0.48 -27.09
CA CYS A 1096 -15.75 -0.62 -27.35
C CYS A 1096 -14.55 -0.65 -26.40
N ILE A 1097 -14.13 -1.86 -26.03
CA ILE A 1097 -12.94 -2.06 -25.21
C ILE A 1097 -12.16 -3.27 -25.72
N SER A 1098 -11.15 -3.03 -26.56
CA SER A 1098 -10.44 -4.13 -27.22
C SER A 1098 -9.00 -4.28 -26.78
N ILE A 1099 -8.57 -5.54 -26.65
CA ILE A 1099 -7.19 -5.88 -26.36
C ILE A 1099 -6.65 -6.89 -27.37
N HIS A 1100 -6.15 -6.36 -28.50
CA HIS A 1100 -5.51 -7.15 -29.54
C HIS A 1100 -6.40 -8.28 -30.05
N ASP A 1101 -6.40 -9.39 -29.33
CA ASP A 1101 -7.20 -10.56 -29.72
C ASP A 1101 -8.60 -10.49 -29.16
N GLU A 1102 -8.71 -10.08 -27.91
CA GLU A 1102 -10.00 -10.05 -27.22
C GLU A 1102 -10.70 -8.72 -27.49
N VAL A 1103 -12.04 -8.72 -27.38
CA VAL A 1103 -12.80 -7.49 -27.58
C VAL A 1103 -14.12 -7.53 -26.80
N ARG A 1104 -14.35 -6.50 -25.98
CA ARG A 1104 -15.53 -6.45 -25.11
C ARG A 1104 -16.36 -5.20 -25.34
N TYR A 1105 -17.67 -5.38 -25.52
CA TYR A 1105 -18.58 -4.26 -25.72
C TYR A 1105 -19.47 -4.01 -24.50
N LEU A 1106 -19.69 -2.74 -24.18
CA LEU A 1106 -20.53 -2.36 -23.04
C LEU A 1106 -21.99 -2.29 -23.44
N VAL A 1107 -22.69 -3.41 -23.32
CA VAL A 1107 -24.11 -3.48 -23.69
C VAL A 1107 -24.99 -3.33 -22.45
N ARG A 1108 -26.25 -3.73 -22.58
CA ARG A 1108 -27.16 -3.73 -21.44
C ARG A 1108 -27.73 -5.12 -21.17
N GLU A 1109 -28.35 -5.28 -20.01
CA GLU A 1109 -28.78 -6.59 -19.53
C GLU A 1109 -29.91 -7.21 -20.35
N GLU A 1110 -30.59 -6.40 -21.16
CA GLU A 1110 -31.71 -6.89 -21.95
C GLU A 1110 -31.35 -7.09 -23.41
N ASP A 1111 -30.15 -6.66 -23.80
CA ASP A 1111 -29.68 -6.82 -25.17
C ASP A 1111 -28.31 -7.49 -25.23
N ARG A 1112 -28.04 -8.36 -24.25
CA ARG A 1112 -26.74 -9.01 -24.16
C ARG A 1112 -26.63 -10.21 -25.09
N TYR A 1113 -27.70 -10.98 -25.20
CA TYR A 1113 -27.69 -12.20 -26.01
C TYR A 1113 -27.63 -11.88 -27.50
N ARG A 1114 -28.34 -10.82 -27.89
CA ARG A 1114 -28.35 -10.38 -29.28
C ARG A 1114 -27.01 -9.74 -29.64
N ALA A 1115 -26.35 -9.17 -28.63
CA ALA A 1115 -25.01 -8.60 -28.81
C ALA A 1115 -23.98 -9.71 -28.98
N ALA A 1116 -24.12 -10.77 -28.20
CA ALA A 1116 -23.27 -11.95 -28.35
C ALA A 1116 -23.48 -12.58 -29.72
N LEU A 1117 -24.74 -12.56 -30.16
CA LEU A 1117 -25.09 -13.03 -31.49
C LEU A 1117 -24.40 -12.18 -32.54
N ALA A 1118 -24.35 -10.87 -32.30
CA ALA A 1118 -23.65 -9.95 -33.18
C ALA A 1118 -22.16 -10.27 -33.20
N LEU A 1119 -21.62 -10.71 -32.06
CA LEU A 1119 -20.22 -11.12 -31.99
C LEU A 1119 -19.96 -12.35 -32.84
N GLN A 1120 -20.85 -13.33 -32.74
CA GLN A 1120 -20.72 -14.56 -33.52
C GLN A 1120 -20.80 -14.26 -35.03
N ILE A 1121 -21.79 -13.46 -35.41
CA ILE A 1121 -21.92 -13.03 -36.80
C ILE A 1121 -20.66 -12.34 -37.28
N THR A 1122 -20.17 -11.42 -36.47
CA THR A 1122 -18.95 -10.67 -36.78
C THR A 1122 -17.77 -11.61 -37.04
N ASN A 1123 -17.54 -12.54 -36.11
CA ASN A 1123 -16.45 -13.50 -36.25
C ASN A 1123 -16.60 -14.33 -37.52
N LEU A 1124 -17.82 -14.79 -37.78
CA LEU A 1124 -18.10 -15.57 -38.98
C LEU A 1124 -17.76 -14.80 -40.25
N LEU A 1125 -18.24 -13.58 -40.35
CA LEU A 1125 -18.02 -12.73 -41.52
C LEU A 1125 -16.54 -12.40 -41.71
N THR A 1126 -15.82 -12.21 -40.61
CA THR A 1126 -14.40 -11.88 -40.68
C THR A 1126 -13.59 -13.08 -41.16
N ARG A 1127 -13.91 -14.26 -40.60
CA ARG A 1127 -13.27 -15.49 -41.05
C ARG A 1127 -13.53 -15.72 -42.54
N CYS A 1128 -14.77 -15.50 -42.95
CA CYS A 1128 -15.14 -15.63 -44.35
C CYS A 1128 -14.42 -14.61 -45.23
N MET A 1129 -14.10 -13.46 -44.65
CA MET A 1129 -13.34 -12.44 -45.36
C MET A 1129 -11.91 -12.90 -45.60
N PHE A 1130 -11.26 -13.39 -44.54
CA PHE A 1130 -9.90 -13.91 -44.67
C PHE A 1130 -9.86 -15.10 -45.62
N ALA A 1131 -10.96 -15.84 -45.70
CA ALA A 1131 -11.06 -16.97 -46.62
C ALA A 1131 -11.22 -16.50 -48.06
N TYR A 1132 -12.01 -15.44 -48.23
CA TYR A 1132 -12.32 -14.92 -49.56
C TYR A 1132 -11.14 -14.19 -50.19
N LYS A 1133 -10.35 -13.52 -49.36
CA LYS A 1133 -9.21 -12.74 -49.85
C LYS A 1133 -8.10 -13.61 -50.46
N LEU A 1134 -8.24 -14.93 -50.32
CA LEU A 1134 -7.25 -15.85 -50.87
C LEU A 1134 -7.91 -16.99 -51.64
N GLY A 1135 -9.21 -17.20 -51.41
CA GLY A 1135 -9.94 -18.25 -52.06
C GLY A 1135 -9.71 -19.62 -51.42
N LEU A 1136 -10.76 -20.41 -51.29
CA LEU A 1136 -12.10 -20.02 -51.74
C LEU A 1136 -12.88 -19.36 -50.61
N ASN A 1137 -14.11 -18.93 -50.93
CA ASN A 1137 -14.98 -18.31 -49.94
C ASN A 1137 -15.45 -19.32 -48.90
N ASP A 1138 -15.35 -20.61 -49.25
CA ASP A 1138 -15.71 -21.68 -48.33
C ASP A 1138 -14.75 -21.70 -47.15
N LEU A 1139 -15.25 -22.07 -45.98
CA LEU A 1139 -14.44 -22.09 -44.77
C LEU A 1139 -14.78 -23.30 -43.90
N PRO A 1140 -13.80 -23.76 -43.11
CA PRO A 1140 -13.98 -24.91 -42.20
C PRO A 1140 -15.09 -24.70 -41.16
N GLN A 1141 -15.32 -25.72 -40.35
CA GLN A 1141 -16.39 -25.69 -39.36
C GLN A 1141 -15.90 -25.19 -38.01
N SER A 1142 -14.93 -25.88 -37.42
CA SER A 1142 -14.44 -25.56 -36.09
C SER A 1142 -13.50 -24.35 -36.12
N VAL A 1143 -13.97 -23.25 -36.69
CA VAL A 1143 -13.19 -22.02 -36.79
C VAL A 1143 -14.10 -20.88 -37.21
N ALA A 1144 -15.31 -21.23 -37.62
CA ALA A 1144 -16.27 -20.25 -38.13
C ALA A 1144 -16.85 -19.37 -37.03
N PHE A 1145 -17.13 -19.98 -35.88
CA PHE A 1145 -17.78 -19.26 -34.79
C PHE A 1145 -16.94 -19.24 -33.51
N PHE A 1146 -17.22 -18.25 -32.66
CA PHE A 1146 -16.57 -18.15 -31.37
C PHE A 1146 -16.92 -19.34 -30.48
N SER A 1147 -15.99 -19.73 -29.63
CA SER A 1147 -16.23 -20.83 -28.71
C SER A 1147 -16.58 -20.28 -27.32
N ALA A 1148 -16.03 -19.12 -26.99
CA ALA A 1148 -16.25 -18.51 -25.68
C ALA A 1148 -16.70 -17.05 -25.80
N VAL A 1149 -17.87 -16.75 -25.24
CA VAL A 1149 -18.38 -15.38 -25.20
C VAL A 1149 -18.75 -14.98 -23.78
N ASP A 1150 -17.97 -14.08 -23.20
CA ASP A 1150 -18.17 -13.67 -21.81
C ASP A 1150 -19.27 -12.61 -21.69
N ILE A 1151 -20.24 -12.84 -20.81
CA ILE A 1151 -21.34 -11.91 -20.60
C ILE A 1151 -21.58 -11.65 -19.11
N ASP A 1152 -21.08 -10.53 -18.61
CA ASP A 1152 -21.28 -10.22 -17.18
C ASP A 1152 -20.98 -8.76 -16.83
N ARG A 1153 -20.98 -8.45 -15.54
CA ARG A 1153 -20.83 -7.07 -15.08
C ARG A 1153 -19.42 -6.54 -15.28
N CYS A 1154 -18.44 -7.16 -14.65
CA CYS A 1154 -17.05 -6.76 -14.80
C CYS A 1154 -16.34 -7.67 -15.80
N LEU A 1155 -15.32 -7.14 -16.48
CA LEU A 1155 -14.59 -7.92 -17.48
C LEU A 1155 -13.43 -8.67 -16.84
N ARG A 1156 -13.20 -9.90 -17.29
CA ARG A 1156 -12.12 -10.73 -16.78
C ARG A 1156 -11.76 -11.79 -17.82
N LYS A 1157 -11.05 -12.83 -17.38
CA LYS A 1157 -10.62 -13.88 -18.29
C LYS A 1157 -11.69 -14.97 -18.41
N GLU A 1158 -11.79 -15.80 -17.38
CA GLU A 1158 -12.78 -16.86 -17.35
C GLU A 1158 -14.07 -16.36 -16.68
N VAL A 1159 -15.16 -17.11 -16.86
CA VAL A 1159 -16.44 -16.69 -16.29
C VAL A 1159 -16.44 -16.77 -14.76
N THR A 1160 -15.63 -17.68 -14.21
CA THR A 1160 -15.49 -17.81 -12.77
C THR A 1160 -14.22 -17.11 -12.31
N MET A 1161 -14.35 -16.20 -11.35
CA MET A 1161 -13.21 -15.37 -10.95
C MET A 1161 -12.95 -15.37 -9.45
N ASP A 1162 -11.71 -15.68 -9.07
CA ASP A 1162 -11.26 -15.54 -7.69
C ASP A 1162 -10.16 -14.49 -7.63
N CYS A 1163 -9.81 -14.07 -6.43
CA CYS A 1163 -8.85 -12.97 -6.28
C CYS A 1163 -8.03 -13.05 -4.99
N LYS A 1164 -7.16 -12.07 -4.78
CA LYS A 1164 -6.26 -12.07 -3.64
C LYS A 1164 -6.63 -10.99 -2.62
N THR A 1165 -6.48 -9.73 -3.01
CA THR A 1165 -6.66 -8.61 -2.09
C THR A 1165 -8.05 -8.54 -1.45
N PRO A 1166 -9.14 -8.65 -2.25
CA PRO A 1166 -10.42 -8.65 -1.56
C PRO A 1166 -10.80 -10.02 -1.02
N SER A 1167 -9.96 -11.02 -1.30
CA SER A 1167 -10.15 -12.40 -0.85
C SER A 1167 -11.45 -13.02 -1.37
N ASN A 1168 -12.59 -12.42 -1.02
CA ASN A 1168 -13.88 -12.89 -1.50
C ASN A 1168 -14.45 -11.98 -2.59
N PRO A 1169 -14.51 -12.49 -3.84
CA PRO A 1169 -15.05 -11.74 -4.98
C PRO A 1169 -16.54 -11.47 -4.87
N THR A 1170 -17.35 -12.53 -4.80
CA THR A 1170 -18.78 -12.40 -4.65
C THR A 1170 -19.12 -11.87 -3.26
N GLY A 1171 -18.17 -11.98 -2.34
CA GLY A 1171 -18.28 -11.40 -1.01
C GLY A 1171 -18.44 -9.90 -1.15
N MET A 1172 -17.70 -9.30 -2.07
CA MET A 1172 -17.91 -7.92 -2.46
C MET A 1172 -19.05 -7.87 -3.48
N GLU A 1173 -19.63 -6.70 -3.66
CA GLU A 1173 -20.81 -6.56 -4.52
C GLU A 1173 -20.51 -6.93 -5.97
N ARG A 1174 -20.65 -8.21 -6.29
CA ARG A 1174 -20.41 -8.72 -7.64
C ARG A 1174 -21.49 -9.71 -8.06
N ARG A 1175 -21.33 -10.28 -9.25
CA ARG A 1175 -22.25 -11.30 -9.75
C ARG A 1175 -21.48 -12.53 -10.21
N TYR A 1176 -21.86 -13.06 -11.37
CA TYR A 1176 -21.21 -14.24 -11.93
C TYR A 1176 -21.18 -14.17 -13.45
N GLY A 1177 -20.40 -15.05 -14.07
CA GLY A 1177 -20.29 -15.08 -15.52
C GLY A 1177 -21.04 -16.24 -16.15
N ILE A 1178 -21.18 -16.21 -17.47
CA ILE A 1178 -21.87 -17.27 -18.20
C ILE A 1178 -21.14 -17.63 -19.49
N PRO A 1179 -20.71 -18.89 -19.62
CA PRO A 1179 -20.05 -19.40 -20.83
C PRO A 1179 -20.98 -19.39 -22.04
N GLN A 1180 -20.44 -19.15 -23.23
CA GLN A 1180 -21.26 -19.09 -24.44
C GLN A 1180 -20.43 -19.27 -25.72
N GLY A 1181 -20.79 -20.27 -26.53
CA GLY A 1181 -21.90 -21.16 -26.23
C GLY A 1181 -22.70 -21.54 -27.46
N GLU A 1182 -23.76 -22.30 -27.24
CA GLU A 1182 -24.64 -22.74 -28.33
C GLU A 1182 -26.09 -22.32 -28.08
N ALA A 1183 -26.35 -21.82 -26.88
CA ALA A 1183 -27.71 -21.43 -26.49
C ALA A 1183 -28.06 -20.03 -26.98
N LEU A 1184 -27.04 -19.26 -27.35
CA LEU A 1184 -27.27 -17.90 -27.83
C LEU A 1184 -27.65 -17.90 -29.31
N ASP A 1185 -27.54 -19.07 -29.92
CA ASP A 1185 -27.85 -19.24 -31.34
C ASP A 1185 -29.35 -19.45 -31.56
N ILE A 1186 -30.16 -19.01 -30.62
CA ILE A 1186 -31.61 -19.11 -30.74
C ILE A 1186 -32.25 -17.73 -30.73
N TYR A 1187 -31.46 -16.72 -30.38
CA TYR A 1187 -31.92 -15.34 -30.38
C TYR A 1187 -31.42 -14.61 -31.62
N GLN A 1188 -32.31 -14.37 -32.58
CA GLN A 1188 -31.93 -13.74 -33.83
C GLN A 1188 -31.64 -12.24 -33.65
N ILE A 1189 -31.12 -11.62 -34.69
CA ILE A 1189 -30.70 -10.21 -34.62
C ILE A 1189 -31.91 -9.28 -34.55
N ILE A 1190 -33.08 -9.80 -34.90
CA ILE A 1190 -34.31 -9.04 -34.84
C ILE A 1190 -34.65 -8.72 -33.39
N GLU A 1191 -35.25 -7.55 -33.16
CA GLU A 1191 -35.59 -7.10 -31.81
C GLU A 1191 -36.52 -8.07 -31.09
N LEU A 1192 -37.52 -8.55 -31.80
CA LEU A 1192 -38.53 -9.44 -31.20
C LEU A 1192 -38.01 -10.86 -31.04
N THR A 1193 -37.45 -11.14 -29.87
CA THR A 1193 -36.97 -12.49 -29.55
C THR A 1193 -37.64 -13.03 -28.30
N LYS A 1194 -37.26 -14.25 -27.91
CA LYS A 1194 -37.78 -14.90 -26.70
C LYS A 1194 -39.30 -15.03 -26.72
N ALA B 68 12.93 -20.64 25.84
CA ALA B 68 12.52 -21.01 27.19
C ALA B 68 13.67 -20.87 28.18
N LEU B 69 14.47 -19.81 28.00
CA LEU B 69 15.60 -19.55 28.89
C LEU B 69 15.83 -18.05 29.04
N LEU B 70 14.95 -17.26 28.46
CA LEU B 70 15.03 -15.80 28.57
C LEU B 70 14.39 -15.31 29.85
N GLU B 71 13.87 -16.25 30.64
CA GLU B 71 13.22 -15.92 31.89
C GLU B 71 14.19 -15.25 32.86
N ILE B 72 15.44 -15.71 32.84
CA ILE B 72 16.49 -15.14 33.68
C ILE B 72 16.70 -13.67 33.31
N CYS B 73 16.49 -13.35 32.04
CA CYS B 73 16.59 -11.97 31.58
C CYS B 73 15.40 -11.15 32.06
N GLN B 74 14.27 -11.82 32.29
CA GLN B 74 13.06 -11.16 32.77
C GLN B 74 13.13 -10.93 34.28
N ARG B 75 13.89 -11.77 34.96
CA ARG B 75 14.05 -11.63 36.41
C ARG B 75 15.16 -10.64 36.73
N ARG B 76 16.29 -10.78 36.04
CA ARG B 76 17.44 -9.90 36.24
C ARG B 76 17.06 -8.45 35.97
N HIS B 77 16.37 -8.23 34.86
CA HIS B 77 15.83 -6.93 34.53
C HIS B 77 14.32 -7.02 34.57
N PHE B 78 13.73 -6.36 35.57
CA PHE B 78 12.36 -6.64 35.97
C PHE B 78 11.30 -6.27 34.95
N LEU B 79 11.09 -7.16 33.99
CA LEU B 79 9.92 -7.08 33.12
C LEU B 79 8.86 -8.02 33.68
N SER B 80 9.25 -8.80 34.69
CA SER B 80 8.35 -9.72 35.36
C SER B 80 8.73 -9.89 36.83
N GLY B 81 8.00 -10.74 37.54
CA GLY B 81 8.30 -11.02 38.94
C GLY B 81 9.58 -11.84 39.06
N SER B 82 10.22 -11.77 40.21
CA SER B 82 11.46 -12.50 40.43
C SER B 82 11.21 -13.88 41.02
N LYS B 83 9.94 -14.24 41.15
CA LYS B 83 9.56 -15.55 41.67
C LYS B 83 9.89 -16.64 40.66
N GLN B 84 10.40 -17.76 41.16
CA GLN B 84 10.74 -18.89 40.30
C GLN B 84 9.49 -19.57 39.77
N GLN B 85 8.39 -19.48 40.52
CA GLN B 85 7.14 -20.09 40.13
C GLN B 85 6.41 -19.21 39.11
N LEU B 86 6.89 -19.24 37.87
CA LEU B 86 6.25 -18.52 36.78
C LEU B 86 6.09 -19.44 35.58
N SER B 87 5.35 -20.53 35.77
CA SER B 87 5.13 -21.51 34.71
C SER B 87 4.30 -20.91 33.57
N ARG B 88 4.26 -21.60 32.44
CA ARG B 88 3.47 -21.16 31.30
C ARG B 88 2.00 -21.11 31.67
N ASP B 89 1.58 -22.03 32.53
CA ASP B 89 0.21 -22.07 33.01
C ASP B 89 -0.10 -20.86 33.88
N SER B 90 0.84 -20.53 34.77
CA SER B 90 0.68 -19.42 35.70
C SER B 90 0.64 -18.08 34.98
N LEU B 91 1.25 -18.02 33.81
CA LEU B 91 1.30 -16.78 33.03
C LEU B 91 0.13 -16.68 32.05
N LEU B 92 -0.33 -17.83 31.55
CA LEU B 92 -1.43 -17.87 30.61
C LEU B 92 -2.78 -17.77 31.30
N SER B 93 -2.82 -18.17 32.58
CA SER B 93 -4.06 -18.14 33.35
C SER B 93 -4.28 -16.77 33.99
N GLY B 94 -3.19 -16.04 34.20
CA GLY B 94 -3.27 -14.73 34.83
C GLY B 94 -3.14 -14.82 36.34
N CYS B 95 -2.53 -15.91 36.81
CA CYS B 95 -2.32 -16.13 38.23
C CYS B 95 -0.93 -15.69 38.66
N HIS B 96 -0.23 -15.00 37.77
CA HIS B 96 1.11 -14.49 38.06
C HIS B 96 1.07 -13.41 39.15
N PRO B 97 2.09 -13.38 40.01
CA PRO B 97 2.16 -12.42 41.13
C PRO B 97 2.19 -10.97 40.68
N GLY B 98 2.47 -10.73 39.40
CA GLY B 98 2.52 -9.38 38.88
C GLY B 98 3.71 -9.15 37.98
N PHE B 99 3.63 -8.12 37.16
CA PHE B 99 4.71 -7.78 36.25
C PHE B 99 5.65 -6.75 36.88
N GLY B 100 6.89 -6.71 36.38
CA GLY B 100 7.85 -5.73 36.86
C GLY B 100 7.57 -4.36 36.26
N PRO B 101 8.33 -3.34 36.68
CA PRO B 101 8.18 -1.98 36.18
C PRO B 101 8.34 -1.87 34.67
N LEU B 102 9.39 -2.49 34.13
CA LEU B 102 9.61 -2.51 32.69
C LEU B 102 8.50 -3.26 31.98
N GLY B 103 7.94 -4.26 32.66
CA GLY B 103 6.88 -5.06 32.10
C GLY B 103 5.55 -4.33 32.04
N VAL B 104 5.24 -3.60 33.11
CA VAL B 104 4.00 -2.83 33.17
C VAL B 104 4.12 -1.57 32.31
N GLU B 105 5.35 -1.13 32.07
CA GLU B 105 5.60 -0.01 31.18
C GLU B 105 5.44 -0.46 29.73
N LEU B 106 5.95 -1.65 29.44
CA LEU B 106 5.79 -2.28 28.14
C LEU B 106 4.32 -2.48 27.83
N ARG B 107 3.59 -3.00 28.81
CA ARG B 107 2.16 -3.20 28.66
C ARG B 107 1.43 -1.87 28.55
N LYS B 108 1.95 -0.85 29.24
CA LYS B 108 1.39 0.49 29.14
C LYS B 108 1.47 1.01 27.71
N ASN B 109 2.66 0.95 27.13
CA ASN B 109 2.88 1.44 25.78
C ASN B 109 2.14 0.61 24.73
N LEU B 110 2.01 -0.69 25.00
CA LEU B 110 1.24 -1.56 24.11
C LEU B 110 -0.23 -1.17 24.12
N ALA B 111 -0.77 -0.98 25.32
CA ALA B 111 -2.17 -0.59 25.48
C ALA B 111 -2.43 0.79 24.89
N ALA B 112 -1.46 1.68 25.02
CA ALA B 112 -1.56 3.02 24.44
C ALA B 112 -1.55 2.92 22.93
N GLU B 113 -0.75 2.01 22.40
CA GLU B 113 -0.67 1.82 20.96
C GLU B 113 -1.96 1.20 20.43
N TRP B 114 -2.63 0.42 21.27
CA TRP B 114 -3.98 -0.04 20.97
C TRP B 114 -4.93 1.14 20.90
N TRP B 115 -4.92 1.95 21.95
CA TRP B 115 -5.81 3.09 22.08
C TRP B 115 -5.65 4.07 20.92
N THR B 116 -4.44 4.19 20.41
CA THR B 116 -4.16 5.07 19.29
C THR B 116 -4.73 4.53 17.99
N SER B 117 -4.44 3.27 17.69
CA SER B 117 -4.82 2.67 16.42
C SER B 117 -6.18 1.97 16.49
N VAL B 118 -7.04 2.41 17.40
CA VAL B 118 -8.39 1.86 17.51
C VAL B 118 -9.42 2.95 17.80
N VAL B 119 -9.13 3.81 18.78
CA VAL B 119 -10.10 4.77 19.26
C VAL B 119 -9.92 6.17 18.67
N VAL B 120 -8.70 6.70 18.78
CA VAL B 120 -8.43 8.08 18.39
C VAL B 120 -8.64 8.33 16.90
N PHE B 121 -7.87 7.62 16.07
CA PHE B 121 -7.89 7.85 14.63
C PHE B 121 -9.26 7.59 13.99
N ARG B 122 -9.96 6.58 14.48
CA ARG B 122 -11.26 6.24 13.93
C ARG B 122 -12.40 6.89 14.70
N GLU B 123 -13.20 7.68 14.00
CA GLU B 123 -14.34 8.36 14.60
C GLU B 123 -15.44 7.34 14.92
N GLN B 124 -16.53 7.83 15.50
CA GLN B 124 -17.66 7.00 15.90
C GLN B 124 -17.27 5.97 16.96
N VAL B 125 -16.09 6.16 17.57
CA VAL B 125 -15.62 5.29 18.63
C VAL B 125 -15.31 6.11 19.88
N PHE B 126 -15.97 5.76 20.98
CA PHE B 126 -15.86 6.52 22.22
C PHE B 126 -15.54 5.62 23.40
N PRO B 127 -14.74 6.15 24.35
CA PRO B 127 -14.37 5.40 25.56
C PRO B 127 -15.55 5.16 26.48
N VAL B 128 -15.60 3.97 27.08
CA VAL B 128 -16.69 3.62 27.99
C VAL B 128 -16.13 3.14 29.32
N ASP B 129 -16.75 3.55 30.42
CA ASP B 129 -16.31 3.14 31.74
C ASP B 129 -17.28 2.16 32.37
N ALA B 130 -16.94 0.87 32.30
CA ALA B 130 -17.75 -0.17 32.90
C ALA B 130 -17.23 -0.53 34.27
N LEU B 131 -18.14 -0.84 35.18
CA LEU B 131 -17.76 -1.20 36.55
C LEU B 131 -17.17 -2.60 36.58
N HIS B 132 -16.52 -2.94 37.69
CA HIS B 132 -15.86 -4.22 37.83
C HIS B 132 -16.79 -5.29 38.42
N HIS B 133 -17.92 -4.85 38.98
CA HIS B 133 -18.84 -5.76 39.65
C HIS B 133 -20.29 -5.49 39.27
N LYS B 134 -21.21 -6.15 39.97
CA LYS B 134 -22.63 -5.94 39.80
C LYS B 134 -23.26 -5.47 41.11
N PRO B 135 -24.20 -4.51 41.03
CA PRO B 135 -24.88 -3.96 42.21
C PRO B 135 -25.61 -5.02 43.03
N GLY B 136 -26.09 -6.07 42.37
CA GLY B 136 -26.79 -7.14 43.04
C GLY B 136 -25.87 -8.01 43.87
N GLY B 179 -17.99 -13.88 46.56
CA GLY B 179 -18.45 -13.00 45.51
C GLY B 179 -17.64 -13.12 44.24
N LYS B 180 -18.31 -13.03 43.10
CA LYS B 180 -17.64 -13.13 41.80
C LYS B 180 -17.78 -11.82 41.01
N LEU B 181 -16.81 -11.55 40.15
CA LEU B 181 -16.77 -10.29 39.41
C LEU B 181 -17.11 -10.48 37.94
N ARG B 182 -16.63 -9.56 37.10
CA ARG B 182 -16.88 -9.61 35.68
C ARG B 182 -15.92 -10.55 34.97
N GLU B 183 -16.44 -11.32 34.02
CA GLU B 183 -15.59 -12.21 33.22
C GLU B 183 -15.21 -11.52 31.92
N ASN B 184 -16.02 -10.55 31.50
CA ASN B 184 -15.76 -9.78 30.30
C ASN B 184 -16.31 -8.36 30.43
N LEU B 185 -15.64 -7.42 29.78
CA LEU B 185 -16.05 -6.02 29.86
C LEU B 185 -16.91 -5.63 28.65
N LEU B 186 -17.59 -6.63 28.09
CA LEU B 186 -18.51 -6.41 26.97
C LEU B 186 -19.88 -5.96 27.46
N HIS B 187 -20.40 -6.67 28.46
CA HIS B 187 -21.73 -6.40 28.99
C HIS B 187 -21.86 -4.99 29.55
N GLY B 188 -20.87 -4.59 30.34
CA GLY B 188 -20.83 -3.26 30.93
C GLY B 188 -20.80 -2.18 29.88
N ALA B 189 -20.25 -2.50 28.71
CA ALA B 189 -20.23 -1.57 27.59
C ALA B 189 -21.58 -1.57 26.89
N LEU B 190 -22.23 -2.73 26.86
CA LEU B 190 -23.56 -2.85 26.29
C LEU B 190 -24.59 -2.06 27.10
N GLU B 191 -24.34 -1.93 28.39
CA GLU B 191 -25.23 -1.19 29.27
C GLU B 191 -25.24 0.31 28.96
N HIS B 192 -24.17 0.79 28.34
CA HIS B 192 -24.06 2.21 28.02
C HIS B 192 -24.43 2.50 26.56
N TYR B 193 -25.28 1.66 26.00
CA TYR B 193 -25.62 1.78 24.58
C TYR B 193 -26.47 3.00 24.26
N VAL B 194 -27.51 3.24 25.05
CA VAL B 194 -28.48 4.28 24.76
C VAL B 194 -27.89 5.69 24.85
N ASN B 195 -27.15 5.97 25.91
CA ASN B 195 -26.54 7.28 26.09
C ASN B 195 -25.51 7.57 25.01
N CYS B 196 -24.70 6.57 24.68
CA CYS B 196 -23.70 6.68 23.64
C CYS B 196 -24.37 6.76 22.26
N LEU B 197 -25.62 6.33 22.19
CA LEU B 197 -26.43 6.53 21.00
C LEU B 197 -26.91 7.98 20.95
N ASP B 198 -27.13 8.56 22.11
CA ASP B 198 -27.61 9.94 22.21
C ASP B 198 -26.50 10.94 21.86
N LEU B 199 -25.25 10.60 22.20
CA LEU B 199 -24.15 11.51 21.92
C LEU B 199 -23.69 11.42 20.46
N VAL B 200 -24.11 10.36 19.77
CA VAL B 200 -23.74 10.16 18.37
C VAL B 200 -24.93 10.46 17.46
N ASN B 201 -26.05 10.83 18.08
CA ASN B 201 -27.28 11.17 17.37
C ASN B 201 -27.78 10.01 16.52
N LYS B 202 -27.76 8.81 17.09
CA LYS B 202 -28.27 7.59 16.45
C LYS B 202 -27.64 7.32 15.08
N ARG B 203 -26.36 7.63 14.94
CA ARG B 203 -25.65 7.37 13.70
C ARG B 203 -24.72 6.16 13.82
N LEU B 204 -25.27 4.97 13.59
CA LEU B 204 -24.47 3.76 13.56
C LEU B 204 -24.02 3.49 12.13
N PRO B 205 -22.93 2.73 11.93
CA PRO B 205 -22.10 2.01 12.90
C PRO B 205 -21.29 2.88 13.84
N TYR B 206 -21.20 2.47 15.10
CA TYR B 206 -20.39 3.17 16.10
C TYR B 206 -19.97 2.20 17.20
N GLY B 207 -18.83 2.46 17.81
CA GLY B 207 -18.27 1.53 18.78
C GLY B 207 -17.88 2.11 20.13
N LEU B 208 -17.73 1.23 21.10
CA LEU B 208 -17.30 1.60 22.44
C LEU B 208 -16.10 0.75 22.86
N ALA B 209 -15.00 1.41 23.19
CA ALA B 209 -13.77 0.70 23.54
C ALA B 209 -13.37 0.95 24.99
N GLN B 210 -12.71 -0.03 25.59
CA GLN B 210 -12.26 0.07 26.98
C GLN B 210 -11.15 -0.93 27.27
N ILE B 211 -10.14 -0.49 28.01
CA ILE B 211 -9.06 -1.38 28.45
C ILE B 211 -9.15 -1.63 29.94
N GLY B 212 -9.76 -2.75 30.33
CA GLY B 212 -9.95 -3.07 31.73
C GLY B 212 -9.53 -4.47 32.10
N VAL B 213 -9.16 -4.66 33.36
CA VAL B 213 -8.75 -5.97 33.85
C VAL B 213 -9.97 -6.84 34.15
N CYS B 214 -9.95 -8.06 33.65
CA CYS B 214 -11.04 -9.00 33.90
C CYS B 214 -10.61 -10.14 34.81
N PHE B 215 -11.58 -10.75 35.48
CA PHE B 215 -11.31 -11.82 36.44
C PHE B 215 -11.88 -13.15 35.96
N HIS B 216 -10.99 -14.13 35.77
CA HIS B 216 -11.40 -15.44 35.29
C HIS B 216 -11.25 -16.50 36.39
N PRO B 217 -12.35 -17.20 36.70
CA PRO B 217 -12.31 -18.32 37.65
C PRO B 217 -11.54 -19.50 37.06
N VAL B 218 -10.60 -20.05 37.83
CA VAL B 218 -9.77 -21.13 37.33
C VAL B 218 -9.62 -22.26 38.36
N PHE B 219 -9.95 -23.48 37.93
CA PHE B 219 -9.79 -24.66 38.77
C PHE B 219 -8.44 -25.32 38.52
N ASP B 220 -7.46 -24.99 39.34
CA ASP B 220 -6.10 -25.52 39.18
C ASP B 220 -6.04 -27.01 39.49
N THR B 221 -5.64 -27.79 38.50
CA THR B 221 -5.53 -29.24 38.66
C THR B 221 -4.07 -29.68 38.79
N LYS B 229 -9.60 -23.84 41.87
CA LYS B 229 -10.19 -23.25 43.06
C LYS B 229 -9.76 -21.81 43.21
N SER B 230 -8.87 -21.36 42.32
CA SER B 230 -8.34 -20.01 42.40
C SER B 230 -8.96 -19.10 41.35
N ILE B 231 -8.52 -17.84 41.33
CA ILE B 231 -9.02 -16.87 40.36
C ILE B 231 -7.88 -16.03 39.79
N GLY B 232 -7.81 -15.98 38.46
CA GLY B 232 -6.73 -15.26 37.80
C GLY B 232 -7.23 -14.05 37.03
N GLU B 233 -6.62 -12.91 37.31
CA GLU B 233 -7.00 -11.66 36.65
C GLU B 233 -6.04 -11.34 35.51
N LYS B 234 -6.57 -10.73 34.45
CA LYS B 234 -5.73 -10.32 33.33
C LYS B 234 -6.33 -9.13 32.58
N THR B 235 -5.47 -8.19 32.23
CA THR B 235 -5.88 -6.97 31.54
C THR B 235 -6.33 -7.27 30.12
N GLU B 236 -7.51 -6.77 29.75
CA GLU B 236 -8.04 -6.98 28.40
C GLU B 236 -8.52 -5.69 27.77
N ALA B 237 -8.21 -5.52 26.49
CA ALA B 237 -8.68 -4.37 25.73
C ALA B 237 -9.79 -4.79 24.77
N SER B 238 -11.02 -4.39 25.09
CA SER B 238 -12.18 -4.81 24.30
C SER B 238 -12.84 -3.64 23.59
N LEU B 239 -13.37 -3.94 22.41
CA LEU B 239 -14.13 -2.97 21.61
C LEU B 239 -15.42 -3.61 21.13
N VAL B 240 -16.55 -3.00 21.49
CA VAL B 240 -17.84 -3.47 21.02
C VAL B 240 -18.34 -2.56 19.90
N TRP B 241 -18.49 -3.14 18.71
CA TRP B 241 -18.81 -2.38 17.51
C TRP B 241 -20.27 -2.59 17.09
N PHE B 242 -21.12 -1.62 17.39
CA PHE B 242 -22.52 -1.68 16.99
C PHE B 242 -22.65 -1.34 15.51
N THR B 243 -23.05 -2.33 14.71
CA THR B 243 -23.10 -2.17 13.26
C THR B 243 -24.38 -2.76 12.68
N PRO B 244 -24.94 -2.09 11.64
CA PRO B 244 -26.15 -2.55 10.95
C PRO B 244 -26.00 -3.97 10.41
N PRO B 245 -27.11 -4.74 10.43
CA PRO B 245 -27.13 -6.13 9.97
C PRO B 245 -26.74 -6.28 8.50
N ARG B 246 -26.95 -5.24 7.71
CA ARG B 246 -26.63 -5.26 6.29
C ARG B 246 -25.13 -5.34 6.06
N THR B 247 -24.36 -4.82 7.02
CA THR B 247 -22.90 -4.75 6.86
C THR B 247 -22.16 -5.33 8.07
N SER B 248 -22.72 -6.38 8.67
CA SER B 248 -22.12 -7.01 9.83
C SER B 248 -20.85 -7.79 9.47
N ASN B 249 -20.98 -8.71 8.51
CA ASN B 249 -19.86 -9.54 8.10
C ASN B 249 -18.72 -8.73 7.50
N GLN B 250 -19.07 -7.65 6.82
CA GLN B 250 -18.07 -6.76 6.22
C GLN B 250 -17.23 -6.09 7.29
N TRP B 251 -17.89 -5.61 8.35
CA TRP B 251 -17.17 -5.00 9.47
C TRP B 251 -16.40 -6.05 10.25
N LEU B 252 -16.90 -7.28 10.26
CA LEU B 252 -16.19 -8.38 10.91
C LEU B 252 -14.87 -8.66 10.20
N ASP B 253 -14.93 -8.77 8.88
CA ASP B 253 -13.74 -8.97 8.07
C ASP B 253 -12.79 -7.80 8.19
N PHE B 254 -13.34 -6.59 8.16
CA PHE B 254 -12.59 -5.35 8.31
C PHE B 254 -11.77 -5.35 9.59
N TRP B 255 -12.45 -5.55 10.72
CA TRP B 255 -11.81 -5.53 12.02
C TRP B 255 -10.84 -6.70 12.17
N LEU B 256 -11.16 -7.84 11.56
CA LEU B 256 -10.24 -8.97 11.54
C LEU B 256 -8.91 -8.54 10.92
N ARG B 257 -8.99 -8.03 9.69
CA ARG B 257 -7.81 -7.61 8.94
C ARG B 257 -7.02 -6.51 9.66
N HIS B 258 -7.73 -5.56 10.28
CA HIS B 258 -7.07 -4.42 10.90
C HIS B 258 -6.45 -4.75 12.27
N ARG B 259 -7.12 -5.60 13.04
CA ARG B 259 -6.56 -6.08 14.31
C ARG B 259 -5.35 -6.94 14.03
N LEU B 260 -5.50 -7.88 13.11
CA LEU B 260 -4.41 -8.75 12.72
C LEU B 260 -3.23 -7.95 12.18
N GLN B 261 -3.52 -6.88 11.44
CA GLN B 261 -2.47 -6.00 10.93
C GLN B 261 -1.78 -5.27 12.07
N TRP B 262 -2.57 -4.83 13.05
CA TRP B 262 -2.03 -4.13 14.20
C TRP B 262 -1.13 -5.03 15.04
N TRP B 263 -1.42 -6.32 15.03
CA TRP B 263 -0.62 -7.27 15.81
C TRP B 263 0.56 -7.83 15.01
N ARG B 264 0.49 -7.73 13.69
CA ARG B 264 1.55 -8.24 12.84
C ARG B 264 2.71 -7.26 12.69
N LYS B 265 2.43 -5.98 12.95
CA LYS B 265 3.51 -5.01 13.05
C LYS B 265 4.09 -5.09 14.46
N PHE B 266 5.11 -4.27 14.73
CA PHE B 266 5.89 -4.33 15.98
C PHE B 266 6.63 -5.66 16.14
N ALA B 267 6.43 -6.58 15.19
CA ALA B 267 7.00 -7.92 15.30
C ALA B 267 8.25 -8.07 14.44
N MET B 268 9.21 -8.83 14.96
CA MET B 268 10.43 -9.13 14.21
C MET B 268 10.16 -10.30 13.28
N SER B 269 9.05 -10.99 13.52
CA SER B 269 8.62 -12.11 12.68
C SER B 269 7.10 -12.18 12.68
N PRO B 270 6.44 -11.41 11.79
CA PRO B 270 4.99 -11.34 11.68
C PRO B 270 4.34 -12.67 11.28
N SER B 271 5.15 -13.64 10.87
CA SER B 271 4.63 -14.92 10.41
C SER B 271 4.05 -15.75 11.55
N ASN B 272 4.37 -15.39 12.78
CA ASN B 272 3.89 -16.12 13.95
C ASN B 272 2.41 -15.88 14.23
N PHE B 273 1.98 -14.62 14.13
CA PHE B 273 0.59 -14.26 14.35
C PHE B 273 -0.29 -14.75 13.21
N SER B 274 -1.34 -15.49 13.56
CA SER B 274 -2.25 -16.02 12.54
C SER B 274 -3.71 -15.78 12.92
N SER B 275 -4.61 -16.10 11.99
CA SER B 275 -6.04 -15.95 12.22
C SER B 275 -6.79 -17.22 11.86
N SER B 276 -7.92 -17.45 12.53
CA SER B 276 -8.73 -18.62 12.28
C SER B 276 -10.21 -18.27 12.16
N ASP B 277 -10.83 -18.70 11.06
CA ASP B 277 -12.24 -18.48 10.85
C ASP B 277 -13.06 -19.61 11.45
N CYS B 278 -13.97 -19.27 12.35
CA CYS B 278 -14.77 -20.28 13.03
C CYS B 278 -16.22 -19.84 13.19
N GLN B 279 -17.11 -20.81 13.31
CA GLN B 279 -18.54 -20.51 13.46
C GLN B 279 -19.03 -20.83 14.87
N ASP B 280 -20.15 -20.24 15.24
CA ASP B 280 -20.75 -20.45 16.55
C ASP B 280 -21.51 -21.77 16.58
N GLU B 281 -22.06 -22.12 17.74
CA GLU B 281 -22.89 -23.31 17.87
C GLU B 281 -24.23 -23.11 17.18
N GLU B 282 -24.62 -21.85 17.04
CA GLU B 282 -25.87 -21.50 16.35
C GLU B 282 -25.61 -21.24 14.87
N GLY B 283 -24.48 -20.60 14.57
CA GLY B 283 -24.11 -20.32 13.20
C GLY B 283 -23.44 -18.96 13.02
N ARG B 284 -23.35 -18.21 14.11
CA ARG B 284 -22.72 -16.89 14.09
C ARG B 284 -21.25 -16.98 13.70
N LYS B 285 -20.84 -16.14 12.75
CA LYS B 285 -19.45 -16.13 12.28
C LYS B 285 -18.54 -15.40 13.25
N GLY B 286 -17.29 -15.86 13.33
CA GLY B 286 -16.32 -15.27 14.24
C GLY B 286 -14.90 -15.60 13.85
N ASN B 287 -13.95 -14.84 14.38
CA ASN B 287 -12.55 -15.04 14.07
C ASN B 287 -11.67 -14.98 15.31
N LYS B 288 -10.69 -15.88 15.39
CA LYS B 288 -9.75 -15.90 16.51
C LYS B 288 -8.35 -15.53 16.03
N LEU B 289 -7.58 -14.93 16.94
CA LEU B 289 -6.20 -14.57 16.63
C LEU B 289 -5.22 -15.37 17.48
N TYR B 290 -4.23 -15.96 16.84
CA TYR B 290 -3.26 -16.79 17.55
C TYR B 290 -1.83 -16.23 17.43
N TYR B 291 -1.01 -16.51 18.43
CA TYR B 291 0.42 -16.26 18.33
C TYR B 291 1.19 -17.57 18.49
N ASN B 292 2.21 -17.76 17.67
CA ASN B 292 2.98 -19.00 17.70
C ASN B 292 4.08 -18.98 18.75
N PHE B 293 3.73 -19.41 19.97
CA PHE B 293 4.71 -19.59 21.02
C PHE B 293 5.58 -20.81 20.71
N PRO B 294 6.77 -20.89 21.33
CA PRO B 294 7.67 -22.04 21.12
C PRO B 294 7.04 -23.41 21.42
N TRP B 295 5.90 -23.43 22.11
CA TRP B 295 5.24 -24.70 22.44
C TRP B 295 3.93 -24.88 21.68
N GLY B 296 3.66 -23.98 20.74
CA GLY B 296 2.44 -24.05 19.96
C GLY B 296 1.72 -22.72 19.91
N LYS B 297 0.64 -22.65 19.15
CA LYS B 297 -0.13 -21.42 19.02
C LYS B 297 -0.95 -21.16 20.29
N GLU B 298 -1.34 -19.90 20.49
CA GLU B 298 -2.12 -19.52 21.66
C GLU B 298 -3.04 -18.35 21.34
N LEU B 299 -4.28 -18.43 21.83
CA LEU B 299 -5.28 -17.39 21.59
C LEU B 299 -4.89 -16.08 22.27
N ILE B 300 -4.96 -14.98 21.53
CA ILE B 300 -4.59 -13.67 22.06
C ILE B 300 -5.67 -12.63 21.86
N GLU B 301 -6.58 -12.88 20.92
CA GLU B 301 -7.68 -11.96 20.66
C GLU B 301 -8.83 -12.67 19.94
N THR B 302 -10.05 -12.34 20.31
CA THR B 302 -11.23 -13.00 19.75
C THR B 302 -12.23 -12.00 19.17
N LEU B 303 -12.75 -12.32 17.99
CA LEU B 303 -13.73 -11.48 17.32
C LEU B 303 -15.00 -12.25 16.99
N TRP B 304 -16.15 -11.70 17.38
CA TRP B 304 -17.43 -12.37 17.17
C TRP B 304 -18.53 -11.42 16.71
N ASN B 305 -19.51 -11.97 16.00
CA ASN B 305 -20.63 -11.20 15.49
C ASN B 305 -21.94 -11.63 16.16
N LEU B 306 -22.24 -11.03 17.31
CA LEU B 306 -23.44 -11.33 18.08
C LEU B 306 -24.69 -10.77 17.42
N GLY B 307 -25.66 -11.64 17.15
CA GLY B 307 -26.87 -11.25 16.44
C GLY B 307 -27.91 -10.57 17.30
N ASP B 308 -27.59 -9.37 17.79
CA ASP B 308 -28.50 -8.52 18.57
C ASP B 308 -29.42 -9.25 19.55
N HIS B 309 -28.91 -10.32 20.15
CA HIS B 309 -29.68 -11.10 21.10
C HIS B 309 -29.64 -10.47 22.49
N GLU B 310 -28.45 -10.16 22.95
CA GLU B 310 -28.26 -9.63 24.30
C GLU B 310 -28.91 -8.26 24.46
N LEU B 311 -28.82 -7.43 23.43
CA LEU B 311 -29.44 -6.11 23.47
C LEU B 311 -30.97 -6.23 23.54
N LEU B 312 -31.51 -7.23 22.85
CA LEU B 312 -32.94 -7.49 22.90
C LEU B 312 -33.36 -8.01 24.28
N HIS B 313 -32.47 -8.76 24.92
CA HIS B 313 -32.75 -9.30 26.24
C HIS B 313 -32.66 -8.22 27.32
N MET B 314 -31.80 -7.23 27.09
CA MET B 314 -31.58 -6.16 28.06
C MET B 314 -32.71 -5.13 28.04
N TYR B 315 -33.30 -4.92 26.87
CA TYR B 315 -34.40 -3.96 26.74
C TYR B 315 -35.64 -4.64 26.17
N PRO B 316 -36.36 -5.39 27.01
CA PRO B 316 -37.54 -6.12 26.55
C PRO B 316 -38.75 -5.21 26.36
N GLY B 317 -38.82 -4.14 27.16
CA GLY B 317 -39.93 -3.21 27.11
C GLY B 317 -40.01 -2.46 25.79
N ASN B 318 -39.33 -1.32 25.73
CA ASN B 318 -39.32 -0.51 24.52
C ASN B 318 -38.10 -0.78 23.67
N VAL B 319 -38.31 -1.40 22.51
CA VAL B 319 -37.23 -1.67 21.57
C VAL B 319 -37.01 -0.47 20.64
N SER B 320 -37.80 0.57 20.86
CA SER B 320 -37.72 1.78 20.05
C SER B 320 -36.48 2.59 20.39
N LYS B 321 -36.00 2.46 21.62
CA LYS B 321 -34.82 3.19 22.06
C LYS B 321 -33.53 2.49 21.61
N LEU B 322 -33.69 1.44 20.82
CA LEU B 322 -32.55 0.67 20.33
C LEU B 322 -32.34 0.89 18.83
N HIS B 323 -33.35 1.42 18.15
CA HIS B 323 -33.28 1.66 16.72
C HIS B 323 -32.21 2.68 16.35
N GLY B 324 -31.32 2.29 15.44
CA GLY B 324 -30.27 3.18 14.99
C GLY B 324 -30.39 3.48 13.51
N ARG B 325 -30.22 4.75 13.15
CA ARG B 325 -30.37 5.18 11.76
C ARG B 325 -29.26 4.63 10.87
N ASP B 326 -29.59 3.60 10.09
CA ASP B 326 -28.64 3.01 9.15
C ASP B 326 -28.35 3.99 8.01
N GLY B 327 -29.34 4.81 7.70
CA GLY B 327 -29.22 5.80 6.65
C GLY B 327 -30.56 6.43 6.31
N ARG B 328 -31.38 5.66 5.60
CA ARG B 328 -32.72 6.12 5.23
C ARG B 328 -33.77 5.40 6.07
N LYS B 329 -33.30 4.65 7.06
CA LYS B 329 -34.17 3.82 7.88
C LYS B 329 -33.49 3.44 9.18
N ASN B 330 -34.28 3.26 10.23
CA ASN B 330 -33.74 2.84 11.52
C ASN B 330 -33.84 1.33 11.70
N VAL B 331 -32.76 0.70 12.12
CA VAL B 331 -32.69 -0.75 12.24
C VAL B 331 -32.14 -1.16 13.60
N VAL B 332 -32.39 -2.42 13.97
CA VAL B 332 -31.83 -2.99 15.19
C VAL B 332 -30.36 -3.37 14.95
N PRO B 333 -29.46 -2.80 15.76
CA PRO B 333 -28.01 -2.95 15.57
C PRO B 333 -27.50 -4.35 15.89
N CYS B 334 -26.77 -4.94 14.95
CA CYS B 334 -26.05 -6.18 15.19
C CYS B 334 -24.78 -5.85 15.99
N VAL B 335 -24.48 -6.67 16.99
CA VAL B 335 -23.42 -6.33 17.93
C VAL B 335 -22.11 -7.09 17.67
N LEU B 336 -21.16 -6.42 17.03
CA LEU B 336 -19.83 -6.98 16.83
C LEU B 336 -19.00 -6.80 18.10
N SER B 337 -18.01 -7.66 18.30
CA SER B 337 -17.18 -7.58 19.51
C SER B 337 -15.78 -8.15 19.31
N VAL B 338 -14.78 -7.38 19.75
CA VAL B 338 -13.40 -7.83 19.66
C VAL B 338 -12.67 -7.63 21.00
N ASN B 339 -12.29 -8.74 21.62
CA ASN B 339 -11.60 -8.69 22.90
C ASN B 339 -10.16 -9.15 22.78
N GLY B 340 -9.21 -8.28 23.15
CA GLY B 340 -7.81 -8.60 23.02
C GLY B 340 -7.05 -8.65 24.33
N ASP B 341 -6.56 -9.84 24.67
CA ASP B 341 -5.75 -10.04 25.87
C ASP B 341 -4.40 -9.37 25.69
N LEU B 342 -4.15 -8.31 26.45
CA LEU B 342 -2.92 -7.54 26.31
C LEU B 342 -1.78 -8.12 27.15
N ASP B 343 -2.11 -8.99 28.10
CA ASP B 343 -1.08 -9.66 28.89
C ASP B 343 -0.38 -10.70 28.02
N ARG B 344 -1.16 -11.61 27.44
CA ARG B 344 -0.64 -12.62 26.53
C ARG B 344 0.04 -11.97 25.33
N GLY B 345 -0.44 -10.80 24.95
CA GLY B 345 0.15 -10.05 23.86
C GLY B 345 1.51 -9.50 24.27
N MET B 346 1.57 -8.97 25.49
CA MET B 346 2.81 -8.43 26.02
C MET B 346 3.87 -9.55 26.10
N LEU B 347 3.44 -10.71 26.56
CA LEU B 347 4.32 -11.89 26.60
C LEU B 347 4.70 -12.35 25.19
N ALA B 348 3.79 -12.18 24.24
CA ALA B 348 4.01 -12.59 22.87
C ALA B 348 5.10 -11.74 22.22
N TYR B 349 5.02 -10.44 22.42
CA TYR B 349 6.04 -9.52 21.92
C TYR B 349 7.35 -9.73 22.68
N LEU B 350 7.22 -10.09 23.96
CA LEU B 350 8.38 -10.36 24.80
C LEU B 350 9.15 -11.57 24.30
N TYR B 351 8.44 -12.56 23.77
CA TYR B 351 9.06 -13.75 23.21
C TYR B 351 9.58 -13.49 21.80
N ASP B 352 8.80 -12.72 21.04
CA ASP B 352 9.15 -12.40 19.66
C ASP B 352 10.41 -11.56 19.58
N SER B 353 10.63 -10.73 20.60
CA SER B 353 11.79 -9.84 20.64
C SER B 353 13.10 -10.60 20.76
N PHE B 354 13.05 -11.76 21.40
CA PHE B 354 14.24 -12.56 21.65
C PHE B 354 14.54 -13.50 20.48
N GLN B 355 15.82 -13.70 20.20
CA GLN B 355 16.24 -14.58 19.11
C GLN B 355 15.93 -16.03 19.42
N THR B 362 18.63 -18.70 13.74
CA THR B 362 19.25 -19.16 14.98
C THR B 362 20.23 -20.29 14.73
N ARG B 363 20.99 -20.16 13.65
CA ARG B 363 21.98 -21.19 13.27
C ARG B 363 23.13 -20.56 12.49
N LYS B 364 24.30 -21.19 12.60
CA LYS B 364 25.58 -20.74 12.00
C LYS B 364 25.76 -19.22 12.01
N LYS B 365 25.42 -18.59 13.12
CA LYS B 365 25.62 -17.15 13.30
C LYS B 365 27.06 -16.85 13.71
N ASN B 366 27.76 -17.89 14.17
CA ASN B 366 29.17 -17.82 14.55
C ASN B 366 29.48 -16.93 15.76
N LEU B 367 28.54 -16.08 16.15
CA LEU B 367 28.72 -15.21 17.31
C LEU B 367 27.36 -14.72 17.80
N HIS B 368 27.07 -14.96 19.08
CA HIS B 368 25.75 -14.64 19.63
C HIS B 368 25.82 -13.64 20.78
N ARG B 369 24.82 -12.78 20.85
CA ARG B 369 24.70 -11.82 21.94
C ARG B 369 23.28 -11.79 22.48
N LYS B 370 23.13 -11.63 23.80
CA LYS B 370 21.82 -11.62 24.42
C LYS B 370 21.15 -10.24 24.33
N VAL B 371 20.08 -10.17 23.55
CA VAL B 371 19.33 -8.94 23.37
C VAL B 371 17.93 -9.21 22.83
N LEU B 372 16.92 -8.62 23.48
CA LEU B 372 15.55 -8.73 22.99
C LEU B 372 15.18 -7.50 22.19
N LYS B 373 14.80 -7.72 20.93
CA LYS B 373 14.53 -6.63 20.01
C LYS B 373 13.05 -6.25 19.98
N LEU B 374 12.63 -5.44 20.94
CA LEU B 374 11.27 -4.93 20.97
C LEU B 374 11.14 -3.74 20.02
N HIS B 375 9.94 -3.52 19.50
CA HIS B 375 9.68 -2.40 18.62
C HIS B 375 9.87 -1.09 19.37
N PRO B 376 10.55 -0.11 18.74
CA PRO B 376 10.88 1.18 19.35
C PRO B 376 9.68 1.97 19.87
N CYS B 377 8.47 1.60 19.45
CA CYS B 377 7.27 2.29 19.90
C CYS B 377 6.81 1.80 21.28
N LEU B 378 6.77 0.49 21.46
CA LEU B 378 6.27 -0.08 22.71
C LEU B 378 7.38 -0.41 23.70
N ALA B 379 8.63 -0.12 23.32
CA ALA B 379 9.77 -0.37 24.19
C ALA B 379 9.65 0.41 25.50
N PRO B 380 9.90 -0.28 26.63
CA PRO B 380 9.77 0.32 27.97
C PRO B 380 10.63 1.55 28.16
N ILE B 381 11.95 1.39 28.04
CA ILE B 381 12.86 2.53 28.17
C ILE B 381 13.50 2.84 26.83
N LYS B 382 13.30 4.07 26.37
CA LYS B 382 13.78 4.48 25.05
C LYS B 382 15.30 4.65 25.02
N VAL B 383 15.80 5.65 25.72
CA VAL B 383 17.23 5.95 25.73
C VAL B 383 17.81 5.75 27.12
N ALA B 384 19.13 5.67 27.20
CA ALA B 384 19.81 5.49 28.49
C ALA B 384 20.98 6.46 28.62
N LEU B 385 20.86 7.40 29.55
CA LEU B 385 21.90 8.40 29.78
C LEU B 385 22.88 7.97 30.86
N ASP B 386 24.17 8.13 30.57
CA ASP B 386 25.21 7.74 31.52
C ASP B 386 26.33 8.78 31.60
N VAL B 387 27.36 8.46 32.38
CA VAL B 387 28.50 9.34 32.56
C VAL B 387 29.80 8.60 32.27
N GLY B 388 30.58 9.10 31.32
CA GLY B 388 31.85 8.49 30.97
C GLY B 388 33.02 9.43 31.17
N ARG B 389 34.14 8.88 31.62
CA ARG B 389 35.37 9.63 31.86
C ARG B 389 35.15 10.93 32.63
N GLY B 390 34.92 10.83 33.95
CA GLY B 390 34.87 9.55 34.63
C GLY B 390 36.17 9.22 35.36
N PRO B 391 36.37 9.83 36.55
CA PRO B 391 35.45 10.79 37.17
C PRO B 391 35.68 12.22 36.66
N THR B 392 34.62 13.00 36.59
CA THR B 392 34.72 14.39 36.15
C THR B 392 33.76 15.29 36.94
N LEU B 393 34.34 16.23 37.68
CA LEU B 393 33.58 17.13 38.54
C LEU B 393 33.89 18.60 38.21
N GLU B 394 32.90 19.47 38.29
CA GLU B 394 31.53 19.10 38.66
C GLU B 394 30.50 19.77 37.77
N LEU B 395 30.78 19.81 36.48
CA LEU B 395 29.83 20.35 35.51
C LEU B 395 28.98 19.22 34.93
N ARG B 396 28.70 18.22 35.76
CA ARG B 396 27.92 17.07 35.34
C ARG B 396 26.43 17.32 35.54
N GLN B 397 26.10 18.55 35.89
CA GLN B 397 24.71 18.97 36.05
C GLN B 397 24.02 19.08 34.70
N VAL B 398 24.82 19.02 33.64
CA VAL B 398 24.29 19.05 32.28
C VAL B 398 23.48 17.78 32.00
N CYS B 399 23.87 16.69 32.66
CA CYS B 399 23.15 15.43 32.54
C CYS B 399 21.71 15.59 33.03
N GLN B 400 21.55 16.36 34.10
CA GLN B 400 20.23 16.67 34.62
C GLN B 400 19.42 17.47 33.60
N GLY B 401 20.08 18.40 32.95
CA GLY B 401 19.48 19.21 31.91
C GLY B 401 18.94 18.36 30.77
N LEU B 402 19.80 17.50 30.24
CA LEU B 402 19.41 16.59 29.18
C LEU B 402 18.31 15.63 29.64
N PHE B 403 18.34 15.30 30.92
CA PHE B 403 17.35 14.41 31.51
C PHE B 403 15.96 15.03 31.49
N ASN B 404 15.83 16.22 32.07
CA ASN B 404 14.52 16.88 32.11
C ASN B 404 14.07 17.28 30.71
N GLU B 405 15.02 17.68 29.86
CA GLU B 405 14.71 17.99 28.47
C GLU B 405 14.13 16.78 27.76
N LEU B 406 14.69 15.61 28.05
CA LEU B 406 14.23 14.37 27.43
C LEU B 406 12.85 13.97 27.93
N LEU B 407 12.66 13.96 29.25
CA LEU B 407 11.37 13.55 29.79
C LEU B 407 10.26 14.54 29.46
N GLU B 408 10.64 15.79 29.19
CA GLU B 408 9.66 16.80 28.80
C GLU B 408 9.02 16.47 27.45
N ASN B 409 9.79 15.82 26.59
CA ASN B 409 9.28 15.42 25.27
C ASN B 409 8.62 14.05 25.31
N GLY B 410 8.60 13.44 26.48
CA GLY B 410 7.88 12.20 26.70
C GLY B 410 8.60 10.93 26.26
N ILE B 411 9.92 10.98 26.27
CA ILE B 411 10.71 9.79 25.95
C ILE B 411 11.41 9.25 27.20
N SER B 412 11.26 7.95 27.41
CA SER B 412 11.82 7.29 28.60
C SER B 412 13.34 7.30 28.58
N VAL B 413 13.93 7.76 29.68
CA VAL B 413 15.38 7.83 29.80
C VAL B 413 15.86 7.25 31.13
N TRP B 414 16.73 6.24 31.04
CA TRP B 414 17.30 5.61 32.22
C TRP B 414 18.51 6.40 32.71
N PRO B 415 18.55 6.72 34.01
CA PRO B 415 19.63 7.53 34.59
C PRO B 415 20.81 6.70 35.08
N GLY B 416 21.96 6.86 34.46
CA GLY B 416 23.16 6.17 34.87
C GLY B 416 24.09 7.08 35.64
N TYR B 417 23.62 7.58 36.77
CA TYR B 417 24.41 8.48 37.60
C TYR B 417 25.06 7.73 38.75
N LEU B 418 24.30 7.52 39.82
CA LEU B 418 24.79 6.74 40.96
C LEU B 418 24.95 5.29 40.53
N GLU B 419 26.20 4.83 40.51
CA GLU B 419 26.51 3.50 39.99
C GLU B 419 27.60 2.81 40.80
N THR B 420 27.55 1.48 40.84
CA THR B 420 28.58 0.68 41.50
C THR B 420 29.60 0.21 40.45
N MET B 421 29.23 0.36 39.19
CA MET B 421 30.11 -0.01 38.09
C MET B 421 30.37 1.21 37.19
N GLN B 422 31.63 1.62 36.97
CA GLN B 422 32.89 1.02 37.44
C GLN B 422 33.07 -0.45 37.01
N SER B 423 32.94 -0.68 35.71
CA SER B 423 33.14 -2.01 35.12
C SER B 423 33.34 -1.90 33.62
N SER B 424 33.43 -3.05 32.95
CA SER B 424 33.56 -3.07 31.51
C SER B 424 32.30 -2.52 30.85
N LEU B 425 32.47 -1.80 29.74
CA LEU B 425 31.35 -1.19 29.04
C LEU B 425 30.42 -2.26 28.48
N GLU B 426 30.97 -3.43 28.18
CA GLU B 426 30.19 -4.55 27.68
C GLU B 426 29.13 -4.98 28.70
N GLN B 427 29.45 -4.80 29.97
CA GLN B 427 28.54 -5.19 31.05
C GLN B 427 27.24 -4.40 31.02
N LEU B 428 27.35 -3.07 31.03
CA LEU B 428 26.17 -2.22 31.03
C LEU B 428 25.55 -2.09 29.63
N TYR B 429 26.34 -2.39 28.61
CA TYR B 429 25.81 -2.45 27.25
C TYR B 429 24.87 -3.64 27.13
N SER B 430 25.31 -4.80 27.61
CA SER B 430 24.48 -5.99 27.63
C SER B 430 23.33 -5.82 28.60
N LYS B 431 23.57 -5.05 29.65
CA LYS B 431 22.55 -4.73 30.64
C LYS B 431 21.44 -3.88 30.01
N TYR B 432 21.82 -3.04 29.05
CA TYR B 432 20.86 -2.19 28.36
C TYR B 432 20.19 -2.93 27.21
N ASP B 433 20.88 -3.91 26.64
CA ASP B 433 20.33 -4.71 25.56
C ASP B 433 19.37 -5.77 26.09
N GLU B 434 19.52 -6.11 27.37
CA GLU B 434 18.61 -7.02 28.03
C GLU B 434 17.35 -6.28 28.46
N MET B 435 17.40 -4.96 28.37
CA MET B 435 16.26 -4.12 28.70
C MET B 435 15.66 -3.50 27.45
N SER B 436 16.15 -3.95 26.30
CA SER B 436 15.67 -3.50 25.00
C SER B 436 15.75 -1.98 24.82
N ILE B 437 16.72 -1.37 25.47
CA ILE B 437 16.92 0.08 25.34
C ILE B 437 17.45 0.41 23.94
N LEU B 438 16.72 1.27 23.24
CA LEU B 438 17.04 1.64 21.86
C LEU B 438 18.45 2.20 21.71
N PHE B 439 18.70 3.34 22.33
CA PHE B 439 19.99 4.00 22.20
C PHE B 439 20.65 4.23 23.55
N THR B 440 21.99 4.24 23.55
CA THR B 440 22.77 4.51 24.74
C THR B 440 23.60 5.77 24.53
N VAL B 441 23.16 6.87 25.15
CA VAL B 441 23.85 8.14 25.03
C VAL B 441 24.91 8.30 26.13
N LEU B 442 26.14 8.57 25.72
CA LEU B 442 27.23 8.72 26.67
C LEU B 442 27.75 10.15 26.70
N VAL B 443 27.83 10.71 27.90
CA VAL B 443 28.32 12.08 28.09
C VAL B 443 29.68 12.07 28.77
N THR B 444 30.70 12.52 28.05
CA THR B 444 32.05 12.61 28.60
C THR B 444 32.55 14.05 28.61
N GLU B 445 33.79 14.23 29.07
CA GLU B 445 34.36 15.57 29.25
C GLU B 445 34.65 16.26 27.92
N THR B 446 34.91 15.47 26.88
CA THR B 446 35.15 16.03 25.56
C THR B 446 33.88 16.69 25.04
N THR B 447 32.74 16.12 25.39
CA THR B 447 31.45 16.70 25.05
C THR B 447 31.23 17.98 25.86
N LEU B 448 31.79 18.00 27.07
CA LEU B 448 31.74 19.19 27.91
C LEU B 448 32.59 20.29 27.27
N GLU B 449 33.62 19.87 26.52
CA GLU B 449 34.46 20.81 25.80
C GLU B 449 33.76 21.36 24.56
N ASN B 450 33.50 20.49 23.59
CA ASN B 450 32.83 20.91 22.35
C ASN B 450 31.31 20.82 22.45
N GLY B 451 30.77 19.60 22.35
CA GLY B 451 29.34 19.39 22.43
C GLY B 451 28.85 18.25 21.56
N LEU B 452 29.63 17.18 21.51
CA LEU B 452 29.28 16.02 20.70
C LEU B 452 29.31 14.73 21.53
N ILE B 453 28.15 14.33 22.03
CA ILE B 453 28.05 13.14 22.87
C ILE B 453 28.06 11.85 22.06
N HIS B 454 28.31 10.74 22.75
CA HIS B 454 28.37 9.43 22.11
C HIS B 454 27.00 8.77 22.08
N LEU B 455 26.85 7.79 21.19
CA LEU B 455 25.57 7.11 20.99
C LEU B 455 25.77 5.68 20.49
N ARG B 456 25.09 4.74 21.12
CA ARG B 456 25.17 3.34 20.69
C ARG B 456 23.79 2.73 20.49
N SER B 457 23.45 2.41 19.23
CA SER B 457 22.16 1.82 18.92
C SER B 457 22.11 0.35 19.35
N ARG B 458 20.89 -0.14 19.58
CA ARG B 458 20.70 -1.52 20.00
C ARG B 458 20.60 -2.47 18.80
N ASP B 459 19.84 -2.06 17.79
CA ASP B 459 19.68 -2.85 16.57
C ASP B 459 21.02 -3.14 15.93
N THR B 460 21.87 -2.11 15.85
CA THR B 460 23.22 -2.26 15.33
C THR B 460 24.23 -1.63 16.28
N THR B 461 24.90 -2.47 17.06
CA THR B 461 25.88 -1.99 18.03
C THR B 461 27.02 -1.25 17.35
N MET B 462 26.95 0.08 17.38
CA MET B 462 27.94 0.91 16.71
C MET B 462 28.05 2.30 17.35
N LYS B 463 29.28 2.72 17.62
CA LYS B 463 29.55 4.03 18.20
C LYS B 463 29.26 5.14 17.20
N GLU B 464 28.60 6.20 17.66
CA GLU B 464 28.25 7.32 16.78
C GLU B 464 28.18 8.64 17.53
N MET B 465 28.88 9.66 17.01
CA MET B 465 28.89 10.98 17.63
C MET B 465 27.71 11.82 17.18
N MET B 466 27.17 12.64 18.07
CA MET B 466 26.02 13.47 17.72
C MET B 466 25.89 14.70 18.62
N HIS B 467 25.08 15.67 18.23
CA HIS B 467 24.89 16.88 19.02
C HIS B 467 23.70 16.72 19.97
N ILE B 468 23.55 17.64 20.92
CA ILE B 468 22.57 17.49 22.01
C ILE B 468 21.12 17.65 21.55
N SER B 469 20.75 18.85 21.13
CA SER B 469 19.38 19.09 20.68
C SER B 469 19.12 18.25 19.43
N LYS B 470 20.17 18.04 18.66
CA LYS B 470 20.12 17.15 17.51
C LYS B 470 19.80 15.73 17.95
N LEU B 471 20.28 15.34 19.14
CA LEU B 471 19.98 14.03 19.70
C LEU B 471 18.52 13.96 20.13
N LYS B 472 18.05 15.01 20.78
CA LYS B 472 16.65 15.11 21.19
C LYS B 472 15.71 14.94 20.00
N ASP B 473 15.90 15.78 18.99
CA ASP B 473 15.08 15.74 17.79
C ASP B 473 15.28 14.44 17.01
N PHE B 474 16.46 13.83 17.15
CA PHE B 474 16.73 12.55 16.51
C PHE B 474 15.92 11.45 17.17
N LEU B 475 15.75 11.54 18.49
CA LEU B 475 14.96 10.56 19.22
C LEU B 475 13.48 10.72 18.90
N ILE B 476 13.02 11.96 18.94
CA ILE B 476 11.62 12.27 18.61
C ILE B 476 11.30 11.81 17.19
N LYS B 477 12.17 12.14 16.25
CA LYS B 477 11.97 11.75 14.85
C LYS B 477 12.09 10.23 14.69
N TYR B 478 12.92 9.61 15.51
CA TYR B 478 13.11 8.16 15.45
C TYR B 478 11.83 7.44 15.85
N ILE B 479 11.24 7.84 16.97
CA ILE B 479 10.00 7.25 17.43
C ILE B 479 8.86 7.56 16.46
N SER B 480 8.73 8.83 16.10
CA SER B 480 7.66 9.28 15.21
C SER B 480 7.68 8.55 13.87
N SER B 481 8.87 8.37 13.31
CA SER B 481 9.01 7.70 12.03
C SER B 481 8.90 6.18 12.18
N ALA B 482 9.26 5.69 13.37
CA ALA B 482 9.10 4.27 13.66
C ALA B 482 7.63 3.90 13.69
N LYS B 483 6.80 4.83 14.15
CA LYS B 483 5.36 4.64 14.16
C LYS B 483 4.83 4.47 12.74
N ASN B 484 5.46 5.17 11.79
CA ASN B 484 5.07 5.08 10.38
C ASN B 484 5.60 3.80 9.72
N VAL B 485 5.78 3.86 8.40
CA VAL B 485 6.26 2.71 7.64
C VAL B 485 7.78 2.64 7.71
N GLU C 67 -26.60 20.59 42.18
CA GLU C 67 -27.40 21.71 41.66
C GLU C 67 -27.72 21.52 40.19
N ALA C 68 -27.59 22.58 39.41
CA ALA C 68 -27.85 22.53 37.97
C ALA C 68 -26.61 22.05 37.21
N LEU C 69 -25.64 21.51 37.95
CA LEU C 69 -24.42 20.99 37.35
C LEU C 69 -24.54 19.50 37.08
N LEU C 70 -25.27 18.81 37.95
CA LEU C 70 -25.46 17.37 37.82
C LEU C 70 -26.34 17.01 36.62
N GLU C 71 -27.09 18.00 36.14
CA GLU C 71 -28.01 17.77 35.02
C GLU C 71 -27.33 18.01 33.67
N ILE C 72 -26.33 18.88 33.66
CA ILE C 72 -25.60 19.17 32.41
C ILE C 72 -24.45 18.18 32.22
N CYS C 73 -24.28 17.27 33.19
CA CYS C 73 -23.30 16.20 33.07
C CYS C 73 -23.99 14.94 32.58
N GLN C 74 -25.32 14.98 32.53
CA GLN C 74 -26.10 13.86 32.02
C GLN C 74 -26.41 14.04 30.54
N ARG C 75 -26.77 15.26 30.16
CA ARG C 75 -27.09 15.56 28.77
C ARG C 75 -25.84 15.72 27.91
N ARG C 76 -24.69 15.84 28.57
CA ARG C 76 -23.42 15.99 27.85
C ARG C 76 -22.50 14.79 28.10
N HIS C 77 -23.06 13.76 28.74
CA HIS C 77 -22.39 12.48 28.94
C HIS C 77 -21.05 12.55 29.68
N PHE C 78 -21.04 13.27 30.80
CA PHE C 78 -19.92 13.22 31.72
C PHE C 78 -20.11 12.04 32.67
N LEU C 79 -21.38 11.77 32.99
CA LEU C 79 -21.73 10.65 33.86
C LEU C 79 -22.68 9.70 33.14
N SER C 80 -22.91 8.53 33.73
CA SER C 80 -23.80 7.55 33.14
C SER C 80 -25.26 7.91 33.38
N GLY C 81 -26.14 7.26 32.63
CA GLY C 81 -27.56 7.55 32.70
C GLY C 81 -28.22 7.03 33.97
N SER C 82 -28.71 7.96 34.79
CA SER C 82 -29.39 7.61 36.03
C SER C 82 -30.51 8.61 36.33
N LYS C 83 -31.45 8.20 37.16
CA LYS C 83 -32.59 9.05 37.50
C LYS C 83 -32.77 9.15 39.01
N GLN C 84 -32.24 8.16 39.73
CA GLN C 84 -32.36 8.15 41.19
C GLN C 84 -31.00 8.19 41.86
N GLN C 85 -30.03 7.50 41.26
CA GLN C 85 -28.66 7.50 41.78
C GLN C 85 -27.82 8.58 41.12
N LEU C 86 -28.39 9.78 41.00
CA LEU C 86 -27.68 10.92 40.43
C LEU C 86 -27.38 11.95 41.50
N SER C 87 -27.69 11.63 42.75
CA SER C 87 -27.49 12.54 43.86
C SER C 87 -26.01 12.71 44.20
N ARG C 88 -25.69 13.72 44.99
CA ARG C 88 -24.32 13.99 45.39
C ARG C 88 -23.79 12.91 46.31
N ASP C 89 -24.68 12.35 47.13
CA ASP C 89 -24.29 11.33 48.09
C ASP C 89 -23.93 10.02 47.39
N SER C 90 -24.60 9.74 46.28
CA SER C 90 -24.34 8.53 45.52
C SER C 90 -23.08 8.68 44.67
N LEU C 91 -22.79 9.91 44.26
CA LEU C 91 -21.58 10.20 43.50
C LEU C 91 -20.35 10.17 44.40
N LEU C 92 -20.50 10.70 45.61
CA LEU C 92 -19.43 10.63 46.62
C LEU C 92 -19.18 9.18 46.99
N SER C 93 -20.24 8.37 46.96
CA SER C 93 -20.12 6.94 47.17
C SER C 93 -19.57 6.27 45.93
N GLY C 94 -19.03 5.06 46.09
CA GLY C 94 -18.50 4.32 44.96
C GLY C 94 -19.60 3.69 44.14
N CYS C 95 -20.85 3.80 44.61
CA CYS C 95 -21.99 3.26 43.91
C CYS C 95 -22.16 3.94 42.55
N HIS C 96 -22.34 3.12 41.52
CA HIS C 96 -22.35 3.60 40.15
C HIS C 96 -23.24 2.69 39.29
N PRO C 97 -23.85 3.20 38.20
CA PRO C 97 -23.75 4.33 37.28
C PRO C 97 -22.40 5.02 37.19
N GLY C 98 -21.50 4.44 36.38
CA GLY C 98 -20.12 4.87 36.30
C GLY C 98 -19.90 6.22 35.67
N PHE C 99 -19.31 6.24 34.48
CA PHE C 99 -18.94 7.49 33.82
C PHE C 99 -19.27 7.48 32.33
N GLY C 100 -19.54 8.68 31.80
CA GLY C 100 -19.71 8.85 30.38
C GLY C 100 -18.37 9.13 29.74
N PRO C 101 -18.29 9.06 28.41
CA PRO C 101 -17.05 9.23 27.64
C PRO C 101 -16.26 10.48 28.03
N LEU C 102 -16.96 11.60 28.26
CA LEU C 102 -16.31 12.84 28.65
C LEU C 102 -15.61 12.71 30.00
N GLY C 103 -16.29 12.07 30.94
CA GLY C 103 -15.72 11.84 32.26
C GLY C 103 -14.54 10.89 32.20
N VAL C 104 -14.63 9.90 31.32
CA VAL C 104 -13.55 8.94 31.13
C VAL C 104 -12.30 9.63 30.59
N GLU C 105 -12.48 10.45 29.56
CA GLU C 105 -11.37 11.21 28.98
C GLU C 105 -10.78 12.19 29.98
N LEU C 106 -11.63 12.82 30.77
CA LEU C 106 -11.21 13.75 31.80
C LEU C 106 -10.36 13.04 32.85
N ARG C 107 -10.81 11.85 33.24
CA ARG C 107 -10.10 11.04 34.22
C ARG C 107 -8.78 10.53 33.67
N LYS C 108 -8.74 10.25 32.37
CA LYS C 108 -7.54 9.75 31.72
C LYS C 108 -6.49 10.85 31.61
N ASN C 109 -6.92 12.04 31.25
CA ASN C 109 -6.03 13.19 31.20
C ASN C 109 -5.52 13.53 32.60
N LEU C 110 -6.40 13.42 33.59
CA LEU C 110 -6.06 13.68 34.98
C LEU C 110 -5.01 12.71 35.49
N ALA C 111 -5.22 11.42 35.21
CA ALA C 111 -4.29 10.37 35.61
C ALA C 111 -2.97 10.53 34.88
N ALA C 112 -3.04 10.96 33.62
CA ALA C 112 -1.84 11.18 32.83
C ALA C 112 -1.01 12.30 33.43
N GLU C 113 -1.66 13.40 33.80
CA GLU C 113 -0.98 14.52 34.41
C GLU C 113 -0.46 14.15 35.80
N TRP C 114 -1.14 13.21 36.45
CA TRP C 114 -0.70 12.72 37.75
C TRP C 114 0.60 11.94 37.59
N TRP C 115 0.63 11.04 36.62
CA TRP C 115 1.81 10.22 36.36
C TRP C 115 2.95 11.08 35.83
N THR C 116 2.59 12.20 35.23
CA THR C 116 3.60 13.14 34.72
C THR C 116 4.20 13.96 35.85
N SER C 117 3.38 14.29 36.85
CA SER C 117 3.82 15.10 37.97
C SER C 117 4.65 14.31 38.98
N VAL C 118 4.84 13.02 38.71
CA VAL C 118 5.64 12.17 39.58
C VAL C 118 6.77 11.48 38.82
N VAL C 119 6.74 11.60 37.49
CA VAL C 119 7.81 11.03 36.67
C VAL C 119 8.93 12.04 36.49
N VAL C 120 8.62 13.32 36.74
CA VAL C 120 9.62 14.37 36.70
C VAL C 120 10.39 14.42 38.02
N PHE C 121 9.90 13.64 38.98
CA PHE C 121 10.49 13.61 40.32
C PHE C 121 11.77 12.80 40.37
N ARG C 122 12.83 13.42 40.86
CA ARG C 122 14.12 12.76 41.04
C ARG C 122 14.16 12.01 42.37
N GLU C 123 14.79 10.84 42.40
CA GLU C 123 15.50 10.29 41.25
C GLU C 123 14.60 9.42 40.37
N GLN C 124 14.20 8.26 40.90
CA GLN C 124 13.44 7.30 40.12
C GLN C 124 12.32 6.64 40.92
N VAL C 125 11.13 6.64 40.34
CA VAL C 125 9.98 5.96 40.91
C VAL C 125 9.44 4.95 39.91
N PHE C 126 9.33 3.69 40.33
CA PHE C 126 8.93 2.63 39.41
C PHE C 126 7.44 2.34 39.48
N PRO C 127 6.78 2.28 38.32
CA PRO C 127 5.35 1.94 38.24
C PRO C 127 5.12 0.44 38.42
N VAL C 128 4.08 0.08 39.17
CA VAL C 128 3.74 -1.32 39.38
C VAL C 128 2.23 -1.53 39.31
N ASP C 129 1.81 -2.78 39.29
CA ASP C 129 0.39 -3.11 39.32
C ASP C 129 0.13 -4.23 40.32
N ALA C 130 -0.87 -4.03 41.17
CA ALA C 130 -1.22 -5.00 42.20
C ALA C 130 -2.43 -5.81 41.81
N LEU C 131 -2.58 -6.97 42.42
CA LEU C 131 -3.75 -7.82 42.19
C LEU C 131 -4.98 -7.19 42.85
N HIS C 132 -6.15 -7.51 42.33
CA HIS C 132 -7.39 -6.95 42.85
C HIS C 132 -7.98 -7.84 43.95
N HIS C 133 -7.93 -9.15 43.74
CA HIS C 133 -8.47 -10.11 44.70
C HIS C 133 -7.41 -10.56 45.71
N LYS C 134 -7.84 -11.33 46.70
CA LYS C 134 -6.93 -11.86 47.71
C LYS C 134 -6.08 -12.99 47.12
N PRO C 135 -4.77 -12.90 47.32
CA PRO C 135 -3.84 -13.88 46.77
C PRO C 135 -4.09 -15.27 47.33
N GLY C 136 -4.59 -15.33 48.56
CA GLY C 136 -4.85 -16.60 49.22
C GLY C 136 -6.32 -16.98 49.19
N PRO C 137 -7.02 -16.53 48.16
CA PRO C 137 -8.44 -16.83 48.02
C PRO C 137 -9.27 -15.57 47.89
N LYS C 180 -12.45 -10.17 49.99
CA LYS C 180 -11.27 -10.66 49.28
C LYS C 180 -10.64 -9.56 48.43
N LEU C 181 -11.47 -8.64 47.93
CA LEU C 181 -11.00 -7.54 47.11
C LEU C 181 -10.17 -6.56 47.94
N ARG C 182 -9.38 -5.74 47.26
CA ARG C 182 -8.48 -4.82 47.94
C ARG C 182 -9.19 -3.55 48.41
N GLU C 183 -8.77 -3.05 49.56
CA GLU C 183 -9.31 -1.80 50.11
C GLU C 183 -8.34 -0.66 49.82
N ASN C 184 -7.10 -0.83 50.26
CA ASN C 184 -6.06 0.16 50.02
C ASN C 184 -5.15 -0.30 48.90
N LEU C 185 -4.30 0.60 48.41
CA LEU C 185 -3.35 0.27 47.36
C LEU C 185 -1.92 0.34 47.90
N LEU C 186 -1.71 -0.33 49.03
CA LEU C 186 -0.42 -0.31 49.72
C LEU C 186 0.23 -1.69 49.72
N HIS C 187 -0.56 -2.71 50.00
CA HIS C 187 -0.08 -4.08 50.13
C HIS C 187 0.64 -4.56 48.86
N GLY C 188 0.00 -4.36 47.71
CA GLY C 188 0.57 -4.77 46.44
C GLY C 188 1.86 -4.06 46.11
N ALA C 189 2.01 -2.84 46.63
CA ALA C 189 3.24 -2.08 46.44
C ALA C 189 4.31 -2.52 47.43
N LEU C 190 3.87 -3.09 48.54
CA LEU C 190 4.81 -3.60 49.55
C LEU C 190 5.34 -4.98 49.16
N GLU C 191 4.56 -5.72 48.39
CA GLU C 191 4.97 -7.04 47.93
C GLU C 191 6.13 -6.95 46.94
N HIS C 192 6.15 -5.87 46.15
CA HIS C 192 7.19 -5.69 45.14
C HIS C 192 8.34 -4.84 45.67
N TYR C 193 8.38 -4.64 46.98
CA TYR C 193 9.44 -3.85 47.61
C TYR C 193 10.80 -4.53 47.49
N VAL C 194 10.89 -5.75 48.01
CA VAL C 194 12.13 -6.51 48.00
C VAL C 194 12.66 -6.72 46.57
N ASN C 195 11.74 -6.89 45.63
CA ASN C 195 12.11 -7.06 44.23
C ASN C 195 12.68 -5.79 43.63
N CYS C 196 11.99 -4.67 43.85
CA CYS C 196 12.41 -3.38 43.31
C CYS C 196 13.62 -2.81 44.05
N LEU C 197 14.12 -3.55 45.04
CA LEU C 197 15.34 -3.17 45.73
C LEU C 197 16.55 -3.45 44.84
N ASP C 198 16.42 -4.45 43.98
CA ASP C 198 17.49 -4.84 43.08
C ASP C 198 17.72 -3.81 41.98
N LEU C 199 16.61 -3.27 41.46
CA LEU C 199 16.68 -2.34 40.34
C LEU C 199 17.26 -0.98 40.77
N VAL C 200 16.99 -0.59 42.00
CA VAL C 200 17.56 0.64 42.54
C VAL C 200 18.95 0.38 43.12
N ASN C 201 19.36 -0.89 43.04
CA ASN C 201 20.66 -1.33 43.56
C ASN C 201 20.82 -1.02 45.05
N LYS C 202 19.69 -0.96 45.76
CA LYS C 202 19.66 -0.71 47.20
C LYS C 202 20.38 0.59 47.58
N ARG C 203 20.46 1.51 46.63
CA ARG C 203 21.31 2.70 46.79
C ARG C 203 20.66 3.77 47.67
N LEU C 204 19.51 4.27 47.25
CA LEU C 204 18.86 5.37 47.96
C LEU C 204 17.40 5.07 48.27
N PRO C 205 16.78 5.86 49.18
CA PRO C 205 15.33 5.82 49.38
C PRO C 205 14.57 6.02 48.08
N TYR C 206 13.48 5.28 47.89
CA TYR C 206 12.77 5.30 46.61
C TYR C 206 11.31 4.94 46.78
N GLY C 207 10.50 5.25 45.78
CA GLY C 207 9.07 5.03 45.87
C GLY C 207 8.47 4.17 44.76
N LEU C 208 7.22 3.78 44.94
CA LEU C 208 6.49 3.03 43.94
C LEU C 208 5.09 3.61 43.74
N ALA C 209 4.82 4.10 42.54
CA ALA C 209 3.52 4.70 42.24
C ALA C 209 2.65 3.77 41.41
N GLN C 210 1.34 3.85 41.60
CA GLN C 210 0.40 3.02 40.85
C GLN C 210 -1.03 3.57 40.90
N ILE C 211 -1.72 3.51 39.76
CA ILE C 211 -3.11 3.94 39.68
C ILE C 211 -4.02 2.73 39.46
N GLY C 212 -4.98 2.53 40.36
CA GLY C 212 -5.84 1.37 40.28
C GLY C 212 -7.25 1.58 40.77
N VAL C 213 -8.12 0.62 40.47
CA VAL C 213 -9.52 0.69 40.87
C VAL C 213 -9.74 -0.07 42.18
N CYS C 214 -9.72 0.66 43.29
CA CYS C 214 -9.94 0.05 44.60
C CYS C 214 -11.42 0.05 44.96
N PHE C 215 -11.77 -0.76 45.96
CA PHE C 215 -13.17 -0.94 46.33
C PHE C 215 -13.42 -0.54 47.78
N HIS C 216 -14.67 -0.28 48.11
CA HIS C 216 -15.08 0.01 49.48
C HIS C 216 -16.57 -0.24 49.66
N PRO C 217 -16.94 -0.87 50.77
CA PRO C 217 -18.35 -1.24 51.03
C PRO C 217 -19.24 -0.02 51.23
N VAL C 218 -20.39 0.00 50.56
CA VAL C 218 -21.34 1.09 50.70
C VAL C 218 -22.66 0.59 51.31
N PHE C 219 -23.12 1.29 52.35
CA PHE C 219 -24.32 0.89 53.06
C PHE C 219 -25.53 1.71 52.62
N GLY C 227 -32.30 -1.83 53.48
CA GLY C 227 -32.20 -3.11 52.84
C GLY C 227 -30.82 -3.73 52.97
N VAL C 228 -30.33 -4.32 51.89
CA VAL C 228 -29.02 -4.95 51.88
C VAL C 228 -27.95 -3.92 51.51
N LYS C 229 -26.69 -4.24 51.83
CA LYS C 229 -25.58 -3.33 51.55
C LYS C 229 -24.84 -3.76 50.30
N SER C 230 -24.30 -2.79 49.57
CA SER C 230 -23.62 -3.06 48.31
C SER C 230 -22.14 -2.69 48.35
N ILE C 231 -21.49 -2.72 47.19
CA ILE C 231 -20.07 -2.43 47.10
C ILE C 231 -19.81 -1.33 46.07
N GLY C 232 -18.95 -0.38 46.42
CA GLY C 232 -18.62 0.73 45.55
C GLY C 232 -17.19 0.73 45.08
N GLU C 233 -16.94 1.38 43.94
CA GLU C 233 -15.62 1.43 43.34
C GLU C 233 -15.08 2.85 43.26
N LYS C 234 -13.77 3.00 43.36
CA LYS C 234 -13.12 4.30 43.17
C LYS C 234 -11.74 4.11 42.55
N THR C 235 -11.44 4.92 41.53
CA THR C 235 -10.14 4.87 40.89
C THR C 235 -9.18 5.82 41.59
N GLU C 236 -8.22 5.26 42.33
CA GLU C 236 -7.30 6.06 43.10
C GLU C 236 -5.85 5.90 42.62
N ALA C 237 -5.04 6.94 42.84
CA ALA C 237 -3.63 6.91 42.51
C ALA C 237 -2.79 7.01 43.78
N SER C 238 -1.94 6.01 44.00
CA SER C 238 -1.17 5.94 45.23
C SER C 238 0.34 5.96 44.97
N LEU C 239 1.08 6.42 45.97
CA LEU C 239 2.54 6.45 45.91
C LEU C 239 3.13 6.02 47.25
N VAL C 240 3.89 4.92 47.22
CA VAL C 240 4.51 4.41 48.43
C VAL C 240 5.98 4.78 48.47
N TRP C 241 6.32 5.77 49.29
CA TRP C 241 7.67 6.34 49.31
C TRP C 241 8.50 5.82 50.48
N PHE C 242 9.39 4.87 50.20
CA PHE C 242 10.30 4.33 51.20
C PHE C 242 11.46 5.27 51.47
N THR C 243 11.61 5.68 52.72
CA THR C 243 12.65 6.64 53.12
C THR C 243 13.07 6.45 54.56
N PRO C 244 14.38 6.63 54.85
CA PRO C 244 14.93 6.52 56.21
C PRO C 244 14.15 7.34 57.24
N PRO C 245 14.00 6.81 58.45
CA PRO C 245 13.22 7.42 59.54
C PRO C 245 13.68 8.82 59.91
N ARG C 246 14.96 9.11 59.75
CA ARG C 246 15.51 10.41 60.10
C ARG C 246 15.10 11.48 59.09
N THR C 247 14.86 11.07 57.85
CA THR C 247 14.46 11.99 56.80
C THR C 247 13.09 11.63 56.24
N SER C 248 12.21 11.13 57.09
CA SER C 248 10.88 10.73 56.68
C SER C 248 9.89 11.87 56.76
N ASN C 249 9.90 12.58 57.88
CA ASN C 249 8.98 13.69 58.12
C ASN C 249 9.20 14.84 57.15
N GLN C 250 10.47 15.15 56.90
CA GLN C 250 10.85 16.23 55.97
C GLN C 250 10.34 15.92 54.57
N TRP C 251 10.55 14.69 54.14
CA TRP C 251 10.08 14.24 52.82
C TRP C 251 8.55 14.20 52.77
N LEU C 252 7.94 13.97 53.92
CA LEU C 252 6.48 13.98 54.02
C LEU C 252 5.95 15.39 53.80
N ASP C 253 6.61 16.38 54.40
CA ASP C 253 6.25 17.78 54.18
C ASP C 253 6.50 18.16 52.73
N PHE C 254 7.58 17.65 52.17
CA PHE C 254 7.90 17.86 50.76
C PHE C 254 6.77 17.38 49.86
N TRP C 255 6.34 16.14 50.06
CA TRP C 255 5.26 15.58 49.27
C TRP C 255 3.95 16.32 49.51
N LEU C 256 3.76 16.82 50.74
CA LEU C 256 2.60 17.64 51.05
C LEU C 256 2.59 18.86 50.13
N ARG C 257 3.69 19.59 50.12
CA ARG C 257 3.81 20.80 49.30
C ARG C 257 3.61 20.49 47.82
N HIS C 258 4.30 19.46 47.32
CA HIS C 258 4.24 19.12 45.90
C HIS C 258 2.84 18.68 45.46
N ARG C 259 2.13 17.97 46.34
CA ARG C 259 0.78 17.52 46.03
C ARG C 259 -0.20 18.69 46.06
N LEU C 260 -0.05 19.55 47.06
CA LEU C 260 -0.89 20.75 47.18
C LEU C 260 -0.72 21.63 45.94
N GLN C 261 0.52 21.80 45.51
CA GLN C 261 0.82 22.56 44.30
C GLN C 261 0.27 21.85 43.07
N TRP C 262 0.31 20.52 43.08
CA TRP C 262 -0.24 19.73 41.99
C TRP C 262 -1.72 19.99 41.80
N TRP C 263 -2.47 20.01 42.91
CA TRP C 263 -3.89 20.32 42.85
C TRP C 263 -4.11 21.80 42.56
N ARG C 264 -3.12 22.61 42.90
CA ARG C 264 -3.24 24.06 42.73
C ARG C 264 -3.05 24.49 41.27
N LYS C 265 -2.26 23.74 40.52
CA LYS C 265 -1.95 24.10 39.13
C LYS C 265 -3.19 24.10 38.24
N PHE C 266 -3.93 23.01 38.25
CA PHE C 266 -5.10 22.86 37.37
C PHE C 266 -6.35 23.49 37.97
N ALA C 267 -6.22 24.05 39.17
CA ALA C 267 -7.35 24.64 39.86
C ALA C 267 -7.66 26.04 39.35
N MET C 268 -8.94 26.39 39.32
CA MET C 268 -9.36 27.74 38.96
C MET C 268 -9.25 28.65 40.18
N SER C 269 -9.22 28.03 41.36
CA SER C 269 -9.06 28.75 42.61
C SER C 269 -8.29 27.91 43.62
N PRO C 270 -7.11 28.41 44.06
CA PRO C 270 -6.25 27.70 45.00
C PRO C 270 -6.83 27.65 46.41
N SER C 271 -7.73 28.58 46.71
CA SER C 271 -8.34 28.65 48.03
C SER C 271 -9.37 27.54 48.22
N ASN C 272 -9.77 26.92 47.12
CA ASN C 272 -10.74 25.83 47.16
C ASN C 272 -10.11 24.55 47.72
N PHE C 273 -8.82 24.37 47.45
CA PHE C 273 -8.08 23.24 47.98
C PHE C 273 -7.38 23.60 49.29
N SER C 274 -7.50 22.73 50.28
CA SER C 274 -6.92 22.99 51.59
C SER C 274 -6.06 21.82 52.06
N SER C 275 -5.19 22.08 53.04
CA SER C 275 -4.31 21.06 53.59
C SER C 275 -4.39 21.05 55.12
N SER C 276 -4.74 19.90 55.68
CA SER C 276 -4.89 19.77 57.13
C SER C 276 -3.86 18.83 57.73
N ASP C 277 -3.41 19.15 58.94
CA ASP C 277 -2.43 18.32 59.65
C ASP C 277 -3.10 17.50 60.74
N CYS C 278 -2.54 16.32 61.02
CA CYS C 278 -3.07 15.45 62.07
C CYS C 278 -2.04 14.41 62.50
N GLN C 279 -2.35 13.69 63.57
CA GLN C 279 -1.46 12.66 64.09
C GLN C 279 -2.21 11.71 65.04
N ASP C 280 -1.58 10.58 65.33
CA ASP C 280 -2.14 9.61 66.27
C ASP C 280 -1.04 8.71 66.85
N GLU C 281 -1.43 7.57 67.40
CA GLU C 281 -0.49 6.65 68.02
C GLU C 281 0.14 5.72 66.98
N GLU C 282 -0.65 5.32 65.99
CA GLU C 282 -0.16 4.46 64.91
C GLU C 282 0.66 5.27 63.92
N GLY C 283 0.14 6.41 63.49
CA GLY C 283 0.85 7.29 62.60
C GLY C 283 1.40 8.49 63.35
N ARG C 284 2.72 8.65 63.31
CA ARG C 284 3.39 9.72 64.06
C ARG C 284 2.98 11.10 63.54
N LYS C 285 2.89 11.22 62.21
CA LYS C 285 2.46 12.48 61.59
C LYS C 285 1.84 12.23 60.23
N GLY C 286 0.65 12.78 60.00
CA GLY C 286 -0.04 12.62 58.74
C GLY C 286 -0.71 13.90 58.28
N ASN C 287 -0.97 13.99 56.98
CA ASN C 287 -1.62 15.17 56.41
C ASN C 287 -2.69 14.78 55.41
N LYS C 288 -3.83 15.46 55.49
CA LYS C 288 -4.96 15.17 54.59
C LYS C 288 -5.32 16.37 53.73
N LEU C 289 -5.47 16.13 52.43
CA LEU C 289 -5.81 17.20 51.49
C LEU C 289 -7.31 17.28 51.26
N TYR C 290 -7.92 18.38 51.66
CA TYR C 290 -9.35 18.56 51.51
C TYR C 290 -9.70 19.48 50.34
N TYR C 291 -10.96 19.43 49.93
CA TYR C 291 -11.46 20.29 48.86
C TYR C 291 -12.79 20.91 49.24
N ASN C 292 -12.85 22.24 49.16
CA ASN C 292 -14.08 22.98 49.43
C ASN C 292 -15.03 22.93 48.24
N PHE C 293 -16.31 22.74 48.51
CA PHE C 293 -17.28 22.47 47.44
C PHE C 293 -18.13 23.66 46.96
N PRO C 294 -18.68 24.49 47.87
CA PRO C 294 -18.65 24.56 49.33
C PRO C 294 -19.91 24.03 50.01
N TRP C 295 -20.48 22.94 49.50
CA TRP C 295 -21.62 22.30 50.16
C TRP C 295 -21.11 21.41 51.27
N GLY C 296 -19.79 21.33 51.40
CA GLY C 296 -19.14 20.54 52.42
C GLY C 296 -17.74 20.14 51.97
N LYS C 297 -16.73 20.57 52.72
CA LYS C 297 -15.34 20.21 52.43
C LYS C 297 -15.17 18.70 52.50
N GLU C 298 -14.57 18.12 51.47
CA GLU C 298 -14.47 16.67 51.38
C GLU C 298 -13.02 16.19 51.23
N LEU C 299 -12.78 14.93 51.56
CA LEU C 299 -11.44 14.35 51.47
C LEU C 299 -11.05 14.07 50.02
N ILE C 300 -9.84 14.44 49.64
CA ILE C 300 -9.37 14.25 48.27
C ILE C 300 -8.12 13.40 48.22
N GLU C 301 -7.30 13.48 49.28
CA GLU C 301 -6.03 12.77 49.30
C GLU C 301 -5.49 12.65 50.72
N THR C 302 -4.91 11.48 51.03
CA THR C 302 -4.34 11.23 52.34
C THR C 302 -2.83 11.00 52.26
N LEU C 303 -2.09 11.64 53.17
CA LEU C 303 -0.64 11.49 53.23
C LEU C 303 -0.20 11.05 54.61
N TRP C 304 0.12 9.77 54.76
CA TRP C 304 0.51 9.23 56.06
C TRP C 304 2.00 8.89 56.12
N ASN C 305 2.48 8.66 57.34
CA ASN C 305 3.88 8.29 57.57
C ASN C 305 3.98 7.01 58.38
N LEU C 306 3.54 5.90 57.80
CA LEU C 306 3.55 4.62 58.48
C LEU C 306 4.97 4.14 58.80
N GLY C 307 5.13 3.56 59.99
CA GLY C 307 6.40 2.99 60.39
C GLY C 307 6.71 1.72 59.62
N ASP C 308 7.75 1.02 60.04
CA ASP C 308 8.17 -0.21 59.36
C ASP C 308 7.32 -1.40 59.79
N HIS C 309 6.42 -1.17 60.75
CA HIS C 309 5.56 -2.23 61.29
C HIS C 309 4.74 -2.91 60.20
N GLU C 310 4.18 -2.11 59.29
CA GLU C 310 3.38 -2.64 58.19
C GLU C 310 4.20 -3.58 57.32
N LEU C 311 5.45 -3.18 57.07
CA LEU C 311 6.35 -3.96 56.22
C LEU C 311 6.97 -5.12 57.00
N LEU C 312 7.19 -4.90 58.30
CA LEU C 312 7.81 -5.90 59.15
C LEU C 312 6.83 -7.01 59.50
N HIS C 313 5.55 -6.75 59.27
CA HIS C 313 4.50 -7.71 59.58
C HIS C 313 4.37 -8.79 58.51
N MET C 314 4.73 -8.45 57.27
CA MET C 314 4.58 -9.39 56.16
C MET C 314 5.90 -10.06 55.77
N TYR C 315 7.00 -9.63 56.38
CA TYR C 315 8.29 -10.29 56.16
C TYR C 315 9.06 -10.62 57.46
N PRO C 316 8.45 -11.38 58.39
CA PRO C 316 9.26 -11.80 59.53
C PRO C 316 9.58 -13.30 59.53
N GLY C 317 10.82 -13.66 59.20
CA GLY C 317 11.84 -12.71 58.82
C GLY C 317 12.45 -13.03 57.48
N ASN C 318 13.77 -13.05 57.40
CA ASN C 318 14.62 -12.75 58.56
C ASN C 318 15.01 -11.28 58.62
N VAL C 319 14.16 -10.43 58.04
CA VAL C 319 14.28 -8.97 58.04
C VAL C 319 15.68 -8.41 57.70
N SER C 320 16.58 -9.29 57.26
CA SER C 320 17.91 -8.85 56.86
C SER C 320 17.88 -8.36 55.41
N LYS C 321 16.74 -8.57 54.76
CA LYS C 321 16.56 -8.17 53.37
C LYS C 321 15.98 -6.76 53.28
N LEU C 322 15.17 -6.40 54.27
CA LEU C 322 14.38 -5.17 54.23
C LEU C 322 15.22 -3.91 54.33
N HIS C 323 16.21 -3.91 55.22
CA HIS C 323 17.02 -2.71 55.44
C HIS C 323 17.87 -2.40 54.21
N GLY C 324 17.74 -1.16 53.71
CA GLY C 324 18.47 -0.72 52.54
C GLY C 324 19.62 0.20 52.90
N ARG C 325 20.59 0.29 51.99
CA ARG C 325 21.78 1.10 52.24
C ARG C 325 21.45 2.60 52.22
N ASP C 326 21.98 3.33 53.18
CA ASP C 326 21.76 4.77 53.28
C ASP C 326 23.06 5.49 53.59
N GLY C 327 24.03 5.41 52.68
CA GLY C 327 25.34 5.99 52.89
C GLY C 327 26.16 5.16 53.86
N ARG C 328 26.50 3.95 53.42
CA ARG C 328 27.27 3.00 54.23
C ARG C 328 26.56 2.71 55.56
N LYS C 329 25.23 2.68 55.52
CA LYS C 329 24.42 2.42 56.70
C LYS C 329 23.23 1.52 56.37
N ASN C 330 23.04 0.48 57.18
CA ASN C 330 21.89 -0.41 57.01
C ASN C 330 20.74 -0.01 57.94
N VAL C 331 19.60 0.29 57.36
CA VAL C 331 18.45 0.77 58.14
C VAL C 331 17.12 0.45 57.45
N VAL C 332 16.20 -0.13 58.21
CA VAL C 332 14.86 -0.41 57.71
C VAL C 332 14.13 0.92 57.50
N PRO C 333 13.69 1.17 56.25
CA PRO C 333 13.10 2.46 55.88
C PRO C 333 11.67 2.64 56.36
N CYS C 334 11.37 3.84 56.87
CA CYS C 334 10.00 4.23 57.17
C CYS C 334 9.24 4.40 55.86
N VAL C 335 7.92 4.18 55.91
CA VAL C 335 7.11 4.17 54.70
C VAL C 335 6.12 5.33 54.63
N LEU C 336 6.19 6.09 53.54
CA LEU C 336 5.25 7.17 53.31
C LEU C 336 4.09 6.70 52.43
N SER C 337 2.87 6.95 52.89
CA SER C 337 1.69 6.50 52.17
C SER C 337 0.93 7.66 51.53
N VAL C 338 1.13 7.83 50.23
CA VAL C 338 0.38 8.82 49.46
C VAL C 338 -0.81 8.14 48.81
N ASN C 339 -1.99 8.74 48.94
CA ASN C 339 -3.20 8.13 48.41
C ASN C 339 -4.24 9.15 47.96
N GLY C 340 -4.27 9.44 46.67
CA GLY C 340 -5.19 10.43 46.12
C GLY C 340 -6.35 9.82 45.35
N ASP C 341 -7.47 10.52 45.32
CA ASP C 341 -8.64 10.05 44.59
C ASP C 341 -8.84 10.87 43.31
N LEU C 342 -8.93 10.17 42.19
CA LEU C 342 -9.07 10.83 40.89
C LEU C 342 -10.53 11.06 40.53
N ASP C 343 -11.43 10.31 41.14
CA ASP C 343 -12.86 10.51 40.95
C ASP C 343 -13.31 11.76 41.68
N ARG C 344 -12.95 11.83 42.96
CA ARG C 344 -13.23 13.00 43.78
C ARG C 344 -12.54 14.24 43.19
N GLY C 345 -11.38 14.03 42.60
CA GLY C 345 -10.66 15.10 41.94
C GLY C 345 -11.38 15.55 40.69
N MET C 346 -11.90 14.59 39.93
CA MET C 346 -12.67 14.87 38.73
C MET C 346 -13.88 15.72 39.07
N LEU C 347 -14.63 15.29 40.08
CA LEU C 347 -15.79 16.05 40.55
C LEU C 347 -15.37 17.42 41.07
N ALA C 348 -14.19 17.48 41.68
CA ALA C 348 -13.65 18.72 42.22
C ALA C 348 -13.42 19.74 41.11
N TYR C 349 -12.76 19.31 40.05
CA TYR C 349 -12.48 20.20 38.91
C TYR C 349 -13.76 20.52 38.15
N LEU C 350 -14.70 19.58 38.15
CA LEU C 350 -16.00 19.80 37.51
C LEU C 350 -16.77 20.91 38.21
N TYR C 351 -16.75 20.89 39.54
CA TYR C 351 -17.41 21.94 40.32
C TYR C 351 -16.58 23.22 40.30
N ASP C 352 -15.30 23.08 39.98
CA ASP C 352 -14.40 24.23 39.92
C ASP C 352 -14.52 24.95 38.58
N SER C 353 -15.06 24.25 37.59
CA SER C 353 -15.18 24.80 36.24
C SER C 353 -16.57 25.35 35.95
N PHE C 354 -17.52 25.02 36.80
CA PHE C 354 -18.91 25.44 36.59
C PHE C 354 -19.08 26.95 36.80
N GLN C 355 -19.35 27.65 35.70
CA GLN C 355 -19.56 29.09 35.74
C GLN C 355 -20.79 29.50 34.92
N HIS C 368 -27.15 33.92 32.28
CA HIS C 368 -27.82 32.92 31.45
C HIS C 368 -26.83 31.90 30.92
N ARG C 369 -25.54 32.14 31.13
CA ARG C 369 -24.50 31.29 30.62
C ARG C 369 -24.28 30.05 31.48
N LYS C 370 -24.02 28.92 30.82
CA LYS C 370 -23.70 27.67 31.51
C LYS C 370 -22.50 27.01 30.84
N VAL C 371 -21.30 27.45 31.21
CA VAL C 371 -20.07 26.99 30.57
C VAL C 371 -19.08 26.40 31.57
N LEU C 372 -18.61 25.18 31.28
CA LEU C 372 -17.59 24.53 32.09
C LEU C 372 -16.20 24.91 31.61
N LYS C 373 -15.47 25.67 32.41
CA LYS C 373 -14.14 26.14 32.03
C LYS C 373 -13.04 25.27 32.63
N LEU C 374 -12.98 24.01 32.20
CA LEU C 374 -11.92 23.11 32.63
C LEU C 374 -10.57 23.55 32.08
N HIS C 375 -9.49 23.14 32.73
CA HIS C 375 -8.15 23.52 32.29
C HIS C 375 -7.83 22.90 30.94
N PRO C 376 -7.18 23.68 30.05
CA PRO C 376 -6.82 23.23 28.70
C PRO C 376 -6.09 21.90 28.67
N CYS C 377 -5.08 21.72 29.52
CA CYS C 377 -4.31 20.49 29.56
C CYS C 377 -5.14 19.35 30.15
N LEU C 378 -6.24 19.71 30.81
CA LEU C 378 -7.07 18.74 31.51
C LEU C 378 -8.37 18.46 30.76
N ALA C 379 -8.83 19.44 29.99
CA ALA C 379 -10.07 19.32 29.23
C ALA C 379 -10.03 18.14 28.28
N PRO C 380 -11.10 17.33 28.28
CA PRO C 380 -11.20 16.13 27.43
C PRO C 380 -11.13 16.47 25.95
N ILE C 381 -12.18 17.10 25.42
CA ILE C 381 -12.18 17.59 24.05
C ILE C 381 -11.84 19.07 24.05
N LYS C 382 -10.82 19.45 23.28
CA LYS C 382 -10.32 20.81 23.32
C LYS C 382 -10.66 21.63 22.07
N VAL C 383 -11.33 20.99 21.11
CA VAL C 383 -11.74 21.69 19.89
C VAL C 383 -12.84 20.92 19.17
N ALA C 384 -13.72 21.64 18.48
CA ALA C 384 -14.78 21.03 17.70
C ALA C 384 -15.05 21.84 16.44
N LEU C 385 -15.22 21.16 15.32
CA LEU C 385 -15.42 21.85 14.05
C LEU C 385 -16.64 21.34 13.28
N ASP C 386 -17.51 22.27 12.90
CA ASP C 386 -18.69 21.97 12.10
C ASP C 386 -18.64 22.71 10.77
N VAL C 387 -19.71 22.61 9.99
CA VAL C 387 -19.81 23.36 8.73
C VAL C 387 -20.92 24.41 8.84
N GLY C 388 -20.89 25.39 7.93
CA GLY C 388 -21.89 26.44 7.92
C GLY C 388 -22.74 26.39 6.67
N ARG C 389 -22.08 26.25 5.53
CA ARG C 389 -22.75 26.09 4.24
C ARG C 389 -23.55 24.79 4.24
N GLY C 390 -24.61 24.73 3.43
CA GLY C 390 -25.42 23.54 3.29
C GLY C 390 -24.61 22.30 2.96
N PRO C 391 -25.16 21.12 3.29
CA PRO C 391 -24.51 19.81 3.15
C PRO C 391 -23.84 19.59 1.79
N THR C 392 -22.55 19.87 1.72
CA THR C 392 -21.77 19.68 0.50
C THR C 392 -20.57 18.78 0.80
N LEU C 393 -20.27 17.89 -0.14
CA LEU C 393 -19.20 16.91 0.03
C LEU C 393 -17.83 17.57 0.25
N GLU C 394 -17.60 18.69 -0.42
CA GLU C 394 -16.32 19.38 -0.33
C GLU C 394 -16.04 19.88 1.09
N LEU C 395 -17.08 20.39 1.74
CA LEU C 395 -16.99 20.82 3.13
C LEU C 395 -16.56 19.67 4.01
N ARG C 396 -17.14 18.50 3.75
CA ARG C 396 -16.81 17.30 4.51
C ARG C 396 -15.37 16.87 4.24
N GLN C 397 -14.89 17.10 3.01
CA GLN C 397 -13.52 16.79 2.65
C GLN C 397 -12.54 17.68 3.42
N VAL C 398 -12.81 18.98 3.43
CA VAL C 398 -11.97 19.93 4.15
C VAL C 398 -11.97 19.63 5.64
N CYS C 399 -13.15 19.38 6.18
CA CYS C 399 -13.30 19.08 7.61
C CYS C 399 -12.60 17.78 7.99
N GLN C 400 -12.61 16.82 7.07
CA GLN C 400 -11.91 15.56 7.29
C GLN C 400 -10.40 15.78 7.28
N GLY C 401 -9.96 16.67 6.38
CA GLY C 401 -8.56 17.05 6.32
C GLY C 401 -8.09 17.67 7.61
N LEU C 402 -8.86 18.64 8.11
CA LEU C 402 -8.52 19.31 9.37
C LEU C 402 -8.60 18.35 10.54
N PHE C 403 -9.52 17.39 10.44
CA PHE C 403 -9.67 16.34 11.44
C PHE C 403 -8.38 15.54 11.55
N ASN C 404 -7.91 15.05 10.41
CA ASN C 404 -6.66 14.28 10.36
C ASN C 404 -5.45 15.10 10.79
N GLU C 405 -5.39 16.35 10.34
CA GLU C 405 -4.27 17.23 10.68
C GLU C 405 -4.20 17.50 12.19
N LEU C 406 -5.37 17.69 12.81
CA LEU C 406 -5.41 17.97 14.25
C LEU C 406 -5.16 16.73 15.08
N LEU C 407 -5.65 15.57 14.62
CA LEU C 407 -5.40 14.32 15.32
C LEU C 407 -3.98 13.82 15.12
N GLU C 408 -3.30 14.37 14.12
CA GLU C 408 -1.93 13.98 13.81
C GLU C 408 -0.95 14.56 14.82
N ASN C 409 -1.35 15.64 15.49
CA ASN C 409 -0.48 16.30 16.46
C ASN C 409 -1.02 16.17 17.89
N GLY C 410 -1.88 15.19 18.11
CA GLY C 410 -2.40 14.90 19.43
C GLY C 410 -3.34 15.94 19.99
N ILE C 411 -4.37 16.28 19.23
CA ILE C 411 -5.37 17.24 19.65
C ILE C 411 -6.77 16.66 19.57
N SER C 412 -7.41 16.46 20.71
CA SER C 412 -8.76 15.90 20.76
C SER C 412 -9.76 16.82 20.07
N VAL C 413 -10.44 16.30 19.05
CA VAL C 413 -11.38 17.10 18.26
C VAL C 413 -12.74 16.41 18.13
N TRP C 414 -13.80 17.16 18.42
CA TRP C 414 -15.16 16.66 18.28
C TRP C 414 -15.70 16.95 16.89
N PRO C 415 -16.16 15.92 16.17
CA PRO C 415 -16.65 16.03 14.80
C PRO C 415 -18.14 16.36 14.71
N GLY C 416 -18.46 17.65 14.69
CA GLY C 416 -19.84 18.08 14.58
C GLY C 416 -20.24 18.37 13.14
N TYR C 417 -19.41 17.91 12.21
CA TYR C 417 -19.64 18.15 10.79
C TYR C 417 -20.23 16.92 10.12
N LEU C 418 -20.69 15.97 10.93
CA LEU C 418 -21.26 14.73 10.41
C LEU C 418 -22.53 14.86 9.56
N GLU C 419 -23.57 15.60 9.99
CA GLU C 419 -23.63 16.39 11.22
C GLU C 419 -24.87 16.19 12.14
N THR C 420 -26.10 16.06 11.62
CA THR C 420 -26.44 15.96 10.20
C THR C 420 -27.25 17.16 9.70
N MET C 421 -27.66 18.04 10.61
CA MET C 421 -28.51 19.16 10.22
C MET C 421 -27.85 20.51 10.43
N GLN C 422 -27.06 20.63 11.50
CA GLN C 422 -26.49 21.91 11.92
C GLN C 422 -27.62 22.94 12.08
N SER C 423 -28.38 22.81 13.16
CA SER C 423 -29.53 23.67 13.39
C SER C 423 -29.12 25.11 13.69
N SER C 424 -29.09 25.45 14.97
CA SER C 424 -28.71 26.79 15.38
C SER C 424 -27.21 26.87 15.67
N LEU C 425 -26.76 28.07 15.99
CA LEU C 425 -25.35 28.29 16.30
C LEU C 425 -25.17 28.59 17.79
N GLU C 426 -26.20 29.20 18.38
CA GLU C 426 -26.15 29.56 19.79
C GLU C 426 -26.31 28.34 20.70
N GLN C 427 -27.23 27.45 20.36
CA GLN C 427 -27.41 26.23 21.13
C GLN C 427 -26.25 25.27 20.86
N LEU C 428 -25.62 25.45 19.70
CA LEU C 428 -24.43 24.68 19.35
C LEU C 428 -23.26 25.11 20.22
N TYR C 429 -23.07 26.41 20.33
CA TYR C 429 -22.01 26.95 21.20
C TYR C 429 -22.31 26.66 22.66
N SER C 430 -23.59 26.60 23.00
CA SER C 430 -24.00 26.25 24.36
C SER C 430 -23.63 24.81 24.65
N LYS C 431 -23.89 23.93 23.68
CA LYS C 431 -23.55 22.52 23.81
C LYS C 431 -22.04 22.32 23.91
N TYR C 432 -21.30 23.08 23.12
CA TYR C 432 -19.84 22.97 23.11
C TYR C 432 -19.20 23.63 24.33
N ASP C 433 -19.96 24.51 25.00
CA ASP C 433 -19.48 25.13 26.22
C ASP C 433 -19.81 24.27 27.44
N GLU C 434 -20.90 23.52 27.34
CA GLU C 434 -21.27 22.58 28.39
C GLU C 434 -20.40 21.33 28.32
N MET C 435 -19.67 21.18 27.22
CA MET C 435 -18.75 20.06 27.05
C MET C 435 -17.31 20.48 27.29
N SER C 436 -17.13 21.75 27.68
CA SER C 436 -15.82 22.31 28.02
C SER C 436 -14.84 22.25 26.85
N ILE C 437 -15.31 22.59 25.66
CA ILE C 437 -14.45 22.70 24.49
C ILE C 437 -13.75 24.06 24.46
N LEU C 438 -12.43 24.04 24.30
CA LEU C 438 -11.65 25.28 24.33
C LEU C 438 -11.98 26.21 23.17
N PHE C 439 -11.99 25.67 21.96
CA PHE C 439 -12.25 26.48 20.77
C PHE C 439 -13.20 25.78 19.81
N THR C 440 -14.16 26.53 19.28
CA THR C 440 -15.08 26.00 18.28
C THR C 440 -14.72 26.55 16.90
N VAL C 441 -14.69 25.67 15.91
CA VAL C 441 -14.28 26.03 14.56
C VAL C 441 -15.42 25.87 13.56
N LEU C 442 -15.60 26.87 12.70
CA LEU C 442 -16.65 26.83 11.69
C LEU C 442 -16.05 26.93 10.29
N VAL C 443 -16.36 25.94 9.46
CA VAL C 443 -15.85 25.87 8.09
C VAL C 443 -16.95 26.22 7.10
N THR C 444 -17.04 27.49 6.75
CA THR C 444 -18.06 27.95 5.80
C THR C 444 -17.62 27.73 4.36
N GLU C 445 -18.35 28.33 3.42
CA GLU C 445 -18.04 28.16 2.00
C GLU C 445 -16.90 29.07 1.56
N THR C 446 -16.63 30.10 2.35
CA THR C 446 -15.55 31.03 2.04
C THR C 446 -14.20 30.34 2.23
N THR C 447 -14.16 29.38 3.13
CA THR C 447 -12.96 28.62 3.42
C THR C 447 -12.45 27.89 2.17
N LEU C 448 -13.39 27.53 1.29
CA LEU C 448 -13.05 26.86 0.04
C LEU C 448 -12.53 27.84 -1.00
N GLU C 449 -12.31 29.08 -0.58
CA GLU C 449 -11.78 30.11 -1.47
C GLU C 449 -10.51 30.74 -0.90
N ASN C 450 -10.62 31.29 0.30
CA ASN C 450 -9.50 31.98 0.93
C ASN C 450 -8.77 31.11 1.95
N GLY C 451 -9.48 30.14 2.50
CA GLY C 451 -8.91 29.26 3.52
C GLY C 451 -9.22 29.77 4.91
N LEU C 452 -9.88 30.92 4.99
CA LEU C 452 -10.23 31.49 6.28
C LEU C 452 -11.31 30.67 6.98
N ILE C 453 -11.24 30.62 8.30
CA ILE C 453 -12.12 29.79 9.10
C ILE C 453 -12.57 30.55 10.34
N HIS C 454 -13.75 30.19 10.87
CA HIS C 454 -14.32 30.94 11.98
C HIS C 454 -14.04 30.31 13.34
N LEU C 455 -13.01 30.82 14.02
CA LEU C 455 -12.71 30.39 15.38
C LEU C 455 -13.63 31.07 16.38
N ARG C 456 -13.77 30.45 17.54
CA ARG C 456 -14.57 31.03 18.62
C ARG C 456 -14.15 30.46 19.97
N SER C 457 -13.55 31.30 20.80
CA SER C 457 -13.02 30.87 22.10
C SER C 457 -14.12 30.52 23.09
N ARG C 458 -13.72 30.05 24.26
CA ARG C 458 -14.66 29.66 25.30
C ARG C 458 -14.55 30.58 26.52
N ASP C 459 -13.31 30.84 26.94
CA ASP C 459 -13.07 31.67 28.11
C ASP C 459 -13.36 33.14 27.85
N THR C 460 -13.33 33.53 26.57
CA THR C 460 -13.60 34.90 26.18
C THR C 460 -14.79 34.97 25.24
N THR C 461 -15.11 33.83 24.62
CA THR C 461 -16.22 33.71 23.66
C THR C 461 -16.11 34.73 22.54
N MET C 462 -14.88 34.99 22.09
CA MET C 462 -14.64 35.95 21.02
C MET C 462 -14.69 35.31 19.65
N LYS C 463 -15.62 35.77 18.82
CA LYS C 463 -15.72 35.30 17.45
C LYS C 463 -14.57 35.84 16.61
N GLU C 464 -13.64 34.96 16.26
CA GLU C 464 -12.45 35.34 15.51
C GLU C 464 -12.41 34.61 14.17
N MET C 465 -11.51 35.01 13.29
CA MET C 465 -11.33 34.35 12.01
C MET C 465 -9.85 34.23 11.65
N MET C 466 -9.42 33.04 11.21
CA MET C 466 -8.03 32.86 10.83
C MET C 466 -7.85 31.75 9.80
N HIS C 467 -6.72 31.77 9.10
CA HIS C 467 -6.44 30.79 8.06
C HIS C 467 -6.36 29.38 8.62
N ILE C 468 -6.77 28.41 7.81
CA ILE C 468 -6.88 27.02 8.23
C ILE C 468 -5.51 26.37 8.46
N SER C 469 -4.48 26.92 7.82
CA SER C 469 -3.15 26.33 7.92
C SER C 469 -2.47 26.66 9.25
N LYS C 470 -2.82 27.81 9.82
CA LYS C 470 -2.18 28.28 11.05
C LYS C 470 -3.01 27.91 12.28
N LEU C 471 -3.93 26.96 12.12
CA LEU C 471 -4.79 26.54 13.22
C LEU C 471 -4.07 25.57 14.15
N LYS C 472 -3.41 24.57 13.55
CA LYS C 472 -2.65 23.58 14.29
C LYS C 472 -1.63 24.24 15.20
N ASP C 473 -0.81 25.11 14.61
CA ASP C 473 0.23 25.80 15.36
C ASP C 473 -0.35 26.64 16.49
N PHE C 474 -1.48 27.28 16.23
CA PHE C 474 -2.15 28.10 17.24
C PHE C 474 -2.62 27.27 18.43
N LEU C 475 -3.28 26.15 18.14
CA LEU C 475 -3.78 25.27 19.18
C LEU C 475 -2.64 24.67 20.00
N ILE C 476 -1.62 24.17 19.32
CA ILE C 476 -0.47 23.57 19.99
C ILE C 476 0.25 24.59 20.87
N LYS C 477 0.43 25.80 20.35
CA LYS C 477 1.08 26.86 21.11
C LYS C 477 0.25 27.27 22.32
N TYR C 478 -1.06 27.30 22.14
CA TYR C 478 -1.96 27.66 23.24
C TYR C 478 -1.95 26.61 24.35
N ILE C 479 -1.88 25.35 23.96
CA ILE C 479 -1.79 24.26 24.92
C ILE C 479 -0.44 24.28 25.63
N SER C 480 0.61 24.57 24.89
CA SER C 480 1.97 24.60 25.44
C SER C 480 2.18 25.82 26.35
N SER C 481 1.38 26.86 26.14
CA SER C 481 1.48 28.07 26.95
C SER C 481 0.84 27.88 28.32
N ALA C 482 -0.01 26.85 28.43
CA ALA C 482 -0.68 26.55 29.69
C ALA C 482 0.23 25.74 30.61
N LYS C 483 1.41 25.38 30.11
CA LYS C 483 2.39 24.66 30.90
C LYS C 483 3.22 25.62 31.74
N ASN C 484 2.78 25.83 32.98
CA ASN C 484 3.50 26.69 33.92
C ASN C 484 3.08 26.41 35.36
N VAL C 485 3.99 26.68 36.29
CA VAL C 485 3.70 26.47 37.71
C VAL C 485 4.27 27.61 38.56
#